data_6C4Q
# 
_entry.id   6C4Q 
# 
_audit_conform.dict_name       mmcif_pdbx.dic 
_audit_conform.dict_version    5.397 
_audit_conform.dict_location   http://mmcif.pdb.org/dictionaries/ascii/mmcif_pdbx.dic 
# 
loop_
_database_2.database_id 
_database_2.database_code 
_database_2.pdbx_database_accession 
_database_2.pdbx_DOI 
PDB   6C4Q         pdb_00006c4q 10.2210/pdb6c4q/pdb 
WWPDB D_1000232060 ?            ?                   
# 
loop_
_pdbx_audit_revision_history.ordinal 
_pdbx_audit_revision_history.data_content_type 
_pdbx_audit_revision_history.major_revision 
_pdbx_audit_revision_history.minor_revision 
_pdbx_audit_revision_history.revision_date 
1 'Structure model' 1 0 2018-01-24 
2 'Structure model' 1 1 2024-10-30 
# 
_pdbx_audit_revision_details.ordinal             1 
_pdbx_audit_revision_details.revision_ordinal    1 
_pdbx_audit_revision_details.data_content_type   'Structure model' 
_pdbx_audit_revision_details.provider            repository 
_pdbx_audit_revision_details.type                'Initial release' 
_pdbx_audit_revision_details.description         ? 
_pdbx_audit_revision_details.details             ? 
# 
loop_
_pdbx_audit_revision_group.ordinal 
_pdbx_audit_revision_group.revision_ordinal 
_pdbx_audit_revision_group.data_content_type 
_pdbx_audit_revision_group.group 
1 2 'Structure model' 'Data collection'     
2 2 'Structure model' 'Database references' 
3 2 'Structure model' 'Structure summary'   
# 
loop_
_pdbx_audit_revision_category.ordinal 
_pdbx_audit_revision_category.revision_ordinal 
_pdbx_audit_revision_category.data_content_type 
_pdbx_audit_revision_category.category 
1 2 'Structure model' chem_comp_atom            
2 2 'Structure model' chem_comp_bond            
3 2 'Structure model' database_2                
4 2 'Structure model' pdbx_entry_details        
5 2 'Structure model' pdbx_modification_feature 
# 
loop_
_pdbx_audit_revision_item.ordinal 
_pdbx_audit_revision_item.revision_ordinal 
_pdbx_audit_revision_item.data_content_type 
_pdbx_audit_revision_item.item 
1 2 'Structure model' '_database_2.pdbx_DOI'                
2 2 'Structure model' '_database_2.pdbx_database_accession' 
# 
_pdbx_database_status.status_code                     REL 
_pdbx_database_status.status_code_sf                  REL 
_pdbx_database_status.status_code_mr                  ? 
_pdbx_database_status.entry_id                        6C4Q 
_pdbx_database_status.recvd_initial_deposition_date   2018-01-12 
_pdbx_database_status.SG_entry                        Y 
_pdbx_database_status.deposit_site                    RCSB 
_pdbx_database_status.process_site                    RCSB 
_pdbx_database_status.status_code_cs                  ? 
_pdbx_database_status.methods_development_category    ? 
_pdbx_database_status.pdb_format_compatible           Y 
_pdbx_database_status.status_code_nmr_data            ? 
# 
_pdbx_database_related.db_name        TargetTrack 
_pdbx_database_related.db_id          CSGID-IDP95506.9 
_pdbx_database_related.content_type   unspecified 
_pdbx_database_related.details        . 
# 
loop_
_audit_author.name 
_audit_author.pdbx_ordinal 
_audit_author.identifier_ORCID 
'Minasov, G.'                                                   1  ? 
'Shuvalova, L.'                                                 2  ? 
'Dubrovska, I.'                                                 3  ? 
'Kiryukhina, O.'                                                4  ? 
'Grimshaw, S.'                                                  5  ? 
'Kwon, K.'                                                      6  ? 
'Anderson, W.F.'                                                7  ? 
'Satchell, K.J.F.'                                              8  ? 
'Joachimiak, A.'                                                9  ? 
'Center for Structural Genomics of Infectious Diseases (CSGID)' 10 ? 
# 
_citation.abstract                  ? 
_citation.abstract_id_CAS           ? 
_citation.book_id_ISBN              ? 
_citation.book_publisher            ? 
_citation.book_publisher_city       ? 
_citation.book_title                ? 
_citation.coordinate_linkage        ? 
_citation.country                   ? 
_citation.database_id_Medline       ? 
_citation.details                   ? 
_citation.id                        primary 
_citation.journal_abbrev            'To Be Published' 
_citation.journal_id_ASTM           ? 
_citation.journal_id_CSD            0353 
_citation.journal_id_ISSN           ? 
_citation.journal_full              ? 
_citation.journal_issue             ? 
_citation.journal_volume            ? 
_citation.language                  ? 
_citation.page_first                ? 
_citation.page_last                 ? 
_citation.title                     
;1.16 Angstrom Resolution Crystal Structure of Acyl Carrier Protein Domain (residues 1-100) of Polyketide Synthase Pks13 from Mycobacterium tuberculosis.
;
_citation.year                      ? 
_citation.database_id_CSD           ? 
_citation.pdbx_database_id_DOI      ? 
_citation.pdbx_database_id_PubMed   ? 
_citation.unpublished_flag          ? 
# 
loop_
_citation_author.citation_id 
_citation_author.name 
_citation_author.ordinal 
_citation_author.identifier_ORCID 
primary 'Minasov, G.'                                                   1  ? 
primary 'Shuvalova, L.'                                                 2  ? 
primary 'Dubrovska, I.'                                                 3  ? 
primary 'Kiryukhina, O.'                                                4  ? 
primary 'Grimshaw, S.'                                                  5  ? 
primary 'Kwon, K.'                                                      6  ? 
primary 'Anderson, W.F.'                                                7  ? 
primary 'Satchell, K.J.F.'                                              8  ? 
primary 'Joachimiak, A.'                                                9  ? 
primary 'Center for Structural Genomics of Infectious Diseases (CSGID)' 10 ? 
# 
loop_
_entity.id 
_entity.type 
_entity.src_method 
_entity.pdbx_description 
_entity.formula_weight 
_entity.pdbx_number_of_molecules 
_entity.pdbx_ec 
_entity.pdbx_mutation 
_entity.pdbx_fragment 
_entity.details 
1 polymer     man 'Polyketide synthase Pks13'     11156.786 1   ? ? 'residues 1-100' ? 
2 non-polymer syn '(4S)-2-METHYL-2,4-PENTANEDIOL' 118.174   1   ? ? ?                ? 
3 non-polymer syn 1,2-ETHANEDIOL                  62.068    1   ? ? ?                ? 
4 water       nat water                           18.015    124 ? ? ?                ? 
# 
_entity_poly.entity_id                      1 
_entity_poly.type                           'polypeptide(L)' 
_entity_poly.nstd_linkage                   no 
_entity_poly.nstd_monomer                   yes 
_entity_poly.pdbx_seq_one_letter_code       
;SNA(MSE)ADVAESQENAPAERAELTVPE(MSE)RQWLRNWVGKAVGKAPDSIDESVP(MSE)VELGLSSRDAVA(MSE)
AADIEDLTGVTLSVAVAFAHPTIESLATRIIEGEPETDL
;
_entity_poly.pdbx_seq_one_letter_code_can   
;SNAMADVAESQENAPAERAELTVPEMRQWLRNWVGKAVGKAPDSIDESVPMVELGLSSRDAVAMAADIEDLTGVTLSVAV
AFAHPTIESLATRIIEGEPETDL
;
_entity_poly.pdbx_strand_id                 A 
_entity_poly.pdbx_target_identifier         CSGID-IDP95506.9 
# 
loop_
_pdbx_entity_nonpoly.entity_id 
_pdbx_entity_nonpoly.name 
_pdbx_entity_nonpoly.comp_id 
2 '(4S)-2-METHYL-2,4-PENTANEDIOL' MPD 
3 1,2-ETHANEDIOL                  EDO 
4 water                           HOH 
# 
loop_
_entity_poly_seq.entity_id 
_entity_poly_seq.num 
_entity_poly_seq.mon_id 
_entity_poly_seq.hetero 
1 1   SER n 
1 2   ASN n 
1 3   ALA n 
1 4   MSE n 
1 5   ALA n 
1 6   ASP n 
1 7   VAL n 
1 8   ALA n 
1 9   GLU n 
1 10  SER n 
1 11  GLN n 
1 12  GLU n 
1 13  ASN n 
1 14  ALA n 
1 15  PRO n 
1 16  ALA n 
1 17  GLU n 
1 18  ARG n 
1 19  ALA n 
1 20  GLU n 
1 21  LEU n 
1 22  THR n 
1 23  VAL n 
1 24  PRO n 
1 25  GLU n 
1 26  MSE n 
1 27  ARG n 
1 28  GLN n 
1 29  TRP n 
1 30  LEU n 
1 31  ARG n 
1 32  ASN n 
1 33  TRP n 
1 34  VAL n 
1 35  GLY n 
1 36  LYS n 
1 37  ALA n 
1 38  VAL n 
1 39  GLY n 
1 40  LYS n 
1 41  ALA n 
1 42  PRO n 
1 43  ASP n 
1 44  SER n 
1 45  ILE n 
1 46  ASP n 
1 47  GLU n 
1 48  SER n 
1 49  VAL n 
1 50  PRO n 
1 51  MSE n 
1 52  VAL n 
1 53  GLU n 
1 54  LEU n 
1 55  GLY n 
1 56  LEU n 
1 57  SER n 
1 58  SER n 
1 59  ARG n 
1 60  ASP n 
1 61  ALA n 
1 62  VAL n 
1 63  ALA n 
1 64  MSE n 
1 65  ALA n 
1 66  ALA n 
1 67  ASP n 
1 68  ILE n 
1 69  GLU n 
1 70  ASP n 
1 71  LEU n 
1 72  THR n 
1 73  GLY n 
1 74  VAL n 
1 75  THR n 
1 76  LEU n 
1 77  SER n 
1 78  VAL n 
1 79  ALA n 
1 80  VAL n 
1 81  ALA n 
1 82  PHE n 
1 83  ALA n 
1 84  HIS n 
1 85  PRO n 
1 86  THR n 
1 87  ILE n 
1 88  GLU n 
1 89  SER n 
1 90  LEU n 
1 91  ALA n 
1 92  THR n 
1 93  ARG n 
1 94  ILE n 
1 95  ILE n 
1 96  GLU n 
1 97  GLY n 
1 98  GLU n 
1 99  PRO n 
1 100 GLU n 
1 101 THR n 
1 102 ASP n 
1 103 LEU n 
# 
_entity_src_gen.entity_id                          1 
_entity_src_gen.pdbx_src_id                        1 
_entity_src_gen.pdbx_alt_source_flag               sample 
_entity_src_gen.pdbx_seq_type                      'Biological sequence' 
_entity_src_gen.pdbx_beg_seq_num                   1 
_entity_src_gen.pdbx_end_seq_num                   103 
_entity_src_gen.gene_src_common_name               ? 
_entity_src_gen.gene_src_genus                     ? 
_entity_src_gen.pdbx_gene_src_gene                 'pks13, Rv3800c' 
_entity_src_gen.gene_src_species                   ? 
_entity_src_gen.gene_src_strain                    'ATCC 25618 / H37Rv' 
_entity_src_gen.gene_src_tissue                    ? 
_entity_src_gen.gene_src_tissue_fraction           ? 
_entity_src_gen.gene_src_details                   ? 
_entity_src_gen.pdbx_gene_src_fragment             ? 
_entity_src_gen.pdbx_gene_src_scientific_name      'Mycobacterium tuberculosis' 
_entity_src_gen.pdbx_gene_src_ncbi_taxonomy_id     83332 
_entity_src_gen.pdbx_gene_src_variant              ? 
_entity_src_gen.pdbx_gene_src_cell_line            ? 
_entity_src_gen.pdbx_gene_src_atcc                 ? 
_entity_src_gen.pdbx_gene_src_organ                ? 
_entity_src_gen.pdbx_gene_src_organelle            ? 
_entity_src_gen.pdbx_gene_src_cell                 ? 
_entity_src_gen.pdbx_gene_src_cellular_location    ? 
_entity_src_gen.host_org_common_name               ? 
_entity_src_gen.pdbx_host_org_scientific_name      'Escherichia coli BL21(DE3)' 
_entity_src_gen.pdbx_host_org_ncbi_taxonomy_id     469008 
_entity_src_gen.host_org_genus                     ? 
_entity_src_gen.pdbx_host_org_gene                 ? 
_entity_src_gen.pdbx_host_org_organ                ? 
_entity_src_gen.host_org_species                   ? 
_entity_src_gen.pdbx_host_org_tissue               ? 
_entity_src_gen.pdbx_host_org_tissue_fraction      ? 
_entity_src_gen.pdbx_host_org_strain               'BL21 (DE3) magic' 
_entity_src_gen.pdbx_host_org_variant              ? 
_entity_src_gen.pdbx_host_org_cell_line            ? 
_entity_src_gen.pdbx_host_org_atcc                 ? 
_entity_src_gen.pdbx_host_org_culture_collection   ? 
_entity_src_gen.pdbx_host_org_cell                 ? 
_entity_src_gen.pdbx_host_org_organelle            ? 
_entity_src_gen.pdbx_host_org_cellular_location    ? 
_entity_src_gen.pdbx_host_org_vector_type          plasmid 
_entity_src_gen.pdbx_host_org_vector               ? 
_entity_src_gen.host_org_details                   ? 
_entity_src_gen.expression_system_id               ? 
_entity_src_gen.plasmid_name                       pMCSG53 
_entity_src_gen.plasmid_details                    ? 
_entity_src_gen.pdbx_description                   ? 
# 
loop_
_chem_comp.id 
_chem_comp.type 
_chem_comp.mon_nstd_flag 
_chem_comp.name 
_chem_comp.pdbx_synonyms 
_chem_comp.formula 
_chem_comp.formula_weight 
ALA 'L-peptide linking' y ALANINE                         ?                 'C3 H7 N O2'     89.093  
ARG 'L-peptide linking' y ARGININE                        ?                 'C6 H15 N4 O2 1' 175.209 
ASN 'L-peptide linking' y ASPARAGINE                      ?                 'C4 H8 N2 O3'    132.118 
ASP 'L-peptide linking' y 'ASPARTIC ACID'                 ?                 'C4 H7 N O4'     133.103 
EDO non-polymer         . 1,2-ETHANEDIOL                  'ETHYLENE GLYCOL' 'C2 H6 O2'       62.068  
GLN 'L-peptide linking' y GLUTAMINE                       ?                 'C5 H10 N2 O3'   146.144 
GLU 'L-peptide linking' y 'GLUTAMIC ACID'                 ?                 'C5 H9 N O4'     147.129 
GLY 'peptide linking'   y GLYCINE                         ?                 'C2 H5 N O2'     75.067  
HIS 'L-peptide linking' y HISTIDINE                       ?                 'C6 H10 N3 O2 1' 156.162 
HOH non-polymer         . WATER                           ?                 'H2 O'           18.015  
ILE 'L-peptide linking' y ISOLEUCINE                      ?                 'C6 H13 N O2'    131.173 
LEU 'L-peptide linking' y LEUCINE                         ?                 'C6 H13 N O2'    131.173 
LYS 'L-peptide linking' y LYSINE                          ?                 'C6 H15 N2 O2 1' 147.195 
MPD non-polymer         . '(4S)-2-METHYL-2,4-PENTANEDIOL' ?                 'C6 H14 O2'      118.174 
MSE 'L-peptide linking' n SELENOMETHIONINE                ?                 'C5 H11 N O2 Se' 196.106 
PHE 'L-peptide linking' y PHENYLALANINE                   ?                 'C9 H11 N O2'    165.189 
PRO 'L-peptide linking' y PROLINE                         ?                 'C5 H9 N O2'     115.130 
SER 'L-peptide linking' y SERINE                          ?                 'C3 H7 N O3'     105.093 
THR 'L-peptide linking' y THREONINE                       ?                 'C4 H9 N O3'     119.119 
TRP 'L-peptide linking' y TRYPTOPHAN                      ?                 'C11 H12 N2 O2'  204.225 
VAL 'L-peptide linking' y VALINE                          ?                 'C5 H11 N O2'    117.146 
# 
loop_
_pdbx_poly_seq_scheme.asym_id 
_pdbx_poly_seq_scheme.entity_id 
_pdbx_poly_seq_scheme.seq_id 
_pdbx_poly_seq_scheme.mon_id 
_pdbx_poly_seq_scheme.ndb_seq_num 
_pdbx_poly_seq_scheme.pdb_seq_num 
_pdbx_poly_seq_scheme.auth_seq_num 
_pdbx_poly_seq_scheme.pdb_mon_id 
_pdbx_poly_seq_scheme.auth_mon_id 
_pdbx_poly_seq_scheme.pdb_strand_id 
_pdbx_poly_seq_scheme.pdb_ins_code 
_pdbx_poly_seq_scheme.hetero 
A 1 1   SER 1   -2  ?  ?   ?   A . n 
A 1 2   ASN 2   -1  ?  ?   ?   A . n 
A 1 3   ALA 3   0   ?  ?   ?   A . n 
A 1 4   MSE 4   1   ?  ?   ?   A . n 
A 1 5   ALA 5   2   ?  ?   ?   A . n 
A 1 6   ASP 6   3   ?  ?   ?   A . n 
A 1 7   VAL 7   4   ?  ?   ?   A . n 
A 1 8   ALA 8   5   ?  ?   ?   A . n 
A 1 9   GLU 9   6   ?  ?   ?   A . n 
A 1 10  SER 10  7   ?  ?   ?   A . n 
A 1 11  GLN 11  8   ?  ?   ?   A . n 
A 1 12  GLU 12  9   ?  ?   ?   A . n 
A 1 13  ASN 13  10  ?  ?   ?   A . n 
A 1 14  ALA 14  11  11 ALA ALA A . n 
A 1 15  PRO 15  12  12 PRO PRO A . n 
A 1 16  ALA 16  13  13 ALA ALA A . n 
A 1 17  GLU 17  14  14 GLU GLU A . n 
A 1 18  ARG 18  15  15 ARG ARG A . n 
A 1 19  ALA 19  16  16 ALA ALA A . n 
A 1 20  GLU 20  17  17 GLU GLU A . n 
A 1 21  LEU 21  18  18 LEU LEU A . n 
A 1 22  THR 22  19  19 THR THR A . n 
A 1 23  VAL 23  20  20 VAL VAL A . n 
A 1 24  PRO 24  21  21 PRO PRO A . n 
A 1 25  GLU 25  22  22 GLU GLU A . n 
A 1 26  MSE 26  23  23 MSE MSE A . n 
A 1 27  ARG 27  24  24 ARG ARG A . n 
A 1 28  GLN 28  25  25 GLN GLN A . n 
A 1 29  TRP 29  26  26 TRP TRP A . n 
A 1 30  LEU 30  27  27 LEU LEU A . n 
A 1 31  ARG 31  28  28 ARG ARG A . n 
A 1 32  ASN 32  29  29 ASN ASN A . n 
A 1 33  TRP 33  30  30 TRP TRP A . n 
A 1 34  VAL 34  31  31 VAL VAL A . n 
A 1 35  GLY 35  32  32 GLY GLY A . n 
A 1 36  LYS 36  33  33 LYS LYS A . n 
A 1 37  ALA 37  34  34 ALA ALA A . n 
A 1 38  VAL 38  35  35 VAL VAL A . n 
A 1 39  GLY 39  36  36 GLY GLY A . n 
A 1 40  LYS 40  37  37 LYS LYS A . n 
A 1 41  ALA 41  38  38 ALA ALA A . n 
A 1 42  PRO 42  39  39 PRO PRO A . n 
A 1 43  ASP 43  40  40 ASP ASP A . n 
A 1 44  SER 44  41  41 SER SER A . n 
A 1 45  ILE 45  42  42 ILE ILE A . n 
A 1 46  ASP 46  43  43 ASP ASP A . n 
A 1 47  GLU 47  44  44 GLU GLU A . n 
A 1 48  SER 48  45  45 SER SER A . n 
A 1 49  VAL 49  46  46 VAL VAL A . n 
A 1 50  PRO 50  47  47 PRO PRO A . n 
A 1 51  MSE 51  48  48 MSE MSE A . n 
A 1 52  VAL 52  49  49 VAL VAL A . n 
A 1 53  GLU 53  50  50 GLU GLU A . n 
A 1 54  LEU 54  51  51 LEU LEU A . n 
A 1 55  GLY 55  52  52 GLY GLY A . n 
A 1 56  LEU 56  53  53 LEU LEU A . n 
A 1 57  SER 57  54  54 SER SER A . n 
A 1 58  SER 58  55  55 SER SER A . n 
A 1 59  ARG 59  56  56 ARG ARG A . n 
A 1 60  ASP 60  57  57 ASP ASP A . n 
A 1 61  ALA 61  58  58 ALA ALA A . n 
A 1 62  VAL 62  59  59 VAL VAL A . n 
A 1 63  ALA 63  60  60 ALA ALA A . n 
A 1 64  MSE 64  61  61 MSE MSE A . n 
A 1 65  ALA 65  62  62 ALA ALA A . n 
A 1 66  ALA 66  63  63 ALA ALA A . n 
A 1 67  ASP 67  64  64 ASP ASP A . n 
A 1 68  ILE 68  65  65 ILE ILE A . n 
A 1 69  GLU 69  66  66 GLU GLU A . n 
A 1 70  ASP 70  67  67 ASP ASP A . n 
A 1 71  LEU 71  68  68 LEU LEU A . n 
A 1 72  THR 72  69  69 THR THR A . n 
A 1 73  GLY 73  70  70 GLY GLY A . n 
A 1 74  VAL 74  71  71 VAL VAL A . n 
A 1 75  THR 75  72  72 THR THR A . n 
A 1 76  LEU 76  73  73 LEU LEU A . n 
A 1 77  SER 77  74  74 SER SER A . n 
A 1 78  VAL 78  75  75 VAL VAL A . n 
A 1 79  ALA 79  76  76 ALA ALA A . n 
A 1 80  VAL 80  77  77 VAL VAL A . n 
A 1 81  ALA 81  78  78 ALA ALA A . n 
A 1 82  PHE 82  79  79 PHE PHE A . n 
A 1 83  ALA 83  80  80 ALA ALA A . n 
A 1 84  HIS 84  81  81 HIS HIS A . n 
A 1 85  PRO 85  82  82 PRO PRO A . n 
A 1 86  THR 86  83  83 THR THR A . n 
A 1 87  ILE 87  84  84 ILE ILE A . n 
A 1 88  GLU 88  85  85 GLU GLU A . n 
A 1 89  SER 89  86  86 SER SER A . n 
A 1 90  LEU 90  87  87 LEU LEU A . n 
A 1 91  ALA 91  88  88 ALA ALA A . n 
A 1 92  THR 92  89  89 THR THR A . n 
A 1 93  ARG 93  90  90 ARG ARG A . n 
A 1 94  ILE 94  91  91 ILE ILE A . n 
A 1 95  ILE 95  92  92 ILE ILE A . n 
A 1 96  GLU 96  93  93 GLU GLU A . n 
A 1 97  GLY 97  94  94 GLY GLY A . n 
A 1 98  GLU 98  95  95 GLU GLU A . n 
A 1 99  PRO 99  96  ?  ?   ?   A . n 
A 1 100 GLU 100 97  ?  ?   ?   A . n 
A 1 101 THR 101 98  ?  ?   ?   A . n 
A 1 102 ASP 102 99  ?  ?   ?   A . n 
A 1 103 LEU 103 100 ?  ?   ?   A . n 
# 
loop_
_pdbx_nonpoly_scheme.asym_id 
_pdbx_nonpoly_scheme.entity_id 
_pdbx_nonpoly_scheme.mon_id 
_pdbx_nonpoly_scheme.ndb_seq_num 
_pdbx_nonpoly_scheme.pdb_seq_num 
_pdbx_nonpoly_scheme.auth_seq_num 
_pdbx_nonpoly_scheme.pdb_mon_id 
_pdbx_nonpoly_scheme.auth_mon_id 
_pdbx_nonpoly_scheme.pdb_strand_id 
_pdbx_nonpoly_scheme.pdb_ins_code 
B 2 MPD 1   201 1   MPD MPD A . 
C 3 EDO 1   202 2   EDO EDO A . 
D 4 HOH 1   301 124 HOH HOH A . 
D 4 HOH 2   302 30  HOH HOH A . 
D 4 HOH 3   303 12  HOH HOH A . 
D 4 HOH 4   304 41  HOH HOH A . 
D 4 HOH 5   305 122 HOH HOH A . 
D 4 HOH 6   306 60  HOH HOH A . 
D 4 HOH 7   307 47  HOH HOH A . 
D 4 HOH 8   308 24  HOH HOH A . 
D 4 HOH 9   309 89  HOH HOH A . 
D 4 HOH 10  310 5   HOH HOH A . 
D 4 HOH 11  311 36  HOH HOH A . 
D 4 HOH 12  312 46  HOH HOH A . 
D 4 HOH 13  313 71  HOH HOH A . 
D 4 HOH 14  314 34  HOH HOH A . 
D 4 HOH 15  315 87  HOH HOH A . 
D 4 HOH 16  316 26  HOH HOH A . 
D 4 HOH 17  317 28  HOH HOH A . 
D 4 HOH 18  318 22  HOH HOH A . 
D 4 HOH 19  319 59  HOH HOH A . 
D 4 HOH 20  320 69  HOH HOH A . 
D 4 HOH 21  321 98  HOH HOH A . 
D 4 HOH 22  322 62  HOH HOH A . 
D 4 HOH 23  323 52  HOH HOH A . 
D 4 HOH 24  324 33  HOH HOH A . 
D 4 HOH 25  325 31  HOH HOH A . 
D 4 HOH 26  326 44  HOH HOH A . 
D 4 HOH 27  327 88  HOH HOH A . 
D 4 HOH 28  328 27  HOH HOH A . 
D 4 HOH 29  329 45  HOH HOH A . 
D 4 HOH 30  330 66  HOH HOH A . 
D 4 HOH 31  331 3   HOH HOH A . 
D 4 HOH 32  332 79  HOH HOH A . 
D 4 HOH 33  333 48  HOH HOH A . 
D 4 HOH 34  334 4   HOH HOH A . 
D 4 HOH 35  335 50  HOH HOH A . 
D 4 HOH 36  336 8   HOH HOH A . 
D 4 HOH 37  337 61  HOH HOH A . 
D 4 HOH 38  338 102 HOH HOH A . 
D 4 HOH 39  339 17  HOH HOH A . 
D 4 HOH 40  340 85  HOH HOH A . 
D 4 HOH 41  341 63  HOH HOH A . 
D 4 HOH 42  342 40  HOH HOH A . 
D 4 HOH 43  343 53  HOH HOH A . 
D 4 HOH 44  344 72  HOH HOH A . 
D 4 HOH 45  345 29  HOH HOH A . 
D 4 HOH 46  346 43  HOH HOH A . 
D 4 HOH 47  347 11  HOH HOH A . 
D 4 HOH 48  348 10  HOH HOH A . 
D 4 HOH 49  349 14  HOH HOH A . 
D 4 HOH 50  350 37  HOH HOH A . 
D 4 HOH 51  351 75  HOH HOH A . 
D 4 HOH 52  352 68  HOH HOH A . 
D 4 HOH 53  353 76  HOH HOH A . 
D 4 HOH 54  354 20  HOH HOH A . 
D 4 HOH 55  355 73  HOH HOH A . 
D 4 HOH 56  356 103 HOH HOH A . 
D 4 HOH 57  357 86  HOH HOH A . 
D 4 HOH 58  358 67  HOH HOH A . 
D 4 HOH 59  359 6   HOH HOH A . 
D 4 HOH 60  360 39  HOH HOH A . 
D 4 HOH 61  361 23  HOH HOH A . 
D 4 HOH 62  362 70  HOH HOH A . 
D 4 HOH 63  363 38  HOH HOH A . 
D 4 HOH 64  364 16  HOH HOH A . 
D 4 HOH 65  365 78  HOH HOH A . 
D 4 HOH 66  366 9   HOH HOH A . 
D 4 HOH 67  367 57  HOH HOH A . 
D 4 HOH 68  368 51  HOH HOH A . 
D 4 HOH 69  369 32  HOH HOH A . 
D 4 HOH 70  370 97  HOH HOH A . 
D 4 HOH 71  371 56  HOH HOH A . 
D 4 HOH 72  372 42  HOH HOH A . 
D 4 HOH 73  373 65  HOH HOH A . 
D 4 HOH 74  374 18  HOH HOH A . 
D 4 HOH 75  375 119 HOH HOH A . 
D 4 HOH 76  376 13  HOH HOH A . 
D 4 HOH 77  377 25  HOH HOH A . 
D 4 HOH 78  378 54  HOH HOH A . 
D 4 HOH 79  379 49  HOH HOH A . 
D 4 HOH 80  380 84  HOH HOH A . 
D 4 HOH 81  381 58  HOH HOH A . 
D 4 HOH 82  382 19  HOH HOH A . 
D 4 HOH 83  383 21  HOH HOH A . 
D 4 HOH 84  384 121 HOH HOH A . 
D 4 HOH 85  385 108 HOH HOH A . 
D 4 HOH 86  386 126 HOH HOH A . 
D 4 HOH 87  387 120 HOH HOH A . 
D 4 HOH 88  388 92  HOH HOH A . 
D 4 HOH 89  389 7   HOH HOH A . 
D 4 HOH 90  390 15  HOH HOH A . 
D 4 HOH 91  391 77  HOH HOH A . 
D 4 HOH 92  392 104 HOH HOH A . 
D 4 HOH 93  393 83  HOH HOH A . 
D 4 HOH 94  394 99  HOH HOH A . 
D 4 HOH 95  395 115 HOH HOH A . 
D 4 HOH 96  396 107 HOH HOH A . 
D 4 HOH 97  397 114 HOH HOH A . 
D 4 HOH 98  398 117 HOH HOH A . 
D 4 HOH 99  399 91  HOH HOH A . 
D 4 HOH 100 400 74  HOH HOH A . 
D 4 HOH 101 401 125 HOH HOH A . 
D 4 HOH 102 402 55  HOH HOH A . 
D 4 HOH 103 403 64  HOH HOH A . 
D 4 HOH 104 404 93  HOH HOH A . 
D 4 HOH 105 405 100 HOH HOH A . 
D 4 HOH 106 406 123 HOH HOH A . 
D 4 HOH 107 407 105 HOH HOH A . 
D 4 HOH 108 408 81  HOH HOH A . 
D 4 HOH 109 409 82  HOH HOH A . 
D 4 HOH 110 410 106 HOH HOH A . 
D 4 HOH 111 411 96  HOH HOH A . 
D 4 HOH 112 412 35  HOH HOH A . 
D 4 HOH 113 413 116 HOH HOH A . 
D 4 HOH 114 414 110 HOH HOH A . 
D 4 HOH 115 415 101 HOH HOH A . 
D 4 HOH 116 416 109 HOH HOH A . 
D 4 HOH 117 417 95  HOH HOH A . 
D 4 HOH 118 418 94  HOH HOH A . 
D 4 HOH 119 419 90  HOH HOH A . 
D 4 HOH 120 420 80  HOH HOH A . 
D 4 HOH 121 421 111 HOH HOH A . 
D 4 HOH 122 422 112 HOH HOH A . 
D 4 HOH 123 423 113 HOH HOH A . 
D 4 HOH 124 424 118 HOH HOH A . 
# 
loop_
_software.citation_id 
_software.classification 
_software.compiler_name 
_software.compiler_version 
_software.contact_author 
_software.contact_author_email 
_software.date 
_software.description 
_software.dependencies 
_software.hardware 
_software.language 
_software.location 
_software.mods 
_software.name 
_software.os 
_software.os_version 
_software.type 
_software.version 
_software.pdbx_ordinal 
? refinement       ? ? ? ? ? ? ? ? ? ? ? REFMAC   ? ? ? 5.8.0189 1 
? 'data reduction' ? ? ? ? ? ? ? ? ? ? ? HKL-3000 ? ? ? .        2 
? 'data scaling'   ? ? ? ? ? ? ? ? ? ? ? HKL-3000 ? ? ? .        3 
? phasing          ? ? ? ? ? ? ? ? ? ? ? HKL-3000 ? ? ? .        4 
# 
_cell.angle_alpha                  90.00 
_cell.angle_alpha_esd              ? 
_cell.angle_beta                   90.00 
_cell.angle_beta_esd               ? 
_cell.angle_gamma                  90.00 
_cell.angle_gamma_esd              ? 
_cell.entry_id                     6C4Q 
_cell.details                      ? 
_cell.formula_units_Z              ? 
_cell.length_a                     51.889 
_cell.length_a_esd                 ? 
_cell.length_b                     51.889 
_cell.length_b_esd                 ? 
_cell.length_c                     74.427 
_cell.length_c_esd                 ? 
_cell.volume                       ? 
_cell.volume_esd                   ? 
_cell.Z_PDB                        8 
_cell.reciprocal_angle_alpha       ? 
_cell.reciprocal_angle_beta        ? 
_cell.reciprocal_angle_gamma       ? 
_cell.reciprocal_angle_alpha_esd   ? 
_cell.reciprocal_angle_beta_esd    ? 
_cell.reciprocal_angle_gamma_esd   ? 
_cell.reciprocal_length_a          ? 
_cell.reciprocal_length_b          ? 
_cell.reciprocal_length_c          ? 
_cell.reciprocal_length_a_esd      ? 
_cell.reciprocal_length_b_esd      ? 
_cell.reciprocal_length_c_esd      ? 
_cell.pdbx_unique_axis             ? 
# 
_symmetry.entry_id                         6C4Q 
_symmetry.cell_setting                     ? 
_symmetry.Int_Tables_number                96 
_symmetry.space_group_name_Hall            ? 
_symmetry.space_group_name_H-M             'P 43 21 2' 
_symmetry.pdbx_full_space_group_name_H-M   ? 
# 
_exptl.absorpt_coefficient_mu     ? 
_exptl.absorpt_correction_T_max   ? 
_exptl.absorpt_correction_T_min   ? 
_exptl.absorpt_correction_type    ? 
_exptl.absorpt_process_details    ? 
_exptl.entry_id                   6C4Q 
_exptl.crystals_number            1 
_exptl.details                    ? 
_exptl.method                     'X-RAY DIFFRACTION' 
_exptl.method_details             ? 
# 
_exptl_crystal.colour                      ? 
_exptl_crystal.density_diffrn              ? 
_exptl_crystal.density_Matthews            2.23 
_exptl_crystal.density_method              ? 
_exptl_crystal.density_percent_sol         44.8 
_exptl_crystal.description                 ? 
_exptl_crystal.F_000                       ? 
_exptl_crystal.id                          1 
_exptl_crystal.preparation                 ? 
_exptl_crystal.size_max                    ? 
_exptl_crystal.size_mid                    ? 
_exptl_crystal.size_min                    ? 
_exptl_crystal.size_rad                    ? 
_exptl_crystal.colour_lustre               ? 
_exptl_crystal.colour_modifier             ? 
_exptl_crystal.colour_primary              ? 
_exptl_crystal.density_meas                ? 
_exptl_crystal.density_meas_esd            ? 
_exptl_crystal.density_meas_gt             ? 
_exptl_crystal.density_meas_lt             ? 
_exptl_crystal.density_meas_temp           ? 
_exptl_crystal.density_meas_temp_esd       ? 
_exptl_crystal.density_meas_temp_gt        ? 
_exptl_crystal.density_meas_temp_lt        ? 
_exptl_crystal.pdbx_crystal_image_url      ? 
_exptl_crystal.pdbx_crystal_image_format   ? 
_exptl_crystal.pdbx_mosaicity              ? 
_exptl_crystal.pdbx_mosaicity_esd          ? 
# 
_exptl_crystal_grow.apparatus       ? 
_exptl_crystal_grow.atmosphere      ? 
_exptl_crystal_grow.crystal_id      1 
_exptl_crystal_grow.details         ? 
_exptl_crystal_grow.method          'VAPOR DIFFUSION, SITTING DROP' 
_exptl_crystal_grow.method_ref      ? 
_exptl_crystal_grow.pH              8.3 
_exptl_crystal_grow.pressure        ? 
_exptl_crystal_grow.pressure_esd    ? 
_exptl_crystal_grow.seeding         ? 
_exptl_crystal_grow.seeding_ref     ? 
_exptl_crystal_grow.temp            293 
_exptl_crystal_grow.temp_details    ? 
_exptl_crystal_grow.temp_esd        ? 
_exptl_crystal_grow.time            ? 
_exptl_crystal_grow.pdbx_details    
;Protein: 10.4 mg/ml, 0.5M Sodium chloride, 0.01M Tris pH 8.3;
Screen: AmSO4 (H8) 3.0M Ammonium sulfate, 1% (w/v) MPD.
Cryo: Screen + 25% Ethylene Glycol
;
_exptl_crystal_grow.pdbx_pH_range   ? 
# 
_diffrn.ambient_environment    ? 
_diffrn.ambient_temp           100 
_diffrn.ambient_temp_details   ? 
_diffrn.ambient_temp_esd       ? 
_diffrn.crystal_id             1 
_diffrn.crystal_support        ? 
_diffrn.crystal_treatment      ? 
_diffrn.details                ? 
_diffrn.id                     1 
_diffrn.ambient_pressure       ? 
_diffrn.ambient_pressure_esd   ? 
_diffrn.ambient_pressure_gt    ? 
_diffrn.ambient_pressure_lt    ? 
_diffrn.ambient_temp_gt        ? 
_diffrn.ambient_temp_lt        ? 
# 
_diffrn_detector.details                      'C(111)' 
_diffrn_detector.detector                     CCD 
_diffrn_detector.diffrn_id                    1 
_diffrn_detector.type                         'MARMOSAIC 300 mm CCD' 
_diffrn_detector.area_resol_mean              ? 
_diffrn_detector.dtime                        ? 
_diffrn_detector.pdbx_frames_total            ? 
_diffrn_detector.pdbx_collection_time_total   ? 
_diffrn_detector.pdbx_collection_date         2017-10-17 
# 
_diffrn_radiation.collimation                      ? 
_diffrn_radiation.diffrn_id                        1 
_diffrn_radiation.filter_edge                      ? 
_diffrn_radiation.inhomogeneity                    ? 
_diffrn_radiation.monochromator                    Be 
_diffrn_radiation.polarisn_norm                    ? 
_diffrn_radiation.polarisn_ratio                   ? 
_diffrn_radiation.probe                            ? 
_diffrn_radiation.type                             ? 
_diffrn_radiation.xray_symbol                      ? 
_diffrn_radiation.wavelength_id                    1 
_diffrn_radiation.pdbx_monochromatic_or_laue_m_l   M 
_diffrn_radiation.pdbx_wavelength_list             ? 
_diffrn_radiation.pdbx_wavelength                  ? 
_diffrn_radiation.pdbx_diffrn_protocol             'SINGLE WAVELENGTH' 
_diffrn_radiation.pdbx_analyzer                    ? 
_diffrn_radiation.pdbx_scattering_type             x-ray 
# 
_diffrn_radiation_wavelength.id           1 
_diffrn_radiation_wavelength.wavelength   0.97872 
_diffrn_radiation_wavelength.wt           1.0 
# 
_diffrn_source.current                     ? 
_diffrn_source.details                     ? 
_diffrn_source.diffrn_id                   1 
_diffrn_source.power                       ? 
_diffrn_source.size                        ? 
_diffrn_source.source                      SYNCHROTRON 
_diffrn_source.target                      ? 
_diffrn_source.type                        'APS BEAMLINE 21-ID-F' 
_diffrn_source.voltage                     ? 
_diffrn_source.take-off_angle              ? 
_diffrn_source.pdbx_wavelength_list        0.97872 
_diffrn_source.pdbx_wavelength             ? 
_diffrn_source.pdbx_synchrotron_beamline   21-ID-F 
_diffrn_source.pdbx_synchrotron_site       APS 
# 
_reflns.B_iso_Wilson_estimate            10.7 
_reflns.entry_id                         6C4Q 
_reflns.data_reduction_details           ? 
_reflns.data_reduction_method            ? 
_reflns.d_resolution_high                1.16 
_reflns.d_resolution_low                 30.00 
_reflns.details                          ? 
_reflns.limit_h_max                      ? 
_reflns.limit_h_min                      ? 
_reflns.limit_k_max                      ? 
_reflns.limit_k_min                      ? 
_reflns.limit_l_max                      ? 
_reflns.limit_l_min                      ? 
_reflns.number_all                       ? 
_reflns.number_obs                       35889 
_reflns.observed_criterion               ? 
_reflns.observed_criterion_F_max         ? 
_reflns.observed_criterion_F_min         ? 
_reflns.observed_criterion_I_max         ? 
_reflns.observed_criterion_I_min         ? 
_reflns.observed_criterion_sigma_F       ? 
_reflns.observed_criterion_sigma_I       -3.0 
_reflns.percent_possible_obs             99.9 
_reflns.R_free_details                   ? 
_reflns.Rmerge_F_all                     ? 
_reflns.Rmerge_F_obs                     ? 
_reflns.Friedel_coverage                 ? 
_reflns.number_gt                        ? 
_reflns.threshold_expression             ? 
_reflns.pdbx_redundancy                  11.5 
_reflns.pdbx_Rmerge_I_obs                0.092 
_reflns.pdbx_Rmerge_I_all                ? 
_reflns.pdbx_Rsym_value                  0.092 
_reflns.pdbx_netI_over_av_sigmaI         ? 
_reflns.pdbx_netI_over_sigmaI            37.4 
_reflns.pdbx_res_netI_over_av_sigmaI_2   ? 
_reflns.pdbx_res_netI_over_sigmaI_2      ? 
_reflns.pdbx_chi_squared                 2.131 
_reflns.pdbx_scaling_rejects             ? 
_reflns.pdbx_d_res_high_opt              ? 
_reflns.pdbx_d_res_low_opt               ? 
_reflns.pdbx_d_res_opt_method            ? 
_reflns.phase_calculation_details        ? 
_reflns.pdbx_Rrim_I_all                  0.096 
_reflns.pdbx_Rpim_I_all                  0.028 
_reflns.pdbx_d_opt                       ? 
_reflns.pdbx_number_measured_all         ? 
_reflns.pdbx_diffrn_id                   1 
_reflns.pdbx_ordinal                     1 
_reflns.pdbx_CC_half                     ? 
_reflns.pdbx_R_split                     ? 
# 
_reflns_shell.d_res_high                  1.16 
_reflns_shell.d_res_low                   1.18 
_reflns_shell.meanI_over_sigI_all         ? 
_reflns_shell.meanI_over_sigI_obs         2.8 
_reflns_shell.number_measured_all         ? 
_reflns_shell.number_measured_obs         ? 
_reflns_shell.number_possible             ? 
_reflns_shell.number_unique_all           ? 
_reflns_shell.number_unique_obs           1749 
_reflns_shell.percent_possible_all        100.0 
_reflns_shell.percent_possible_obs        ? 
_reflns_shell.Rmerge_F_all                ? 
_reflns_shell.Rmerge_F_obs                ? 
_reflns_shell.Rmerge_I_all                ? 
_reflns_shell.Rmerge_I_obs                0.808 
_reflns_shell.meanI_over_sigI_gt          ? 
_reflns_shell.meanI_over_uI_all           ? 
_reflns_shell.meanI_over_uI_gt            ? 
_reflns_shell.number_measured_gt          ? 
_reflns_shell.number_unique_gt            ? 
_reflns_shell.percent_possible_gt         ? 
_reflns_shell.Rmerge_F_gt                 ? 
_reflns_shell.Rmerge_I_gt                 ? 
_reflns_shell.pdbx_redundancy             9.4 
_reflns_shell.pdbx_Rsym_value             0.808 
_reflns_shell.pdbx_chi_squared            1.003 
_reflns_shell.pdbx_netI_over_sigmaI_all   ? 
_reflns_shell.pdbx_netI_over_sigmaI_obs   ? 
_reflns_shell.pdbx_Rrim_I_all             0.855 
_reflns_shell.pdbx_Rpim_I_all             0.276 
_reflns_shell.pdbx_rejects                ? 
_reflns_shell.pdbx_ordinal                1 
_reflns_shell.pdbx_diffrn_id              1 
_reflns_shell.pdbx_CC_half                0.798 
_reflns_shell.pdbx_R_split                ? 
# 
_refine.aniso_B[1][1]                            -0.11 
_refine.aniso_B[1][2]                            0.00 
_refine.aniso_B[1][3]                            0.00 
_refine.aniso_B[2][2]                            -0.11 
_refine.aniso_B[2][3]                            0.00 
_refine.aniso_B[3][3]                            0.23 
_refine.B_iso_max                                ? 
_refine.B_iso_mean                               16.387 
_refine.B_iso_min                                ? 
_refine.correlation_coeff_Fo_to_Fc               0.976 
_refine.correlation_coeff_Fo_to_Fc_free          0.973 
_refine.details                                  'HYDROGENS HAVE BEEN ADDED IN THE RIDING POSITIONS' 
_refine.diff_density_max                         ? 
_refine.diff_density_max_esd                     ? 
_refine.diff_density_min                         ? 
_refine.diff_density_min_esd                     ? 
_refine.diff_density_rms                         ? 
_refine.diff_density_rms_esd                     ? 
_refine.entry_id                                 6C4Q 
_refine.pdbx_refine_id                           'X-RAY DIFFRACTION' 
_refine.ls_abs_structure_details                 ? 
_refine.ls_abs_structure_Flack                   ? 
_refine.ls_abs_structure_Flack_esd               ? 
_refine.ls_abs_structure_Rogers                  ? 
_refine.ls_abs_structure_Rogers_esd              ? 
_refine.ls_d_res_high                            1.16 
_refine.ls_d_res_low                             26.13 
_refine.ls_extinction_coef                       ? 
_refine.ls_extinction_coef_esd                   ? 
_refine.ls_extinction_expression                 ? 
_refine.ls_extinction_method                     ? 
_refine.ls_goodness_of_fit_all                   ? 
_refine.ls_goodness_of_fit_all_esd               ? 
_refine.ls_goodness_of_fit_obs                   ? 
_refine.ls_goodness_of_fit_obs_esd               ? 
_refine.ls_hydrogen_treatment                    ? 
_refine.ls_matrix_type                           ? 
_refine.ls_number_constraints                    ? 
_refine.ls_number_parameters                     ? 
_refine.ls_number_reflns_all                     ? 
_refine.ls_number_reflns_obs                     34027 
_refine.ls_number_reflns_R_free                  1793 
_refine.ls_number_reflns_R_work                  ? 
_refine.ls_number_restraints                     ? 
_refine.ls_percent_reflns_obs                    99.84 
_refine.ls_percent_reflns_R_free                 5.0 
_refine.ls_R_factor_all                          ? 
_refine.ls_R_factor_obs                          0.13029 
_refine.ls_R_factor_R_free                       0.14456 
_refine.ls_R_factor_R_free_error                 ? 
_refine.ls_R_factor_R_free_error_details         ? 
_refine.ls_R_factor_R_work                       0.12952 
_refine.ls_R_Fsqd_factor_obs                     ? 
_refine.ls_R_I_factor_obs                        ? 
_refine.ls_redundancy_reflns_all                 ? 
_refine.ls_redundancy_reflns_obs                 ? 
_refine.ls_restrained_S_all                      ? 
_refine.ls_restrained_S_obs                      ? 
_refine.ls_shift_over_esd_max                    ? 
_refine.ls_shift_over_esd_mean                   ? 
_refine.ls_structure_factor_coef                 ? 
_refine.ls_weighting_details                     ? 
_refine.ls_weighting_scheme                      ? 
_refine.ls_wR_factor_all                         ? 
_refine.ls_wR_factor_obs                         ? 
_refine.ls_wR_factor_R_free                      ? 
_refine.ls_wR_factor_R_work                      ? 
_refine.occupancy_max                            ? 
_refine.occupancy_min                            ? 
_refine.solvent_model_details                    ? 
_refine.solvent_model_param_bsol                 ? 
_refine.solvent_model_param_ksol                 ? 
_refine.ls_R_factor_gt                           ? 
_refine.ls_goodness_of_fit_gt                    ? 
_refine.ls_goodness_of_fit_ref                   ? 
_refine.ls_shift_over_su_max                     ? 
_refine.ls_shift_over_su_max_lt                  ? 
_refine.ls_shift_over_su_mean                    ? 
_refine.ls_shift_over_su_mean_lt                 ? 
_refine.pdbx_ls_sigma_I                          ? 
_refine.pdbx_ls_sigma_F                          ? 
_refine.pdbx_ls_sigma_Fsqd                       ? 
_refine.pdbx_data_cutoff_high_absF               ? 
_refine.pdbx_data_cutoff_high_rms_absF           ? 
_refine.pdbx_data_cutoff_low_absF                ? 
_refine.pdbx_isotropic_thermal_model             ? 
_refine.pdbx_ls_cross_valid_method               THROUGHOUT 
_refine.pdbx_method_to_determine_struct          SAD 
_refine.pdbx_starting_model                      ? 
_refine.pdbx_stereochemistry_target_values       ? 
_refine.pdbx_R_Free_selection_details            RANDOM 
_refine.pdbx_stereochem_target_val_spec_case     ? 
_refine.pdbx_overall_ESU_R                       0.027 
_refine.pdbx_overall_ESU_R_Free                  0.027 
_refine.pdbx_solvent_vdw_probe_radii             1.20 
_refine.pdbx_solvent_ion_probe_radii             0.80 
_refine.pdbx_solvent_shrinkage_radii             0.80 
_refine.pdbx_real_space_R                        ? 
_refine.pdbx_density_correlation                 ? 
_refine.pdbx_pd_number_of_powder_patterns        ? 
_refine.pdbx_pd_number_of_points                 ? 
_refine.pdbx_pd_meas_number_of_points            ? 
_refine.pdbx_pd_proc_ls_prof_R_factor            ? 
_refine.pdbx_pd_proc_ls_prof_wR_factor           ? 
_refine.pdbx_pd_Marquardt_correlation_coeff      ? 
_refine.pdbx_pd_Fsqrd_R_factor                   ? 
_refine.pdbx_pd_ls_matrix_band_width             ? 
_refine.pdbx_overall_phase_error                 ? 
_refine.pdbx_overall_SU_R_free_Cruickshank_DPI   ? 
_refine.pdbx_overall_SU_R_free_Blow_DPI          ? 
_refine.pdbx_overall_SU_R_Blow_DPI               ? 
_refine.pdbx_TLS_residual_ADP_flag               ? 
_refine.pdbx_diffrn_id                           1 
_refine.overall_SU_B                             0.783 
_refine.overall_SU_ML                            0.016 
_refine.overall_SU_R_Cruickshank_DPI             ? 
_refine.overall_SU_R_free                        ? 
_refine.overall_FOM_free_R_set                   ? 
_refine.overall_FOM_work_R_set                   ? 
_refine.pdbx_average_fsc_overall                 ? 
_refine.pdbx_average_fsc_work                    ? 
_refine.pdbx_average_fsc_free                    ? 
# 
_refine_hist.pdbx_refine_id                   'X-RAY DIFFRACTION' 
_refine_hist.cycle_id                         1 
_refine_hist.pdbx_number_atoms_protein        634 
_refine_hist.pdbx_number_atoms_nucleic_acid   0 
_refine_hist.pdbx_number_atoms_ligand         12 
_refine_hist.number_atoms_solvent             124 
_refine_hist.number_atoms_total               770 
_refine_hist.d_res_high                       1.16 
_refine_hist.d_res_low                        26.13 
# 
loop_
_refine_ls_restr.pdbx_refine_id 
_refine_ls_restr.criterion 
_refine_ls_restr.dev_ideal 
_refine_ls_restr.dev_ideal_target 
_refine_ls_restr.number 
_refine_ls_restr.rejects 
_refine_ls_restr.type 
_refine_ls_restr.weight 
_refine_ls_restr.pdbx_restraint_function 
'X-RAY DIFFRACTION' ? 0.009  0.019  733  ? r_bond_refined_d             ? ? 
'X-RAY DIFFRACTION' ? 0.001  0.020  708  ? r_bond_other_d               ? ? 
'X-RAY DIFFRACTION' ? 1.392  2.011  1005 ? r_angle_refined_deg          ? ? 
'X-RAY DIFFRACTION' ? 0.847  3.000  1642 ? r_angle_other_deg            ? ? 
'X-RAY DIFFRACTION' ? 4.216  5.000  100  ? r_dihedral_angle_1_deg       ? ? 
'X-RAY DIFFRACTION' ? 25.069 24.483 29   ? r_dihedral_angle_2_deg       ? ? 
'X-RAY DIFFRACTION' ? 9.877  15.000 109  ? r_dihedral_angle_3_deg       ? ? 
'X-RAY DIFFRACTION' ? 18.316 15.000 6    ? r_dihedral_angle_4_deg       ? ? 
'X-RAY DIFFRACTION' ? 0.093  0.200  117  ? r_chiral_restr               ? ? 
'X-RAY DIFFRACTION' ? 0.025  0.021  844  ? r_gen_planes_refined         ? ? 
'X-RAY DIFFRACTION' ? 0.021  0.020  138  ? r_gen_planes_other           ? ? 
'X-RAY DIFFRACTION' ? ?      ?      ?    ? r_nbd_refined                ? ? 
'X-RAY DIFFRACTION' ? ?      ?      ?    ? r_nbd_other                  ? ? 
'X-RAY DIFFRACTION' ? ?      ?      ?    ? r_nbtor_refined              ? ? 
'X-RAY DIFFRACTION' ? ?      ?      ?    ? r_nbtor_other                ? ? 
'X-RAY DIFFRACTION' ? ?      ?      ?    ? r_xyhbond_nbd_refined        ? ? 
'X-RAY DIFFRACTION' ? ?      ?      ?    ? r_xyhbond_nbd_other          ? ? 
'X-RAY DIFFRACTION' ? ?      ?      ?    ? r_metal_ion_refined          ? ? 
'X-RAY DIFFRACTION' ? ?      ?      ?    ? r_metal_ion_other            ? ? 
'X-RAY DIFFRACTION' ? ?      ?      ?    ? r_symmetry_vdw_refined       ? ? 
'X-RAY DIFFRACTION' ? ?      ?      ?    ? r_symmetry_vdw_other         ? ? 
'X-RAY DIFFRACTION' ? ?      ?      ?    ? r_symmetry_hbond_refined     ? ? 
'X-RAY DIFFRACTION' ? ?      ?      ?    ? r_symmetry_hbond_other       ? ? 
'X-RAY DIFFRACTION' ? ?      ?      ?    ? r_symmetry_metal_ion_refined ? ? 
'X-RAY DIFFRACTION' ? ?      ?      ?    ? r_symmetry_metal_ion_other   ? ? 
'X-RAY DIFFRACTION' ? 1.130  12.649 379  ? r_mcbond_it                  ? ? 
'X-RAY DIFFRACTION' ? 1.130  12.675 378  ? r_mcbond_other               ? ? 
'X-RAY DIFFRACTION' ? 1.578  ?      486  ? r_mcangle_it                 ? ? 
'X-RAY DIFFRACTION' ? 1.577  ?      487  ? r_mcangle_other              ? ? 
'X-RAY DIFFRACTION' ? 1.835  ?      354  ? r_scbond_it                  ? ? 
'X-RAY DIFFRACTION' ? 1.834  ?      354  ? r_scbond_other               ? ? 
'X-RAY DIFFRACTION' ? ?      ?      ?    ? r_scangle_it                 ? ? 
'X-RAY DIFFRACTION' ? 2.121  ?      520  ? r_scangle_other              ? ? 
'X-RAY DIFFRACTION' ? 2.892  ?      891  ? r_long_range_B_refined       ? ? 
'X-RAY DIFFRACTION' ? 2.605  ?      861  ? r_long_range_B_other         ? ? 
'X-RAY DIFFRACTION' ? 11.523 3.000  654  ? r_rigid_bond_restr           ? ? 
'X-RAY DIFFRACTION' ? 13.793 1.000  31   ? r_sphericity_free            ? ? 
'X-RAY DIFFRACTION' ? 7.746  1.000  668  ? r_sphericity_bonded          ? ? 
# 
_refine_ls_shell.pdbx_refine_id                   'X-RAY DIFFRACTION' 
_refine_ls_shell.d_res_high                       1.160 
_refine_ls_shell.d_res_low                        1.190 
_refine_ls_shell.number_reflns_all                ? 
_refine_ls_shell.number_reflns_obs                ? 
_refine_ls_shell.number_reflns_R_free             142 
_refine_ls_shell.number_reflns_R_work             2423 
_refine_ls_shell.percent_reflns_obs               99.73 
_refine_ls_shell.percent_reflns_R_free            ? 
_refine_ls_shell.R_factor_all                     ? 
_refine_ls_shell.R_factor_obs                     ? 
_refine_ls_shell.R_factor_R_free                  0.215 
_refine_ls_shell.R_factor_R_free_error            ? 
_refine_ls_shell.R_factor_R_work                  0.201 
_refine_ls_shell.redundancy_reflns_all            ? 
_refine_ls_shell.redundancy_reflns_obs            ? 
_refine_ls_shell.wR_factor_all                    ? 
_refine_ls_shell.wR_factor_obs                    ? 
_refine_ls_shell.wR_factor_R_free                 ? 
_refine_ls_shell.wR_factor_R_work                 ? 
_refine_ls_shell.pdbx_total_number_of_bins_used   20 
_refine_ls_shell.pdbx_phase_error                 ? 
_refine_ls_shell.pdbx_fsc_work                    ? 
_refine_ls_shell.pdbx_fsc_free                    ? 
# 
_struct.entry_id                     6C4Q 
_struct.title                        
;1.16 Angstrom Resolution Crystal Structure of Acyl Carrier Protein Domain (residues 1-100) of Polyketide Synthase Pks13 from Mycobacterium tuberculosis
;
_struct.pdbx_model_details           ? 
_struct.pdbx_formula_weight          ? 
_struct.pdbx_formula_weight_method   ? 
_struct.pdbx_model_type_details      ? 
_struct.pdbx_CASP_flag               N 
# 
_struct_keywords.entry_id        6C4Q 
_struct_keywords.text            
'Structural Genomics, Center for Structural Genomics of Infectious Diseases, CSGID, Acyl Carrier Protein, TRANSPORT PROTEIN' 
_struct_keywords.pdbx_keywords   'TRANSPORT PROTEIN' 
# 
loop_
_struct_asym.id 
_struct_asym.pdbx_blank_PDB_chainid_flag 
_struct_asym.pdbx_modified 
_struct_asym.entity_id 
_struct_asym.details 
A N N 1 ? 
B N N 2 ? 
C N N 3 ? 
D N N 4 ? 
# 
_struct_ref.id                         1 
_struct_ref.db_name                    UNP 
_struct_ref.db_code                    I6X8D2_MYCTU 
_struct_ref.pdbx_db_accession          I6X8D2 
_struct_ref.pdbx_db_isoform            ? 
_struct_ref.entity_id                  1 
_struct_ref.pdbx_seq_one_letter_code   
;MADVAESQENAPAERAELTVPEMRQWLRNWVGKAVGKAPDSIDESVPMVELGLSSRDAVAMAADIEDLTGVTLSVAVAFA
HPTIESLATRIIEGEPETDL
;
_struct_ref.pdbx_align_begin           1 
# 
_struct_ref_seq.align_id                      1 
_struct_ref_seq.ref_id                        1 
_struct_ref_seq.pdbx_PDB_id_code              6C4Q 
_struct_ref_seq.pdbx_strand_id                A 
_struct_ref_seq.seq_align_beg                 4 
_struct_ref_seq.pdbx_seq_align_beg_ins_code   ? 
_struct_ref_seq.seq_align_end                 103 
_struct_ref_seq.pdbx_seq_align_end_ins_code   ? 
_struct_ref_seq.pdbx_db_accession             I6X8D2 
_struct_ref_seq.db_align_beg                  1 
_struct_ref_seq.pdbx_db_align_beg_ins_code    ? 
_struct_ref_seq.db_align_end                  100 
_struct_ref_seq.pdbx_db_align_end_ins_code    ? 
_struct_ref_seq.pdbx_auth_seq_align_beg       1 
_struct_ref_seq.pdbx_auth_seq_align_end       100 
# 
loop_
_struct_ref_seq_dif.align_id 
_struct_ref_seq_dif.pdbx_pdb_id_code 
_struct_ref_seq_dif.mon_id 
_struct_ref_seq_dif.pdbx_pdb_strand_id 
_struct_ref_seq_dif.seq_num 
_struct_ref_seq_dif.pdbx_pdb_ins_code 
_struct_ref_seq_dif.pdbx_seq_db_name 
_struct_ref_seq_dif.pdbx_seq_db_accession_code 
_struct_ref_seq_dif.db_mon_id 
_struct_ref_seq_dif.pdbx_seq_db_seq_num 
_struct_ref_seq_dif.details 
_struct_ref_seq_dif.pdbx_auth_seq_num 
_struct_ref_seq_dif.pdbx_ordinal 
1 6C4Q SER A 1 ? UNP I6X8D2 ? ? 'expression tag' -2 1 
1 6C4Q ASN A 2 ? UNP I6X8D2 ? ? 'expression tag' -1 2 
1 6C4Q ALA A 3 ? UNP I6X8D2 ? ? 'expression tag' 0  3 
# 
loop_
_pdbx_struct_assembly.id 
_pdbx_struct_assembly.details 
_pdbx_struct_assembly.method_details 
_pdbx_struct_assembly.oligomeric_details 
_pdbx_struct_assembly.oligomeric_count 
1 author_defined_assembly   ?    monomeric 1 
2 software_defined_assembly PISA dimeric   2 
# 
loop_
_pdbx_struct_assembly_prop.biol_id 
_pdbx_struct_assembly_prop.type 
_pdbx_struct_assembly_prop.value 
_pdbx_struct_assembly_prop.details 
2 'ABSA (A^2)' 2560 ? 
2 MORE         -39  ? 
2 'SSA (A^2)'  9240 ? 
# 
loop_
_pdbx_struct_assembly_gen.assembly_id 
_pdbx_struct_assembly_gen.oper_expression 
_pdbx_struct_assembly_gen.asym_id_list 
1 1   A,B,C,D 
2 1,2 A,B,C,D 
# 
_pdbx_struct_assembly_auth_evidence.id                     1 
_pdbx_struct_assembly_auth_evidence.assembly_id            1 
_pdbx_struct_assembly_auth_evidence.experimental_support   none 
_pdbx_struct_assembly_auth_evidence.details                ? 
# 
loop_
_pdbx_struct_oper_list.id 
_pdbx_struct_oper_list.type 
_pdbx_struct_oper_list.name 
_pdbx_struct_oper_list.symmetry_operation 
_pdbx_struct_oper_list.matrix[1][1] 
_pdbx_struct_oper_list.matrix[1][2] 
_pdbx_struct_oper_list.matrix[1][3] 
_pdbx_struct_oper_list.vector[1] 
_pdbx_struct_oper_list.matrix[2][1] 
_pdbx_struct_oper_list.matrix[2][2] 
_pdbx_struct_oper_list.matrix[2][3] 
_pdbx_struct_oper_list.vector[2] 
_pdbx_struct_oper_list.matrix[3][1] 
_pdbx_struct_oper_list.matrix[3][2] 
_pdbx_struct_oper_list.matrix[3][3] 
_pdbx_struct_oper_list.vector[3] 
1 'identity operation'         1_555 x,y,z        1.0000000000  0.0000000000  0.0000000000  0.0000000000  0.0000000000  1.0000000000 0.0000000000 0.0000000000 0.0000000000  0.0000000000 1.0000000000  0.0000000000  
2 'crystal symmetry operation' 8_555 -y,-x,-z+1/2 -0.7309602343 -0.6795446504 -0.0625795812 13.2034357411 -0.6795446504 0.7164040070 0.1580644390 3.3611791908 -0.0625795812 0.1580644390 -0.9854437727 20.2650432457 
# 
loop_
_struct_conf.conf_type_id 
_struct_conf.id 
_struct_conf.pdbx_PDB_helix_id 
_struct_conf.beg_label_comp_id 
_struct_conf.beg_label_asym_id 
_struct_conf.beg_label_seq_id 
_struct_conf.pdbx_beg_PDB_ins_code 
_struct_conf.end_label_comp_id 
_struct_conf.end_label_asym_id 
_struct_conf.end_label_seq_id 
_struct_conf.pdbx_end_PDB_ins_code 
_struct_conf.beg_auth_comp_id 
_struct_conf.beg_auth_asym_id 
_struct_conf.beg_auth_seq_id 
_struct_conf.end_auth_comp_id 
_struct_conf.end_auth_asym_id 
_struct_conf.end_auth_seq_id 
_struct_conf.pdbx_PDB_helix_class 
_struct_conf.details 
_struct_conf.pdbx_PDB_helix_length 
HELX_P HELX_P1 AA1 ALA A 14 ? ALA A 19 ? ALA A 11 ALA A 16 1 ? 6  
HELX_P HELX_P2 AA2 THR A 22 ? GLY A 39 ? THR A 19 GLY A 36 1 ? 18 
HELX_P HELX_P3 AA3 ALA A 41 ? ILE A 45 ? ALA A 38 ILE A 42 5 ? 5  
HELX_P HELX_P4 AA4 PRO A 50 ? LEU A 54 ? PRO A 47 LEU A 51 5 ? 5  
HELX_P HELX_P5 AA5 SER A 57 ? GLY A 73 ? SER A 54 GLY A 70 1 ? 17 
HELX_P HELX_P6 AA6 SER A 77 ? HIS A 84 ? SER A 74 HIS A 81 1 ? 8  
HELX_P HELX_P7 AA7 THR A 86 ? GLY A 97 ? THR A 83 GLY A 94 1 ? 12 
# 
_struct_conf_type.id          HELX_P 
_struct_conf_type.criteria    ? 
_struct_conf_type.reference   ? 
# 
loop_
_struct_conn.id 
_struct_conn.conn_type_id 
_struct_conn.pdbx_leaving_atom_flag 
_struct_conn.pdbx_PDB_id 
_struct_conn.ptnr1_label_asym_id 
_struct_conn.ptnr1_label_comp_id 
_struct_conn.ptnr1_label_seq_id 
_struct_conn.ptnr1_label_atom_id 
_struct_conn.pdbx_ptnr1_label_alt_id 
_struct_conn.pdbx_ptnr1_PDB_ins_code 
_struct_conn.pdbx_ptnr1_standard_comp_id 
_struct_conn.ptnr1_symmetry 
_struct_conn.ptnr2_label_asym_id 
_struct_conn.ptnr2_label_comp_id 
_struct_conn.ptnr2_label_seq_id 
_struct_conn.ptnr2_label_atom_id 
_struct_conn.pdbx_ptnr2_label_alt_id 
_struct_conn.pdbx_ptnr2_PDB_ins_code 
_struct_conn.ptnr1_auth_asym_id 
_struct_conn.ptnr1_auth_comp_id 
_struct_conn.ptnr1_auth_seq_id 
_struct_conn.ptnr2_auth_asym_id 
_struct_conn.ptnr2_auth_comp_id 
_struct_conn.ptnr2_auth_seq_id 
_struct_conn.ptnr2_symmetry 
_struct_conn.pdbx_ptnr3_label_atom_id 
_struct_conn.pdbx_ptnr3_label_seq_id 
_struct_conn.pdbx_ptnr3_label_comp_id 
_struct_conn.pdbx_ptnr3_label_asym_id 
_struct_conn.pdbx_ptnr3_label_alt_id 
_struct_conn.pdbx_ptnr3_PDB_ins_code 
_struct_conn.details 
_struct_conn.pdbx_dist_value 
_struct_conn.pdbx_value_order 
_struct_conn.pdbx_role 
covale1  covale both ? A GLU 25 C A ? ? 1_555 A MSE 26 N ? ? A GLU 22 A MSE 23 1_555 ? ? ? ? ? ? ? 1.331 ? ? 
covale2  covale both ? A GLU 25 C B ? ? 1_555 A MSE 26 N ? ? A GLU 22 A MSE 23 1_555 ? ? ? ? ? ? ? 1.330 ? ? 
covale3  covale both ? A MSE 26 C ? ? ? 1_555 A ARG 27 N ? ? A MSE 23 A ARG 24 1_555 ? ? ? ? ? ? ? 1.337 ? ? 
covale4  covale both ? A PRO 50 C ? ? ? 1_555 A MSE 51 N A ? A PRO 47 A MSE 48 1_555 ? ? ? ? ? ? ? 1.330 ? ? 
covale5  covale both ? A PRO 50 C ? ? ? 1_555 A MSE 51 N B ? A PRO 47 A MSE 48 1_555 ? ? ? ? ? ? ? 1.327 ? ? 
covale6  covale both ? A MSE 51 C A ? ? 1_555 A VAL 52 N ? ? A MSE 48 A VAL 49 1_555 ? ? ? ? ? ? ? 1.339 ? ? 
covale7  covale both ? A MSE 51 C B ? ? 1_555 A VAL 52 N ? ? A MSE 48 A VAL 49 1_555 ? ? ? ? ? ? ? 1.342 ? ? 
covale8  covale both ? A ALA 63 C ? ? ? 1_555 A MSE 64 N A ? A ALA 60 A MSE 61 1_555 ? ? ? ? ? ? ? 1.331 ? ? 
covale9  covale both ? A ALA 63 C ? ? ? 1_555 A MSE 64 N B ? A ALA 60 A MSE 61 1_555 ? ? ? ? ? ? ? 1.328 ? ? 
covale10 covale both ? A MSE 64 C A ? ? 1_555 A ALA 65 N ? ? A MSE 61 A ALA 62 1_555 ? ? ? ? ? ? ? 1.334 ? ? 
covale11 covale both ? A MSE 64 C B ? ? 1_555 A ALA 65 N ? ? A MSE 61 A ALA 62 1_555 ? ? ? ? ? ? ? 1.333 ? ? 
# 
_struct_conn_type.id          covale 
_struct_conn_type.criteria    ? 
_struct_conn_type.reference   ? 
# 
loop_
_pdbx_modification_feature.ordinal 
_pdbx_modification_feature.label_comp_id 
_pdbx_modification_feature.label_asym_id 
_pdbx_modification_feature.label_seq_id 
_pdbx_modification_feature.label_alt_id 
_pdbx_modification_feature.modified_residue_label_comp_id 
_pdbx_modification_feature.modified_residue_label_asym_id 
_pdbx_modification_feature.modified_residue_label_seq_id 
_pdbx_modification_feature.modified_residue_label_alt_id 
_pdbx_modification_feature.auth_comp_id 
_pdbx_modification_feature.auth_asym_id 
_pdbx_modification_feature.auth_seq_id 
_pdbx_modification_feature.PDB_ins_code 
_pdbx_modification_feature.symmetry 
_pdbx_modification_feature.modified_residue_auth_comp_id 
_pdbx_modification_feature.modified_residue_auth_asym_id 
_pdbx_modification_feature.modified_residue_auth_seq_id 
_pdbx_modification_feature.modified_residue_PDB_ins_code 
_pdbx_modification_feature.modified_residue_symmetry 
_pdbx_modification_feature.comp_id_linking_atom 
_pdbx_modification_feature.modified_residue_id_linking_atom 
_pdbx_modification_feature.modified_residue_id 
_pdbx_modification_feature.ref_pcm_id 
_pdbx_modification_feature.ref_comp_id 
_pdbx_modification_feature.type 
_pdbx_modification_feature.category 
1 MSE A 26 ? . . . . MSE A 23 ? 1_555 . . . . . . . MET 1 MSE Selenomethionine 'Named protein modification' 
2 MSE A 51 A . . . . MSE A 48 ? 1_555 . . . . . . . MET 1 MSE Selenomethionine 'Named protein modification' 
3 MSE A 51 B . . . . MSE A 48 ? 1_555 . . . . . . . MET 1 MSE Selenomethionine 'Named protein modification' 
4 MSE A 64 A . . . . MSE A 61 ? 1_555 . . . . . . . MET 1 MSE Selenomethionine 'Named protein modification' 
5 MSE A 64 B . . . . MSE A 61 ? 1_555 . . . . . . . MET 1 MSE Selenomethionine 'Named protein modification' 
# 
loop_
_struct_site.id 
_struct_site.pdbx_evidence_code 
_struct_site.pdbx_auth_asym_id 
_struct_site.pdbx_auth_comp_id 
_struct_site.pdbx_auth_seq_id 
_struct_site.pdbx_auth_ins_code 
_struct_site.pdbx_num_residues 
_struct_site.details 
AC1 Software A MPD 201 ? 8 'binding site for residue MPD A 201' 
AC2 Software A EDO 202 ? 8 'binding site for residue EDO A 202' 
# 
loop_
_struct_site_gen.id 
_struct_site_gen.site_id 
_struct_site_gen.pdbx_num_res 
_struct_site_gen.label_comp_id 
_struct_site_gen.label_asym_id 
_struct_site_gen.label_seq_id 
_struct_site_gen.pdbx_auth_ins_code 
_struct_site_gen.auth_comp_id 
_struct_site_gen.auth_asym_id 
_struct_site_gen.auth_seq_id 
_struct_site_gen.label_atom_id 
_struct_site_gen.label_alt_id 
_struct_site_gen.symmetry 
_struct_site_gen.details 
1  AC1 8 MSE A 51 ? MSE A 48  . ? 1_555 ? 
2  AC1 8 VAL A 52 ? VAL A 49  . ? 1_555 ? 
3  AC1 8 LEU A 56 ? LEU A 53  . ? 1_555 ? 
4  AC1 8 ALA A 61 ? ALA A 58  . ? 1_555 ? 
5  AC1 8 PHE A 82 ? PHE A 79  . ? 1_555 ? 
6  AC1 8 EDO C .  ? EDO A 202 . ? 1_555 ? 
7  AC1 8 HOH D .  ? HOH A 301 . ? 1_555 ? 
8  AC1 8 HOH D .  ? HOH A 389 . ? 1_555 ? 
9  AC2 8 VAL A 52 ? VAL A 49  . ? 8_555 ? 
10 AC2 8 VAL A 52 ? VAL A 49  . ? 1_555 ? 
11 AC2 8 LEU A 56 ? LEU A 53  . ? 1_555 ? 
12 AC2 8 PHE A 82 ? PHE A 79  . ? 8_555 ? 
13 AC2 8 MPD B .  ? MPD A 201 . ? 1_555 ? 
14 AC2 8 HOH D .  ? HOH A 303 . ? 1_555 ? 
15 AC2 8 HOH D .  ? HOH A 308 . ? 1_555 ? 
16 AC2 8 HOH D .  ? HOH A 330 . ? 1_555 ? 
# 
_pdbx_entry_details.entry_id                   6C4Q 
_pdbx_entry_details.compound_details           ? 
_pdbx_entry_details.source_details             ? 
_pdbx_entry_details.nonpolymer_details         ? 
_pdbx_entry_details.sequence_details           ? 
_pdbx_entry_details.has_ligand_of_interest     ? 
_pdbx_entry_details.has_protein_modification   Y 
# 
_pdbx_validate_close_contact.id               1 
_pdbx_validate_close_contact.PDB_model_num    1 
_pdbx_validate_close_contact.auth_atom_id_1   O2 
_pdbx_validate_close_contact.auth_asym_id_1   A 
_pdbx_validate_close_contact.auth_comp_id_1   MPD 
_pdbx_validate_close_contact.auth_seq_id_1    201 
_pdbx_validate_close_contact.PDB_ins_code_1   ? 
_pdbx_validate_close_contact.label_alt_id_1   ? 
_pdbx_validate_close_contact.auth_atom_id_2   O 
_pdbx_validate_close_contact.auth_asym_id_2   A 
_pdbx_validate_close_contact.auth_comp_id_2   HOH 
_pdbx_validate_close_contact.auth_seq_id_2    301 
_pdbx_validate_close_contact.PDB_ins_code_2   ? 
_pdbx_validate_close_contact.label_alt_id_2   ? 
_pdbx_validate_close_contact.dist             2.17 
# 
_pdbx_SG_project.id                    1 
_pdbx_SG_project.project_name          'NIAID, National Institute of Allergy and Infectious Diseases' 
_pdbx_SG_project.full_name_of_center   'Center for Structural Genomics of Infectious Diseases' 
_pdbx_SG_project.initial_of_center     CSGID 
# 
loop_
_pdbx_struct_mod_residue.id 
_pdbx_struct_mod_residue.label_asym_id 
_pdbx_struct_mod_residue.label_comp_id 
_pdbx_struct_mod_residue.label_seq_id 
_pdbx_struct_mod_residue.auth_asym_id 
_pdbx_struct_mod_residue.auth_comp_id 
_pdbx_struct_mod_residue.auth_seq_id 
_pdbx_struct_mod_residue.PDB_ins_code 
_pdbx_struct_mod_residue.parent_comp_id 
_pdbx_struct_mod_residue.details 
1 A MSE 26 A MSE 23 ? MET 'modified residue' 
2 A MSE 51 A MSE 48 ? MET 'modified residue' 
3 A MSE 64 A MSE 61 ? MET 'modified residue' 
# 
loop_
_pdbx_refine_tls.pdbx_refine_id 
_pdbx_refine_tls.id 
_pdbx_refine_tls.details 
_pdbx_refine_tls.method 
_pdbx_refine_tls.origin_x 
_pdbx_refine_tls.origin_y 
_pdbx_refine_tls.origin_z 
_pdbx_refine_tls.T[1][1] 
_pdbx_refine_tls.T[2][2] 
_pdbx_refine_tls.T[3][3] 
_pdbx_refine_tls.T[1][2] 
_pdbx_refine_tls.T[1][3] 
_pdbx_refine_tls.T[2][3] 
_pdbx_refine_tls.L[1][1] 
_pdbx_refine_tls.L[2][2] 
_pdbx_refine_tls.L[3][3] 
_pdbx_refine_tls.L[1][2] 
_pdbx_refine_tls.L[1][3] 
_pdbx_refine_tls.L[2][3] 
_pdbx_refine_tls.S[1][1] 
_pdbx_refine_tls.S[1][2] 
_pdbx_refine_tls.S[1][3] 
_pdbx_refine_tls.S[2][1] 
_pdbx_refine_tls.S[2][2] 
_pdbx_refine_tls.S[2][3] 
_pdbx_refine_tls.S[3][1] 
_pdbx_refine_tls.S[3][2] 
_pdbx_refine_tls.S[3][3] 
'X-RAY DIFFRACTION' 1 ? refined 1.4437  -14.9680 -17.4844 0.1868 0.1277 0.0731 -0.0309 0.0163  0.0323  12.2365 15.9767 4.1765 -2.6082 3.8189  2.4110  0.3998 0.9284  0.0719  -1.2253 -0.0655 -0.3573 0.2235  -0.0110 -0.3343 
'X-RAY DIFFRACTION' 2 ? refined -5.5712 1.0672   -3.0926  0.0046 0.0167 0.0174 -0.0070 0.0012  -0.0005 0.3077  0.3624  0.5045 -0.1063 -0.3740 0.1693  0.0062 0.0192  0.0097  0.0011  -0.0029 0.0116  0.0049  -0.0368 -0.0033 
'X-RAY DIFFRACTION' 3 ? refined 1.4037  2.2480   4.0686   0.0029 0.0162 0.0170 -0.0064 0.0018  -0.0013 0.0820  0.0758  0.0818 0.0625  -0.0403 -0.0708 0.0023 0.0031  0.0074  0.0037  -0.0053 0.0042  -0.0008 0.0021  0.0030  
'X-RAY DIFFRACTION' 4 ? refined 8.8413  -3.1638  -4.5603  0.0004 0.0198 0.0360 -0.0001 -0.0022 -0.0034 0.3347  3.2733  3.1488 0.8235  -0.3638 0.9495  0.0095 -0.0276 -0.0476 0.0324  0.0073  -0.1448 0.0040  0.1496  -0.0168 
# 
loop_
_pdbx_refine_tls_group.pdbx_refine_id 
_pdbx_refine_tls_group.id 
_pdbx_refine_tls_group.refine_tls_id 
_pdbx_refine_tls_group.beg_auth_asym_id 
_pdbx_refine_tls_group.beg_auth_seq_id 
_pdbx_refine_tls_group.beg_label_asym_id 
_pdbx_refine_tls_group.beg_label_seq_id 
_pdbx_refine_tls_group.end_auth_asym_id 
_pdbx_refine_tls_group.end_auth_seq_id 
_pdbx_refine_tls_group.end_label_asym_id 
_pdbx_refine_tls_group.end_label_seq_id 
_pdbx_refine_tls_group.selection 
_pdbx_refine_tls_group.selection_details 
'X-RAY DIFFRACTION' 1 1 A 11 ? ? A 16 ? ? ? ? 
'X-RAY DIFFRACTION' 2 2 A 17 ? ? A 40 ? ? ? ? 
'X-RAY DIFFRACTION' 3 3 A 41 ? ? A 88 ? ? ? ? 
'X-RAY DIFFRACTION' 4 4 A 89 ? ? A 95 ? ? ? ? 
# 
loop_
_pdbx_unobs_or_zero_occ_residues.id 
_pdbx_unobs_or_zero_occ_residues.PDB_model_num 
_pdbx_unobs_or_zero_occ_residues.polymer_flag 
_pdbx_unobs_or_zero_occ_residues.occupancy_flag 
_pdbx_unobs_or_zero_occ_residues.auth_asym_id 
_pdbx_unobs_or_zero_occ_residues.auth_comp_id 
_pdbx_unobs_or_zero_occ_residues.auth_seq_id 
_pdbx_unobs_or_zero_occ_residues.PDB_ins_code 
_pdbx_unobs_or_zero_occ_residues.label_asym_id 
_pdbx_unobs_or_zero_occ_residues.label_comp_id 
_pdbx_unobs_or_zero_occ_residues.label_seq_id 
1  1 Y 1 A SER -2  ? A SER 1   
2  1 Y 1 A ASN -1  ? A ASN 2   
3  1 Y 1 A ALA 0   ? A ALA 3   
4  1 Y 1 A MSE 1   ? A MSE 4   
5  1 Y 1 A ALA 2   ? A ALA 5   
6  1 Y 1 A ASP 3   ? A ASP 6   
7  1 Y 1 A VAL 4   ? A VAL 7   
8  1 Y 1 A ALA 5   ? A ALA 8   
9  1 Y 1 A GLU 6   ? A GLU 9   
10 1 Y 1 A SER 7   ? A SER 10  
11 1 Y 1 A GLN 8   ? A GLN 11  
12 1 Y 1 A GLU 9   ? A GLU 12  
13 1 Y 1 A ASN 10  ? A ASN 13  
14 1 Y 1 A PRO 96  ? A PRO 99  
15 1 Y 1 A GLU 97  ? A GLU 100 
16 1 Y 1 A THR 98  ? A THR 101 
17 1 Y 1 A ASP 99  ? A ASP 102 
18 1 Y 1 A LEU 100 ? A LEU 103 
# 
loop_
_chem_comp_atom.comp_id 
_chem_comp_atom.atom_id 
_chem_comp_atom.type_symbol 
_chem_comp_atom.pdbx_aromatic_flag 
_chem_comp_atom.pdbx_stereo_config 
_chem_comp_atom.pdbx_ordinal 
ALA N    N  N N 1   
ALA CA   C  N S 2   
ALA C    C  N N 3   
ALA O    O  N N 4   
ALA CB   C  N N 5   
ALA OXT  O  N N 6   
ALA H    H  N N 7   
ALA H2   H  N N 8   
ALA HA   H  N N 9   
ALA HB1  H  N N 10  
ALA HB2  H  N N 11  
ALA HB3  H  N N 12  
ALA HXT  H  N N 13  
ARG N    N  N N 14  
ARG CA   C  N S 15  
ARG C    C  N N 16  
ARG O    O  N N 17  
ARG CB   C  N N 18  
ARG CG   C  N N 19  
ARG CD   C  N N 20  
ARG NE   N  N N 21  
ARG CZ   C  N N 22  
ARG NH1  N  N N 23  
ARG NH2  N  N N 24  
ARG OXT  O  N N 25  
ARG H    H  N N 26  
ARG H2   H  N N 27  
ARG HA   H  N N 28  
ARG HB2  H  N N 29  
ARG HB3  H  N N 30  
ARG HG2  H  N N 31  
ARG HG3  H  N N 32  
ARG HD2  H  N N 33  
ARG HD3  H  N N 34  
ARG HE   H  N N 35  
ARG HH11 H  N N 36  
ARG HH12 H  N N 37  
ARG HH21 H  N N 38  
ARG HH22 H  N N 39  
ARG HXT  H  N N 40  
ASN N    N  N N 41  
ASN CA   C  N S 42  
ASN C    C  N N 43  
ASN O    O  N N 44  
ASN CB   C  N N 45  
ASN CG   C  N N 46  
ASN OD1  O  N N 47  
ASN ND2  N  N N 48  
ASN OXT  O  N N 49  
ASN H    H  N N 50  
ASN H2   H  N N 51  
ASN HA   H  N N 52  
ASN HB2  H  N N 53  
ASN HB3  H  N N 54  
ASN HD21 H  N N 55  
ASN HD22 H  N N 56  
ASN HXT  H  N N 57  
ASP N    N  N N 58  
ASP CA   C  N S 59  
ASP C    C  N N 60  
ASP O    O  N N 61  
ASP CB   C  N N 62  
ASP CG   C  N N 63  
ASP OD1  O  N N 64  
ASP OD2  O  N N 65  
ASP OXT  O  N N 66  
ASP H    H  N N 67  
ASP H2   H  N N 68  
ASP HA   H  N N 69  
ASP HB2  H  N N 70  
ASP HB3  H  N N 71  
ASP HD2  H  N N 72  
ASP HXT  H  N N 73  
EDO C1   C  N N 74  
EDO O1   O  N N 75  
EDO C2   C  N N 76  
EDO O2   O  N N 77  
EDO H11  H  N N 78  
EDO H12  H  N N 79  
EDO HO1  H  N N 80  
EDO H21  H  N N 81  
EDO H22  H  N N 82  
EDO HO2  H  N N 83  
GLN N    N  N N 84  
GLN CA   C  N S 85  
GLN C    C  N N 86  
GLN O    O  N N 87  
GLN CB   C  N N 88  
GLN CG   C  N N 89  
GLN CD   C  N N 90  
GLN OE1  O  N N 91  
GLN NE2  N  N N 92  
GLN OXT  O  N N 93  
GLN H    H  N N 94  
GLN H2   H  N N 95  
GLN HA   H  N N 96  
GLN HB2  H  N N 97  
GLN HB3  H  N N 98  
GLN HG2  H  N N 99  
GLN HG3  H  N N 100 
GLN HE21 H  N N 101 
GLN HE22 H  N N 102 
GLN HXT  H  N N 103 
GLU N    N  N N 104 
GLU CA   C  N S 105 
GLU C    C  N N 106 
GLU O    O  N N 107 
GLU CB   C  N N 108 
GLU CG   C  N N 109 
GLU CD   C  N N 110 
GLU OE1  O  N N 111 
GLU OE2  O  N N 112 
GLU OXT  O  N N 113 
GLU H    H  N N 114 
GLU H2   H  N N 115 
GLU HA   H  N N 116 
GLU HB2  H  N N 117 
GLU HB3  H  N N 118 
GLU HG2  H  N N 119 
GLU HG3  H  N N 120 
GLU HE2  H  N N 121 
GLU HXT  H  N N 122 
GLY N    N  N N 123 
GLY CA   C  N N 124 
GLY C    C  N N 125 
GLY O    O  N N 126 
GLY OXT  O  N N 127 
GLY H    H  N N 128 
GLY H2   H  N N 129 
GLY HA2  H  N N 130 
GLY HA3  H  N N 131 
GLY HXT  H  N N 132 
HIS N    N  N N 133 
HIS CA   C  N S 134 
HIS C    C  N N 135 
HIS O    O  N N 136 
HIS CB   C  N N 137 
HIS CG   C  Y N 138 
HIS ND1  N  Y N 139 
HIS CD2  C  Y N 140 
HIS CE1  C  Y N 141 
HIS NE2  N  Y N 142 
HIS OXT  O  N N 143 
HIS H    H  N N 144 
HIS H2   H  N N 145 
HIS HA   H  N N 146 
HIS HB2  H  N N 147 
HIS HB3  H  N N 148 
HIS HD1  H  N N 149 
HIS HD2  H  N N 150 
HIS HE1  H  N N 151 
HIS HE2  H  N N 152 
HIS HXT  H  N N 153 
HOH O    O  N N 154 
HOH H1   H  N N 155 
HOH H2   H  N N 156 
ILE N    N  N N 157 
ILE CA   C  N S 158 
ILE C    C  N N 159 
ILE O    O  N N 160 
ILE CB   C  N S 161 
ILE CG1  C  N N 162 
ILE CG2  C  N N 163 
ILE CD1  C  N N 164 
ILE OXT  O  N N 165 
ILE H    H  N N 166 
ILE H2   H  N N 167 
ILE HA   H  N N 168 
ILE HB   H  N N 169 
ILE HG12 H  N N 170 
ILE HG13 H  N N 171 
ILE HG21 H  N N 172 
ILE HG22 H  N N 173 
ILE HG23 H  N N 174 
ILE HD11 H  N N 175 
ILE HD12 H  N N 176 
ILE HD13 H  N N 177 
ILE HXT  H  N N 178 
LEU N    N  N N 179 
LEU CA   C  N S 180 
LEU C    C  N N 181 
LEU O    O  N N 182 
LEU CB   C  N N 183 
LEU CG   C  N N 184 
LEU CD1  C  N N 185 
LEU CD2  C  N N 186 
LEU OXT  O  N N 187 
LEU H    H  N N 188 
LEU H2   H  N N 189 
LEU HA   H  N N 190 
LEU HB2  H  N N 191 
LEU HB3  H  N N 192 
LEU HG   H  N N 193 
LEU HD11 H  N N 194 
LEU HD12 H  N N 195 
LEU HD13 H  N N 196 
LEU HD21 H  N N 197 
LEU HD22 H  N N 198 
LEU HD23 H  N N 199 
LEU HXT  H  N N 200 
LYS N    N  N N 201 
LYS CA   C  N S 202 
LYS C    C  N N 203 
LYS O    O  N N 204 
LYS CB   C  N N 205 
LYS CG   C  N N 206 
LYS CD   C  N N 207 
LYS CE   C  N N 208 
LYS NZ   N  N N 209 
LYS OXT  O  N N 210 
LYS H    H  N N 211 
LYS H2   H  N N 212 
LYS HA   H  N N 213 
LYS HB2  H  N N 214 
LYS HB3  H  N N 215 
LYS HG2  H  N N 216 
LYS HG3  H  N N 217 
LYS HD2  H  N N 218 
LYS HD3  H  N N 219 
LYS HE2  H  N N 220 
LYS HE3  H  N N 221 
LYS HZ1  H  N N 222 
LYS HZ2  H  N N 223 
LYS HZ3  H  N N 224 
LYS HXT  H  N N 225 
MPD C1   C  N N 226 
MPD C2   C  N N 227 
MPD O2   O  N N 228 
MPD CM   C  N N 229 
MPD C3   C  N N 230 
MPD C4   C  N S 231 
MPD O4   O  N N 232 
MPD C5   C  N N 233 
MPD H11  H  N N 234 
MPD H12  H  N N 235 
MPD H13  H  N N 236 
MPD HO2  H  N N 237 
MPD HM1  H  N N 238 
MPD HM2  H  N N 239 
MPD HM3  H  N N 240 
MPD H31  H  N N 241 
MPD H32  H  N N 242 
MPD H4   H  N N 243 
MPD HO4  H  N N 244 
MPD H51  H  N N 245 
MPD H52  H  N N 246 
MPD H53  H  N N 247 
MSE N    N  N N 248 
MSE CA   C  N S 249 
MSE C    C  N N 250 
MSE O    O  N N 251 
MSE OXT  O  N N 252 
MSE CB   C  N N 253 
MSE CG   C  N N 254 
MSE SE   SE N N 255 
MSE CE   C  N N 256 
MSE H    H  N N 257 
MSE H2   H  N N 258 
MSE HA   H  N N 259 
MSE HXT  H  N N 260 
MSE HB2  H  N N 261 
MSE HB3  H  N N 262 
MSE HG2  H  N N 263 
MSE HG3  H  N N 264 
MSE HE1  H  N N 265 
MSE HE2  H  N N 266 
MSE HE3  H  N N 267 
PHE N    N  N N 268 
PHE CA   C  N S 269 
PHE C    C  N N 270 
PHE O    O  N N 271 
PHE CB   C  N N 272 
PHE CG   C  Y N 273 
PHE CD1  C  Y N 274 
PHE CD2  C  Y N 275 
PHE CE1  C  Y N 276 
PHE CE2  C  Y N 277 
PHE CZ   C  Y N 278 
PHE OXT  O  N N 279 
PHE H    H  N N 280 
PHE H2   H  N N 281 
PHE HA   H  N N 282 
PHE HB2  H  N N 283 
PHE HB3  H  N N 284 
PHE HD1  H  N N 285 
PHE HD2  H  N N 286 
PHE HE1  H  N N 287 
PHE HE2  H  N N 288 
PHE HZ   H  N N 289 
PHE HXT  H  N N 290 
PRO N    N  N N 291 
PRO CA   C  N S 292 
PRO C    C  N N 293 
PRO O    O  N N 294 
PRO CB   C  N N 295 
PRO CG   C  N N 296 
PRO CD   C  N N 297 
PRO OXT  O  N N 298 
PRO H    H  N N 299 
PRO HA   H  N N 300 
PRO HB2  H  N N 301 
PRO HB3  H  N N 302 
PRO HG2  H  N N 303 
PRO HG3  H  N N 304 
PRO HD2  H  N N 305 
PRO HD3  H  N N 306 
PRO HXT  H  N N 307 
SER N    N  N N 308 
SER CA   C  N S 309 
SER C    C  N N 310 
SER O    O  N N 311 
SER CB   C  N N 312 
SER OG   O  N N 313 
SER OXT  O  N N 314 
SER H    H  N N 315 
SER H2   H  N N 316 
SER HA   H  N N 317 
SER HB2  H  N N 318 
SER HB3  H  N N 319 
SER HG   H  N N 320 
SER HXT  H  N N 321 
THR N    N  N N 322 
THR CA   C  N S 323 
THR C    C  N N 324 
THR O    O  N N 325 
THR CB   C  N R 326 
THR OG1  O  N N 327 
THR CG2  C  N N 328 
THR OXT  O  N N 329 
THR H    H  N N 330 
THR H2   H  N N 331 
THR HA   H  N N 332 
THR HB   H  N N 333 
THR HG1  H  N N 334 
THR HG21 H  N N 335 
THR HG22 H  N N 336 
THR HG23 H  N N 337 
THR HXT  H  N N 338 
TRP N    N  N N 339 
TRP CA   C  N S 340 
TRP C    C  N N 341 
TRP O    O  N N 342 
TRP CB   C  N N 343 
TRP CG   C  Y N 344 
TRP CD1  C  Y N 345 
TRP CD2  C  Y N 346 
TRP NE1  N  Y N 347 
TRP CE2  C  Y N 348 
TRP CE3  C  Y N 349 
TRP CZ2  C  Y N 350 
TRP CZ3  C  Y N 351 
TRP CH2  C  Y N 352 
TRP OXT  O  N N 353 
TRP H    H  N N 354 
TRP H2   H  N N 355 
TRP HA   H  N N 356 
TRP HB2  H  N N 357 
TRP HB3  H  N N 358 
TRP HD1  H  N N 359 
TRP HE1  H  N N 360 
TRP HE3  H  N N 361 
TRP HZ2  H  N N 362 
TRP HZ3  H  N N 363 
TRP HH2  H  N N 364 
TRP HXT  H  N N 365 
VAL N    N  N N 366 
VAL CA   C  N S 367 
VAL C    C  N N 368 
VAL O    O  N N 369 
VAL CB   C  N N 370 
VAL CG1  C  N N 371 
VAL CG2  C  N N 372 
VAL OXT  O  N N 373 
VAL H    H  N N 374 
VAL H2   H  N N 375 
VAL HA   H  N N 376 
VAL HB   H  N N 377 
VAL HG11 H  N N 378 
VAL HG12 H  N N 379 
VAL HG13 H  N N 380 
VAL HG21 H  N N 381 
VAL HG22 H  N N 382 
VAL HG23 H  N N 383 
VAL HXT  H  N N 384 
# 
loop_
_chem_comp_bond.comp_id 
_chem_comp_bond.atom_id_1 
_chem_comp_bond.atom_id_2 
_chem_comp_bond.value_order 
_chem_comp_bond.pdbx_aromatic_flag 
_chem_comp_bond.pdbx_stereo_config 
_chem_comp_bond.pdbx_ordinal 
ALA N   CA   sing N N 1   
ALA N   H    sing N N 2   
ALA N   H2   sing N N 3   
ALA CA  C    sing N N 4   
ALA CA  CB   sing N N 5   
ALA CA  HA   sing N N 6   
ALA C   O    doub N N 7   
ALA C   OXT  sing N N 8   
ALA CB  HB1  sing N N 9   
ALA CB  HB2  sing N N 10  
ALA CB  HB3  sing N N 11  
ALA OXT HXT  sing N N 12  
ARG N   CA   sing N N 13  
ARG N   H    sing N N 14  
ARG N   H2   sing N N 15  
ARG CA  C    sing N N 16  
ARG CA  CB   sing N N 17  
ARG CA  HA   sing N N 18  
ARG C   O    doub N N 19  
ARG C   OXT  sing N N 20  
ARG CB  CG   sing N N 21  
ARG CB  HB2  sing N N 22  
ARG CB  HB3  sing N N 23  
ARG CG  CD   sing N N 24  
ARG CG  HG2  sing N N 25  
ARG CG  HG3  sing N N 26  
ARG CD  NE   sing N N 27  
ARG CD  HD2  sing N N 28  
ARG CD  HD3  sing N N 29  
ARG NE  CZ   sing N N 30  
ARG NE  HE   sing N N 31  
ARG CZ  NH1  sing N N 32  
ARG CZ  NH2  doub N N 33  
ARG NH1 HH11 sing N N 34  
ARG NH1 HH12 sing N N 35  
ARG NH2 HH21 sing N N 36  
ARG NH2 HH22 sing N N 37  
ARG OXT HXT  sing N N 38  
ASN N   CA   sing N N 39  
ASN N   H    sing N N 40  
ASN N   H2   sing N N 41  
ASN CA  C    sing N N 42  
ASN CA  CB   sing N N 43  
ASN CA  HA   sing N N 44  
ASN C   O    doub N N 45  
ASN C   OXT  sing N N 46  
ASN CB  CG   sing N N 47  
ASN CB  HB2  sing N N 48  
ASN CB  HB3  sing N N 49  
ASN CG  OD1  doub N N 50  
ASN CG  ND2  sing N N 51  
ASN ND2 HD21 sing N N 52  
ASN ND2 HD22 sing N N 53  
ASN OXT HXT  sing N N 54  
ASP N   CA   sing N N 55  
ASP N   H    sing N N 56  
ASP N   H2   sing N N 57  
ASP CA  C    sing N N 58  
ASP CA  CB   sing N N 59  
ASP CA  HA   sing N N 60  
ASP C   O    doub N N 61  
ASP C   OXT  sing N N 62  
ASP CB  CG   sing N N 63  
ASP CB  HB2  sing N N 64  
ASP CB  HB3  sing N N 65  
ASP CG  OD1  doub N N 66  
ASP CG  OD2  sing N N 67  
ASP OD2 HD2  sing N N 68  
ASP OXT HXT  sing N N 69  
EDO C1  O1   sing N N 70  
EDO C1  C2   sing N N 71  
EDO C1  H11  sing N N 72  
EDO C1  H12  sing N N 73  
EDO O1  HO1  sing N N 74  
EDO C2  O2   sing N N 75  
EDO C2  H21  sing N N 76  
EDO C2  H22  sing N N 77  
EDO O2  HO2  sing N N 78  
GLN N   CA   sing N N 79  
GLN N   H    sing N N 80  
GLN N   H2   sing N N 81  
GLN CA  C    sing N N 82  
GLN CA  CB   sing N N 83  
GLN CA  HA   sing N N 84  
GLN C   O    doub N N 85  
GLN C   OXT  sing N N 86  
GLN CB  CG   sing N N 87  
GLN CB  HB2  sing N N 88  
GLN CB  HB3  sing N N 89  
GLN CG  CD   sing N N 90  
GLN CG  HG2  sing N N 91  
GLN CG  HG3  sing N N 92  
GLN CD  OE1  doub N N 93  
GLN CD  NE2  sing N N 94  
GLN NE2 HE21 sing N N 95  
GLN NE2 HE22 sing N N 96  
GLN OXT HXT  sing N N 97  
GLU N   CA   sing N N 98  
GLU N   H    sing N N 99  
GLU N   H2   sing N N 100 
GLU CA  C    sing N N 101 
GLU CA  CB   sing N N 102 
GLU CA  HA   sing N N 103 
GLU C   O    doub N N 104 
GLU C   OXT  sing N N 105 
GLU CB  CG   sing N N 106 
GLU CB  HB2  sing N N 107 
GLU CB  HB3  sing N N 108 
GLU CG  CD   sing N N 109 
GLU CG  HG2  sing N N 110 
GLU CG  HG3  sing N N 111 
GLU CD  OE1  doub N N 112 
GLU CD  OE2  sing N N 113 
GLU OE2 HE2  sing N N 114 
GLU OXT HXT  sing N N 115 
GLY N   CA   sing N N 116 
GLY N   H    sing N N 117 
GLY N   H2   sing N N 118 
GLY CA  C    sing N N 119 
GLY CA  HA2  sing N N 120 
GLY CA  HA3  sing N N 121 
GLY C   O    doub N N 122 
GLY C   OXT  sing N N 123 
GLY OXT HXT  sing N N 124 
HIS N   CA   sing N N 125 
HIS N   H    sing N N 126 
HIS N   H2   sing N N 127 
HIS CA  C    sing N N 128 
HIS CA  CB   sing N N 129 
HIS CA  HA   sing N N 130 
HIS C   O    doub N N 131 
HIS C   OXT  sing N N 132 
HIS CB  CG   sing N N 133 
HIS CB  HB2  sing N N 134 
HIS CB  HB3  sing N N 135 
HIS CG  ND1  sing Y N 136 
HIS CG  CD2  doub Y N 137 
HIS ND1 CE1  doub Y N 138 
HIS ND1 HD1  sing N N 139 
HIS CD2 NE2  sing Y N 140 
HIS CD2 HD2  sing N N 141 
HIS CE1 NE2  sing Y N 142 
HIS CE1 HE1  sing N N 143 
HIS NE2 HE2  sing N N 144 
HIS OXT HXT  sing N N 145 
HOH O   H1   sing N N 146 
HOH O   H2   sing N N 147 
ILE N   CA   sing N N 148 
ILE N   H    sing N N 149 
ILE N   H2   sing N N 150 
ILE CA  C    sing N N 151 
ILE CA  CB   sing N N 152 
ILE CA  HA   sing N N 153 
ILE C   O    doub N N 154 
ILE C   OXT  sing N N 155 
ILE CB  CG1  sing N N 156 
ILE CB  CG2  sing N N 157 
ILE CB  HB   sing N N 158 
ILE CG1 CD1  sing N N 159 
ILE CG1 HG12 sing N N 160 
ILE CG1 HG13 sing N N 161 
ILE CG2 HG21 sing N N 162 
ILE CG2 HG22 sing N N 163 
ILE CG2 HG23 sing N N 164 
ILE CD1 HD11 sing N N 165 
ILE CD1 HD12 sing N N 166 
ILE CD1 HD13 sing N N 167 
ILE OXT HXT  sing N N 168 
LEU N   CA   sing N N 169 
LEU N   H    sing N N 170 
LEU N   H2   sing N N 171 
LEU CA  C    sing N N 172 
LEU CA  CB   sing N N 173 
LEU CA  HA   sing N N 174 
LEU C   O    doub N N 175 
LEU C   OXT  sing N N 176 
LEU CB  CG   sing N N 177 
LEU CB  HB2  sing N N 178 
LEU CB  HB3  sing N N 179 
LEU CG  CD1  sing N N 180 
LEU CG  CD2  sing N N 181 
LEU CG  HG   sing N N 182 
LEU CD1 HD11 sing N N 183 
LEU CD1 HD12 sing N N 184 
LEU CD1 HD13 sing N N 185 
LEU CD2 HD21 sing N N 186 
LEU CD2 HD22 sing N N 187 
LEU CD2 HD23 sing N N 188 
LEU OXT HXT  sing N N 189 
LYS N   CA   sing N N 190 
LYS N   H    sing N N 191 
LYS N   H2   sing N N 192 
LYS CA  C    sing N N 193 
LYS CA  CB   sing N N 194 
LYS CA  HA   sing N N 195 
LYS C   O    doub N N 196 
LYS C   OXT  sing N N 197 
LYS CB  CG   sing N N 198 
LYS CB  HB2  sing N N 199 
LYS CB  HB3  sing N N 200 
LYS CG  CD   sing N N 201 
LYS CG  HG2  sing N N 202 
LYS CG  HG3  sing N N 203 
LYS CD  CE   sing N N 204 
LYS CD  HD2  sing N N 205 
LYS CD  HD3  sing N N 206 
LYS CE  NZ   sing N N 207 
LYS CE  HE2  sing N N 208 
LYS CE  HE3  sing N N 209 
LYS NZ  HZ1  sing N N 210 
LYS NZ  HZ2  sing N N 211 
LYS NZ  HZ3  sing N N 212 
LYS OXT HXT  sing N N 213 
MPD C1  C2   sing N N 214 
MPD C1  H11  sing N N 215 
MPD C1  H12  sing N N 216 
MPD C1  H13  sing N N 217 
MPD C2  O2   sing N N 218 
MPD C2  CM   sing N N 219 
MPD C2  C3   sing N N 220 
MPD O2  HO2  sing N N 221 
MPD CM  HM1  sing N N 222 
MPD CM  HM2  sing N N 223 
MPD CM  HM3  sing N N 224 
MPD C3  C4   sing N N 225 
MPD C3  H31  sing N N 226 
MPD C3  H32  sing N N 227 
MPD C4  O4   sing N N 228 
MPD C4  C5   sing N N 229 
MPD C4  H4   sing N N 230 
MPD O4  HO4  sing N N 231 
MPD C5  H51  sing N N 232 
MPD C5  H52  sing N N 233 
MPD C5  H53  sing N N 234 
MSE N   CA   sing N N 235 
MSE N   H    sing N N 236 
MSE N   H2   sing N N 237 
MSE CA  C    sing N N 238 
MSE CA  CB   sing N N 239 
MSE CA  HA   sing N N 240 
MSE C   O    doub N N 241 
MSE C   OXT  sing N N 242 
MSE OXT HXT  sing N N 243 
MSE CB  CG   sing N N 244 
MSE CB  HB2  sing N N 245 
MSE CB  HB3  sing N N 246 
MSE CG  SE   sing N N 247 
MSE CG  HG2  sing N N 248 
MSE CG  HG3  sing N N 249 
MSE SE  CE   sing N N 250 
MSE CE  HE1  sing N N 251 
MSE CE  HE2  sing N N 252 
MSE CE  HE3  sing N N 253 
PHE N   CA   sing N N 254 
PHE N   H    sing N N 255 
PHE N   H2   sing N N 256 
PHE CA  C    sing N N 257 
PHE CA  CB   sing N N 258 
PHE CA  HA   sing N N 259 
PHE C   O    doub N N 260 
PHE C   OXT  sing N N 261 
PHE CB  CG   sing N N 262 
PHE CB  HB2  sing N N 263 
PHE CB  HB3  sing N N 264 
PHE CG  CD1  doub Y N 265 
PHE CG  CD2  sing Y N 266 
PHE CD1 CE1  sing Y N 267 
PHE CD1 HD1  sing N N 268 
PHE CD2 CE2  doub Y N 269 
PHE CD2 HD2  sing N N 270 
PHE CE1 CZ   doub Y N 271 
PHE CE1 HE1  sing N N 272 
PHE CE2 CZ   sing Y N 273 
PHE CE2 HE2  sing N N 274 
PHE CZ  HZ   sing N N 275 
PHE OXT HXT  sing N N 276 
PRO N   CA   sing N N 277 
PRO N   CD   sing N N 278 
PRO N   H    sing N N 279 
PRO CA  C    sing N N 280 
PRO CA  CB   sing N N 281 
PRO CA  HA   sing N N 282 
PRO C   O    doub N N 283 
PRO C   OXT  sing N N 284 
PRO CB  CG   sing N N 285 
PRO CB  HB2  sing N N 286 
PRO CB  HB3  sing N N 287 
PRO CG  CD   sing N N 288 
PRO CG  HG2  sing N N 289 
PRO CG  HG3  sing N N 290 
PRO CD  HD2  sing N N 291 
PRO CD  HD3  sing N N 292 
PRO OXT HXT  sing N N 293 
SER N   CA   sing N N 294 
SER N   H    sing N N 295 
SER N   H2   sing N N 296 
SER CA  C    sing N N 297 
SER CA  CB   sing N N 298 
SER CA  HA   sing N N 299 
SER C   O    doub N N 300 
SER C   OXT  sing N N 301 
SER CB  OG   sing N N 302 
SER CB  HB2  sing N N 303 
SER CB  HB3  sing N N 304 
SER OG  HG   sing N N 305 
SER OXT HXT  sing N N 306 
THR N   CA   sing N N 307 
THR N   H    sing N N 308 
THR N   H2   sing N N 309 
THR CA  C    sing N N 310 
THR CA  CB   sing N N 311 
THR CA  HA   sing N N 312 
THR C   O    doub N N 313 
THR C   OXT  sing N N 314 
THR CB  OG1  sing N N 315 
THR CB  CG2  sing N N 316 
THR CB  HB   sing N N 317 
THR OG1 HG1  sing N N 318 
THR CG2 HG21 sing N N 319 
THR CG2 HG22 sing N N 320 
THR CG2 HG23 sing N N 321 
THR OXT HXT  sing N N 322 
TRP N   CA   sing N N 323 
TRP N   H    sing N N 324 
TRP N   H2   sing N N 325 
TRP CA  C    sing N N 326 
TRP CA  CB   sing N N 327 
TRP CA  HA   sing N N 328 
TRP C   O    doub N N 329 
TRP C   OXT  sing N N 330 
TRP CB  CG   sing N N 331 
TRP CB  HB2  sing N N 332 
TRP CB  HB3  sing N N 333 
TRP CG  CD1  doub Y N 334 
TRP CG  CD2  sing Y N 335 
TRP CD1 NE1  sing Y N 336 
TRP CD1 HD1  sing N N 337 
TRP CD2 CE2  doub Y N 338 
TRP CD2 CE3  sing Y N 339 
TRP NE1 CE2  sing Y N 340 
TRP NE1 HE1  sing N N 341 
TRP CE2 CZ2  sing Y N 342 
TRP CE3 CZ3  doub Y N 343 
TRP CE3 HE3  sing N N 344 
TRP CZ2 CH2  doub Y N 345 
TRP CZ2 HZ2  sing N N 346 
TRP CZ3 CH2  sing Y N 347 
TRP CZ3 HZ3  sing N N 348 
TRP CH2 HH2  sing N N 349 
TRP OXT HXT  sing N N 350 
VAL N   CA   sing N N 351 
VAL N   H    sing N N 352 
VAL N   H2   sing N N 353 
VAL CA  C    sing N N 354 
VAL CA  CB   sing N N 355 
VAL CA  HA   sing N N 356 
VAL C   O    doub N N 357 
VAL C   OXT  sing N N 358 
VAL CB  CG1  sing N N 359 
VAL CB  CG2  sing N N 360 
VAL CB  HB   sing N N 361 
VAL CG1 HG11 sing N N 362 
VAL CG1 HG12 sing N N 363 
VAL CG1 HG13 sing N N 364 
VAL CG2 HG21 sing N N 365 
VAL CG2 HG22 sing N N 366 
VAL CG2 HG23 sing N N 367 
VAL OXT HXT  sing N N 368 
# 
_atom_sites.entry_id                    6C4Q 
_atom_sites.fract_transf_matrix[1][1]   0.00368892 
_atom_sites.fract_transf_matrix[1][2]   -0.01189526 
_atom_sites.fract_transf_matrix[1][3]   -0.01470730 
_atom_sites.fract_transf_matrix[2][1]   -0.00630728 
_atom_sites.fract_transf_matrix[2][2]   0.01335330 
_atom_sites.fract_transf_matrix[2][3]   -0.01238215 
_atom_sites.fract_transf_matrix[3][1]   0.01243284 
_atom_sites.fract_transf_matrix[3][2]   0.00500815 
_atom_sites.fract_transf_matrix[3][3]   -0.00093216 
_atom_sites.fract_transf_vector[1]      -0.125077 
_atom_sites.fract_transf_vector[2]      0.414397 
_atom_sites.fract_transf_vector[3]      0.168951 
# 
loop_
_atom_type.symbol 
C  
N  
O  
SE 
# 
loop_
_atom_site.group_PDB 
_atom_site.id 
_atom_site.type_symbol 
_atom_site.label_atom_id 
_atom_site.label_alt_id 
_atom_site.label_comp_id 
_atom_site.label_asym_id 
_atom_site.label_entity_id 
_atom_site.label_seq_id 
_atom_site.pdbx_PDB_ins_code 
_atom_site.Cartn_x 
_atom_site.Cartn_y 
_atom_site.Cartn_z 
_atom_site.occupancy 
_atom_site.B_iso_or_equiv 
_atom_site.pdbx_formal_charge 
_atom_site.auth_seq_id 
_atom_site.auth_comp_id 
_atom_site.auth_asym_id 
_atom_site.auth_atom_id 
_atom_site.pdbx_PDB_model_num 
ATOM   1   N  N   . ALA A 1 14 ? 4.169   -14.951 -20.540 1.00 46.32 ? 11  ALA A N   1 
ATOM   2   C  CA  . ALA A 1 14 ? 3.475   -16.240 -20.206 1.00 44.09 ? 11  ALA A CA  1 
ATOM   3   C  C   . ALA A 1 14 ? 2.364   -16.029 -19.165 1.00 39.85 ? 11  ALA A C   1 
ATOM   4   O  O   . ALA A 1 14 ? 2.428   -15.073 -18.389 1.00 37.84 ? 11  ALA A O   1 
ATOM   5   C  CB  . ALA A 1 14 ? 4.481   -17.264 -19.698 1.00 44.61 ? 11  ALA A CB  1 
ATOM   6   N  N   . PRO A 1 15 ? 1.341   -16.918 -19.147 1.00 38.39 ? 12  PRO A N   1 
ATOM   7   C  CA  . PRO A 1 15 ? 0.225   -16.832 -18.194 1.00 35.37 ? 12  PRO A CA  1 
ATOM   8   C  C   . PRO A 1 15 ? 0.613   -16.540 -16.743 1.00 32.58 ? 12  PRO A C   1 
ATOM   9   O  O   . PRO A 1 15 ? 0.045   -15.635 -16.127 1.00 31.36 ? 12  PRO A O   1 
ATOM   10  C  CB  . PRO A 1 15 ? -0.415  -18.217 -18.292 1.00 36.37 ? 12  PRO A CB  1 
ATOM   11  C  CG  . PRO A 1 15 ? -0.188  -18.619 -19.709 1.00 40.75 ? 12  PRO A CG  1 
ATOM   12  C  CD  . PRO A 1 15 ? 1.084   -17.949 -20.172 1.00 42.00 ? 12  PRO A CD  1 
ATOM   13  N  N   . ALA A 1 16 ? 1.583   -17.277 -16.206 1.00 30.33 ? 13  ALA A N   1 
ATOM   14  C  CA  . ALA A 1 16 ? 1.962   -17.087 -14.807 1.00 28.78 ? 13  ALA A CA  1 
ATOM   15  C  C   . ALA A 1 16 ? 2.654   -15.736 -14.563 1.00 27.96 ? 13  ALA A C   1 
ATOM   16  O  O   . ALA A 1 16 ? 2.669   -15.270 -13.428 1.00 28.87 ? 13  ALA A O   1 
ATOM   17  C  CB  . ALA A 1 16 ? 2.797   -18.254 -14.321 1.00 28.82 ? 13  ALA A CB  1 
ATOM   18  N  N   . GLU A 1 17 ? 3.206   -15.111 -15.610 1.00 30.53 ? 14  GLU A N   1 
ATOM   19  C  CA  . GLU A 1 17 ? 3.828   -13.774 -15.519 1.00 30.43 ? 14  GLU A CA  1 
ATOM   20  C  C   . GLU A 1 17 ? 2.728   -12.685 -15.490 1.00 26.49 ? 14  GLU A C   1 
ATOM   21  O  O   . GLU A 1 17 ? 2.769   -11.739 -14.681 1.00 27.00 ? 14  GLU A O   1 
ATOM   22  C  CB  . GLU A 1 17 ? 4.787   -13.542 -16.687 1.00 35.57 ? 14  GLU A CB  1 
ATOM   23  C  CG  . GLU A 1 17 ? 5.896   -14.589 -16.791 1.00 40.06 ? 14  GLU A CG  1 
ATOM   24  C  CD  . GLU A 1 17 ? 6.779   -14.414 -18.011 1.00 45.98 ? 14  GLU A CD  1 
ATOM   25  O  OE1 . GLU A 1 17 ? 6.851   -13.290 -18.560 1.00 51.38 ? 14  GLU A OE1 1 
ATOM   26  O  OE2 . GLU A 1 17 ? 7.419   -15.408 -18.416 1.00 49.46 ? 14  GLU A OE2 1 
ATOM   27  N  N   . ARG A 1 18 ? 1.735   -12.837 -16.355 1.00 25.02 ? 15  ARG A N   1 
ATOM   28  C  CA  . ARG A 1 18 ? 0.594   -11.929 -16.384 1.00 24.28 ? 15  ARG A CA  1 
ATOM   29  C  C   . ARG A 1 18 ? -0.213  -12.080 -15.096 1.00 20.36 ? 15  ARG A C   1 
ATOM   30  O  O   . ARG A 1 18 ? -0.963  -11.173 -14.701 1.00 21.66 ? 15  ARG A O   1 
ATOM   31  C  CB  . ARG A 1 18 ? -0.304  -12.221 -17.590 1.00 29.12 ? 15  ARG A CB  1 
ATOM   32  C  CG  . ARG A 1 18 ? 0.387   -12.061 -18.941 1.00 34.97 ? 15  ARG A CG  1 
ATOM   33  C  CD  . ARG A 1 18 ? -0.585  -12.192 -20.111 1.00 40.72 ? 15  ARG A CD  1 
ATOM   34  N  NE  . ARG A 1 18 ? -1.225  -13.508 -20.156 1.00 42.81 ? 15  ARG A NE  1 
ATOM   35  C  CZ  . ARG A 1 18 ? -2.124  -13.890 -21.066 1.00 48.14 ? 15  ARG A CZ  1 
ATOM   36  N  NH1 . ARG A 1 18 ? -2.512  -13.063 -22.037 1.00 52.82 ? 15  ARG A NH1 1 
ATOM   37  N  NH2 . ARG A 1 18 ? -2.640  -15.118 -21.004 1.00 49.45 ? 15  ARG A NH2 1 
ATOM   38  N  N   . ALA A 1 19 ? -0.009  -13.198 -14.419 1.00 16.86 ? 16  ALA A N   1 
ATOM   39  C  CA  . ALA A 1 19 ? -0.766  -13.513 -13.223 1.00 15.14 ? 16  ALA A CA  1 
ATOM   40  C  C   . ALA A 1 19 ? -0.405  -12.712 -11.997 1.00 13.96 ? 16  ALA A C   1 
ATOM   41  O  O   . ALA A 1 19 ? -1.264  -12.539 -11.119 1.00 13.79 ? 16  ALA A O   1 
ATOM   42  C  CB  . ALA A 1 19 ? -0.576  -14.981 -12.877 1.00 16.32 ? 16  ALA A CB  1 
ATOM   43  N  N   A GLU A 1 20 ? 0.836   -12.244 -11.914 0.50 12.70 ? 17  GLU A N   1 
ATOM   44  N  N   B GLU A 1 20 ? 0.844   -12.291 -11.888 0.50 12.63 ? 17  GLU A N   1 
ATOM   45  C  CA  A GLU A 1 20 ? 1.330   -11.585 -10.717 0.50 12.86 ? 17  GLU A CA  1 
ATOM   46  C  CA  B GLU A 1 20 ? 1.287   -11.630 -10.689 0.50 12.11 ? 17  GLU A CA  1 
ATOM   47  C  C   A GLU A 1 20 ? 0.645   -10.276 -10.416 0.50 13.60 ? 17  GLU A C   1 
ATOM   48  C  C   B GLU A 1 20 ? 0.521   -10.353 -10.398 0.50 11.16 ? 17  GLU A C   1 
ATOM   49  O  O   A GLU A 1 20 ? 0.276   -9.533  -11.330 0.50 13.48 ? 17  GLU A O   1 
ATOM   50  O  O   B GLU A 1 20 ? -0.041  -9.722  -11.294 0.50 14.11 ? 17  GLU A O   1 
ATOM   51  C  CB  A GLU A 1 20 ? 2.842   -11.324 -10.825 0.50 15.87 ? 17  GLU A CB  1 
ATOM   52  C  CB  B GLU A 1 20 ? 2.798   -11.326 -10.744 0.50 15.12 ? 17  GLU A CB  1 
ATOM   53  C  CG  A GLU A 1 20 ? 3.660   -12.557 -11.146 0.50 16.74 ? 17  GLU A CG  1 
ATOM   54  C  CG  B GLU A 1 20 ? 3.726   -12.507 -10.457 0.50 18.16 ? 17  GLU A CG  1 
ATOM   55  C  CD  A GLU A 1 20 ? 5.159   -12.315 -11.119 0.50 21.44 ? 17  GLU A CD  1 
ATOM   56  C  CD  B GLU A 1 20 ? 3.926   -13.447 -11.633 0.50 21.89 ? 17  GLU A CD  1 
ATOM   57  O  OE1 A GLU A 1 20 ? 5.645   -11.597 -10.227 0.50 30.13 ? 17  GLU A OE1 1 
ATOM   58  O  OE1 B GLU A 1 20 ? 3.436   -13.142 -12.731 0.50 20.31 ? 17  GLU A OE1 1 
ATOM   59  O  OE2 A GLU A 1 20 ? 5.851   -12.888 -11.974 0.50 24.25 ? 17  GLU A OE2 1 
ATOM   60  O  OE2 B GLU A 1 20 ? 4.590   -14.491 -11.467 0.50 27.86 ? 17  GLU A OE2 1 
ATOM   61  N  N   . LEU A 1 21 ? 0.516   -9.993  -9.122  1.00 11.80 ? 18  LEU A N   1 
ATOM   62  C  CA  . LEU A 1 21 ? -0.033  -8.741  -8.668  1.00 11.33 ? 18  LEU A CA  1 
ATOM   63  C  C   . LEU A 1 21 ? 0.873   -7.634  -9.225  1.00 11.09 ? 18  LEU A C   1 
ATOM   64  O  O   . LEU A 1 21 ? 2.096   -7.689  -9.101  1.00 11.98 ? 18  LEU A O   1 
ATOM   65  C  CB  . LEU A 1 21 ? -0.019  -8.708  -7.148  1.00 10.73 ? 18  LEU A CB  1 
ATOM   66  C  CG  . LEU A 1 21 ? -0.684  -7.524  -6.455  1.00 11.45 ? 18  LEU A CG  1 
ATOM   67  C  CD1 . LEU A 1 21 ? -2.185  -7.518  -6.664  1.00 12.92 ? 18  LEU A CD1 1 
ATOM   68  C  CD2 . LEU A 1 21 ? -0.376  -7.584  -4.977  1.00 12.02 ? 18  LEU A CD2 1 
ATOM   69  N  N   . THR A 1 22 ? 0.264   -6.637  -9.854  1.00 10.69 ? 19  THR A N   1 
ATOM   70  C  CA  . THR A 1 22 ? 0.990   -5.550  -10.529 1.00 11.52 ? 19  THR A CA  1 
ATOM   71  C  C   . THR A 1 22 ? 1.063   -4.275  -9.694  1.00 10.10 ? 19  THR A C   1 
ATOM   72  O  O   . THR A 1 22 ? 0.339   -4.112  -8.710  1.00 10.19 ? 19  THR A O   1 
ATOM   73  C  CB  . THR A 1 22 ? 0.295   -5.208  -11.861 1.00 12.93 ? 19  THR A CB  1 
ATOM   74  O  OG1 . THR A 1 22 ? -0.953  -4.582  -11.590 1.00 12.94 ? 19  THR A OG1 1 
ATOM   75  C  CG2 . THR A 1 22 ? 0.098   -6.460  -12.729 1.00 16.45 ? 19  THR A CG2 1 
ATOM   76  N  N   . VAL A 1 23 ? 1.946   -3.359  -10.101 1.00 10.76 ? 20  VAL A N   1 
ATOM   77  C  CA  . VAL A 1 23 ? 2.049   -2.068  -9.432  1.00 10.46 ? 20  VAL A CA  1 
ATOM   78  C  C   . VAL A 1 23 ? 0.712   -1.287  -9.510  1.00 10.83 ? 20  VAL A C   1 
ATOM   79  O  O   . VAL A 1 23 ? 0.239   -0.784  -8.485  1.00 10.72 ? 20  VAL A O   1 
ATOM   80  C  CB  . VAL A 1 23 ? 3.253   -1.252  -9.917  1.00 11.53 ? 20  VAL A CB  1 
ATOM   81  C  CG1 . VAL A 1 23 ? 3.229   0.119   -9.277  1.00 12.66 ? 20  VAL A CG1 1 
ATOM   82  C  CG2 . VAL A 1 23 ? 4.530   -1.992  -9.563  1.00 12.74 ? 20  VAL A CG2 1 
ATOM   83  N  N   . PRO A 1 24 ? 0.059   -1.220  -10.696 1.00 11.43 ? 21  PRO A N   1 
ATOM   84  C  CA  . PRO A 1 24 ? -1.247  -0.537  -10.712 1.00 11.80 ? 21  PRO A CA  1 
ATOM   85  C  C   . PRO A 1 24 ? -2.270  -1.182  -9.769  1.00 11.16 ? 21  PRO A C   1 
ATOM   86  O  O   . PRO A 1 24 ? -3.052  -0.469  -9.131  1.00 11.31 ? 21  PRO A O   1 
ATOM   87  C  CB  . PRO A 1 24 ? -1.681  -0.620  -12.185 1.00 14.05 ? 21  PRO A CB  1 
ATOM   88  C  CG  . PRO A 1 24 ? -0.393  -0.697  -12.929 1.00 15.20 ? 21  PRO A CG  1 
ATOM   89  C  CD  . PRO A 1 24 ? 0.546   -1.482  -12.062 1.00 12.04 ? 21  PRO A CD  1 
ATOM   90  N  N   A GLU A 1 25 ? -2.277  -2.518  -9.690  0.50 10.13 ? 22  GLU A N   1 
ATOM   91  N  N   B GLU A 1 25 ? -2.271  -2.512  -9.674  0.50 10.68 ? 22  GLU A N   1 
ATOM   92  C  CA  A GLU A 1 25 ? -3.174  -3.193  -8.747  0.50 10.30 ? 22  GLU A CA  1 
ATOM   93  C  CA  B GLU A 1 25 ? -3.180  -3.179  -8.743  0.50 10.76 ? 22  GLU A CA  1 
ATOM   94  C  C   A GLU A 1 25 ? -2.835  -2.839  -7.297  0.50 9.77  ? 22  GLU A C   1 
ATOM   95  C  C   B GLU A 1 25 ? -2.835  -2.887  -7.283  0.50 9.95  ? 22  GLU A C   1 
ATOM   96  O  O   A GLU A 1 25 ? -3.736  -2.604  -6.486  0.50 10.26 ? 22  GLU A O   1 
ATOM   97  O  O   B GLU A 1 25 ? -3.733  -2.749  -6.446  0.50 10.36 ? 22  GLU A O   1 
ATOM   98  C  CB  A GLU A 1 25 ? -3.120  -4.713  -8.918  0.50 9.88  ? 22  GLU A CB  1 
ATOM   99  C  CB  B GLU A 1 25 ? -3.178  -4.677  -9.007  0.50 10.97 ? 22  GLU A CB  1 
ATOM   100 C  CG  A GLU A 1 25 ? -3.837  -5.261  -10.154 0.50 10.98 ? 22  GLU A CG  1 
ATOM   101 C  CG  B GLU A 1 25 ? -3.869  -5.045  -10.314 0.50 11.52 ? 22  GLU A CG  1 
ATOM   102 C  CD  A GLU A 1 25 ? -3.798  -6.786  -10.227 0.50 10.15 ? 22  GLU A CD  1 
ATOM   103 C  CD  B GLU A 1 25 ? -3.499  -6.424  -10.822 0.50 13.19 ? 22  GLU A CD  1 
ATOM   104 O  OE1 A GLU A 1 25 ? -2.768  -7.398  -9.992  0.50 9.55  ? 22  GLU A OE1 1 
ATOM   105 O  OE1 B GLU A 1 25 ? -2.301  -6.746  -10.908 0.50 14.10 ? 22  GLU A OE1 1 
ATOM   106 O  OE2 A GLU A 1 25 ? -4.810  -7.380  -10.493 0.50 13.26 ? 22  GLU A OE2 1 
ATOM   107 O  OE2 B GLU A 1 25 ? -4.408  -7.174  -11.277 0.50 14.50 ? 22  GLU A OE2 1 
HETATM 108 N  N   . MSE A 1 26 ? -1.544  -2.790  -6.977  1.00 9.51  ? 23  MSE A N   1 
HETATM 109 C  CA  . MSE A 1 26 ? -1.118  -2.486  -5.612  1.00 9.09  ? 23  MSE A CA  1 
HETATM 110 C  C   . MSE A 1 26 ? -1.486  -1.052  -5.243  1.00 9.02  ? 23  MSE A C   1 
HETATM 111 O  O   . MSE A 1 26 ? -1.946  -0.783  -4.124  1.00 9.59  ? 23  MSE A O   1 
HETATM 112 C  CB  . MSE A 1 26 ? 0.368   -2.777  -5.498  1.00 9.19  ? 23  MSE A CB  1 
HETATM 113 C  CG  . MSE A 1 26 ? 0.901   -2.705  -4.071  1.00 9.47  ? 23  MSE A CG  1 
HETATM 114 SE SE  . MSE A 1 26 ? 0.274   -4.150  -2.941  1.00 12.76 ? 23  MSE A SE  1 
HETATM 115 C  CE  . MSE A 1 26 ? -0.755  -3.101  -1.700  1.00 11.13 ? 23  MSE A CE  1 
ATOM   116 N  N   . ARG A 1 27 ? -1.297  -0.122  -6.185  1.00 9.14  ? 24  ARG A N   1 
ATOM   117 C  CA  . ARG A 1 27 ? -1.709  1.261   -5.964  1.00 9.38  ? 24  ARG A CA  1 
ATOM   118 C  C   . ARG A 1 27 ? -3.210  1.347   -5.720  1.00 9.65  ? 24  ARG A C   1 
ATOM   119 O  O   . ARG A 1 27 ? -3.678  2.045   -4.817  1.00 9.98  ? 24  ARG A O   1 
ATOM   120 C  CB  . ARG A 1 27 ? -1.332  2.129   -7.154  1.00 10.05 ? 24  ARG A CB  1 
ATOM   121 C  CG  . ARG A 1 27 ? 0.166   2.362   -7.317  1.00 10.10 ? 24  ARG A CG  1 
ATOM   122 C  CD  . ARG A 1 27 ? 0.537   2.912   -8.684  1.00 13.02 ? 24  ARG A CD  1 
ATOM   123 N  NE  . ARG A 1 27 ? -0.324  4.014   -9.024  1.00 13.27 ? 24  ARG A NE  1 
ATOM   124 C  CZ  . ARG A 1 27 ? -1.017  4.153   -10.140 1.00 14.64 ? 24  ARG A CZ  1 
ATOM   125 N  NH1 . ARG A 1 27 ? -0.798  3.367   -11.200 1.00 16.80 ? 24  ARG A NH1 1 
ATOM   126 N  NH2 . ARG A 1 27 ? -1.887  5.162   -10.227 1.00 17.31 ? 24  ARG A NH2 1 
ATOM   127 N  N   . GLN A 1 28 ? -3.983  0.647   -6.554  1.00 10.03 ? 25  GLN A N   1 
ATOM   128 C  CA  . GLN A 1 28 ? -5.426  0.640   -6.426  1.00 10.06 ? 25  GLN A CA  1 
ATOM   129 C  C   . GLN A 1 28 ? -5.845  0.077   -5.066  1.00 10.35 ? 25  GLN A C   1 
ATOM   130 O  O   . GLN A 1 28 ? -6.746  0.608   -4.409  1.00 10.80 ? 25  GLN A O   1 
ATOM   131 C  CB  . GLN A 1 28 ? -6.014  -0.198  -7.560  1.00 11.13 ? 25  GLN A CB  1 
ATOM   132 C  CG  . GLN A 1 28 ? -7.508  -0.425  -7.510  1.00 13.55 ? 25  GLN A CG  1 
ATOM   133 C  CD  . GLN A 1 28 ? -7.961  -1.446  -8.563  1.00 16.16 ? 25  GLN A CD  1 
ATOM   134 O  OE1 . GLN A 1 28 ? -7.242  -2.402  -8.900  1.00 18.44 ? 25  GLN A OE1 1 
ATOM   135 N  NE2 . GLN A 1 28 ? -9.132  -1.259  -9.057  1.00 20.02 ? 25  GLN A NE2 1 
ATOM   136 N  N   . TRP A 1 29 ? -5.199  -1.002  -4.651  1.00 9.91  ? 26  TRP A N   1 
ATOM   137 C  CA  . TRP A 1 29 ? -5.525  -1.611  -3.363  1.00 10.15 ? 26  TRP A CA  1 
ATOM   138 C  C   . TRP A 1 29 ? -5.279  -0.604  -2.232  1.00 9.74  ? 26  TRP A C   1 
ATOM   139 O  O   . TRP A 1 29 ? -6.110  -0.474  -1.334  1.00 10.76 ? 26  TRP A O   1 
ATOM   140 C  CB  . TRP A 1 29 ? -4.687  -2.863  -3.185  1.00 10.24 ? 26  TRP A CB  1 
ATOM   141 C  CG  . TRP A 1 29 ? -5.016  -3.715  -2.012  1.00 10.67 ? 26  TRP A CG  1 
ATOM   142 C  CD1 . TRP A 1 29 ? -5.740  -4.873  -2.024  1.00 10.94 ? 26  TRP A CD1 1 
ATOM   143 C  CD2 . TRP A 1 29 ? -4.559  -3.545  -0.669  1.00 9.85  ? 26  TRP A CD2 1 
ATOM   144 N  NE1 . TRP A 1 29 ? -5.782  -5.420  -0.774  1.00 11.15 ? 26  TRP A NE1 1 
ATOM   145 C  CE2 . TRP A 1 29 ? -5.073  -4.622  0.083   1.00 10.11 ? 26  TRP A CE2 1 
ATOM   146 C  CE3 . TRP A 1 29 ? -3.780  -2.578  -0.018  1.00 10.43 ? 26  TRP A CE3 1 
ATOM   147 C  CZ2 . TRP A 1 29 ? -4.819  -4.770  1.429   1.00 11.00 ? 26  TRP A CZ2 1 
ATOM   148 C  CZ3 . TRP A 1 29 ? -3.521  -2.728  1.319   1.00 10.21 ? 26  TRP A CZ3 1 
ATOM   149 C  CH2 . TRP A 1 29 ? -4.033  -3.812  2.040   1.00 10.55 ? 26  TRP A CH2 1 
ATOM   150 N  N   . LEU A 1 30 ? -4.156  0.113   -2.277  1.00 9.41  ? 27  LEU A N   1 
ATOM   151 C  CA  . LEU A 1 30 ? -3.859  1.108   -1.249  1.00 9.61  ? 27  LEU A CA  1 
ATOM   152 C  C   . LEU A 1 30 ? -4.844  2.271   -1.260  1.00 9.38  ? 27  LEU A C   1 
ATOM   153 O  O   . LEU A 1 30 ? -5.279  2.731   -0.205  1.00 10.10 ? 27  LEU A O   1 
ATOM   154 C  CB  . LEU A 1 30 ? -2.435  1.609   -1.403  1.00 9.42  ? 27  LEU A CB  1 
ATOM   155 C  CG  . LEU A 1 30 ? -1.358  0.603   -0.993  1.00 9.40  ? 27  LEU A CG  1 
ATOM   156 C  CD1 . LEU A 1 30 ? -0.010  0.993   -1.525  1.00 10.98 ? 27  LEU A CD1 1 
ATOM   157 C  CD2 . LEU A 1 30 ? -1.310  0.394   0.505   1.00 11.23 ? 27  LEU A CD2 1 
ATOM   158 N  N   . ARG A 1 31 ? -5.187  2.772   -2.442  1.00 9.62  ? 28  ARG A N   1 
ATOM   159 C  CA  . ARG A 1 31 ? -6.201  3.849   -2.501  1.00 10.99 ? 28  ARG A CA  1 
ATOM   160 C  C   . ARG A 1 31 ? -7.541  3.371   -1.927  1.00 11.36 ? 28  ARG A C   1 
ATOM   161 O  O   . ARG A 1 31 ? -8.218  4.106   -1.208  1.00 12.13 ? 28  ARG A O   1 
ATOM   162 C  CB  . ARG A 1 31 ? -6.434  4.346   -3.924  1.00 11.16 ? 28  ARG A CB  1 
ATOM   163 C  CG  . ARG A 1 31 ? -5.244  5.061   -4.548  1.00 11.48 ? 28  ARG A CG  1 
ATOM   164 C  CD  . ARG A 1 31 ? -5.660  5.812   -5.822  1.00 12.47 ? 28  ARG A CD  1 
ATOM   165 N  NE  . ARG A 1 31 ? -6.397  4.951   -6.753  1.00 13.50 ? 28  ARG A NE  1 
ATOM   166 C  CZ  . ARG A 1 31 ? -5.850  4.144   -7.663  1.00 13.75 ? 28  ARG A CZ  1 
ATOM   167 N  NH1 . ARG A 1 31 ? -4.541  4.098   -7.867  1.00 13.39 ? 28  ARG A NH1 1 
ATOM   168 N  NH2 . ARG A 1 31 ? -6.639  3.360   -8.390  1.00 15.92 ? 28  ARG A NH2 1 
ATOM   169 N  N   . ASN A 1 32 ? -7.931  2.142   -2.269  1.00 11.17 ? 29  ASN A N   1 
ATOM   170 C  CA  . ASN A 1 32 ? -9.168  1.566   -1.754  1.00 12.65 ? 29  ASN A CA  1 
ATOM   171 C  C   . ASN A 1 32 ? -9.115  1.428   -0.226  1.00 11.48 ? 29  ASN A C   1 
ATOM   172 O  O   . ASN A 1 32 ? -10.078 1.746   0.470   1.00 12.51 ? 29  ASN A O   1 
ATOM   173 C  CB  . ASN A 1 32 ? -9.431  0.176   -2.357  1.00 14.53 ? 29  ASN A CB  1 
ATOM   174 C  CG  . ASN A 1 32 ? -9.905  0.217   -3.787  1.00 18.27 ? 29  ASN A CG  1 
ATOM   175 O  OD1 . ASN A 1 32 ? -10.240 1.260   -4.307  1.00 24.06 ? 29  ASN A OD1 1 
ATOM   176 N  ND2 . ASN A 1 32 ? -9.904  -0.951  -4.444  1.00 21.81 ? 29  ASN A ND2 1 
ATOM   177 N  N   . TRP A 1 33 ? -7.975  0.959   0.294   1.00 10.59 ? 30  TRP A N   1 
ATOM   178 C  CA  . TRP A 1 33 ? -7.823  0.741   1.725   1.00 11.50 ? 30  TRP A CA  1 
ATOM   179 C  C   . TRP A 1 33 ? -7.933  2.074   2.467   1.00 10.81 ? 30  TRP A C   1 
ATOM   180 O  O   . TRP A 1 33 ? -8.721  2.228   3.416   1.00 11.78 ? 30  TRP A O   1 
ATOM   181 C  CB  . TRP A 1 33 ? -6.472  0.049   2.031   1.00 10.91 ? 30  TRP A CB  1 
ATOM   182 C  CG  . TRP A 1 33 ? -6.468  -0.662  3.313   1.00 11.50 ? 30  TRP A CG  1 
ATOM   183 C  CD1 . TRP A 1 33 ? -6.593  -2.004  3.471   1.00 11.62 ? 30  TRP A CD1 1 
ATOM   184 C  CD2 . TRP A 1 33 ? -6.441  -0.102  4.648   1.00 11.83 ? 30  TRP A CD2 1 
ATOM   185 N  NE1 . TRP A 1 33 ? -6.637  -2.323  4.799   1.00 12.17 ? 30  TRP A NE1 1 
ATOM   186 C  CE2 . TRP A 1 33 ? -6.563  -1.183  5.545   1.00 11.07 ? 30  TRP A CE2 1 
ATOM   187 C  CE3 . TRP A 1 33 ? -6.354  1.195   5.167   1.00 14.03 ? 30  TRP A CE3 1 
ATOM   188 C  CZ2 . TRP A 1 33 ? -6.599  -1.013  6.928   1.00 13.44 ? 30  TRP A CZ2 1 
ATOM   189 C  CZ3 . TRP A 1 33 ? -6.370  1.362   6.550   1.00 15.54 ? 30  TRP A CZ3 1 
ATOM   190 C  CH2 . TRP A 1 33 ? -6.509  0.268   7.419   1.00 13.93 ? 30  TRP A CH2 1 
ATOM   191 N  N   . VAL A 1 34 ? -7.140  3.037   2.028   1.00 10.73 ? 31  VAL A N   1 
ATOM   192 C  CA  . VAL A 1 34 ? -7.127  4.346   2.668   1.00 11.35 ? 31  VAL A CA  1 
ATOM   193 C  C   . VAL A 1 34 ? -8.496  5.031   2.540   1.00 12.13 ? 31  VAL A C   1 
ATOM   194 O  O   . VAL A 1 34 ? -9.015  5.572   3.520   1.00 13.58 ? 31  VAL A O   1 
ATOM   195 C  CB  . VAL A 1 34 ? -6.015  5.239   2.090   1.00 11.15 ? 31  VAL A CB  1 
ATOM   196 C  CG1 . VAL A 1 34 ? -6.112  6.648   2.640   1.00 13.12 ? 31  VAL A CG1 1 
ATOM   197 C  CG2 . VAL A 1 34 ? -4.658  4.638   2.410   1.00 11.57 ? 31  VAL A CG2 1 
ATOM   198 N  N   . GLY A 1 35 ? -9.094  4.959   1.350   1.00 12.38 ? 32  GLY A N   1 
ATOM   199 C  CA  . GLY A 1 35 ? -10.403 5.581   1.133   1.00 13.84 ? 32  GLY A CA  1 
ATOM   200 C  C   . GLY A 1 35 ? -11.440 5.040   2.106   1.00 14.72 ? 32  GLY A C   1 
ATOM   201 O  O   . GLY A 1 35 ? -12.203 5.795   2.712   1.00 17.11 ? 32  GLY A O   1 
ATOM   202 N  N   . LYS A 1 36 ? -11.462 3.726   2.279   1.00 14.38 ? 33  LYS A N   1 
ATOM   203 C  CA  . LYS A 1 36 ? -12.413 3.115   3.207   1.00 16.46 ? 33  LYS A CA  1 
ATOM   204 C  C   . LYS A 1 36 ? -12.123 3.565   4.644   1.00 15.48 ? 33  LYS A C   1 
ATOM   205 O  O   . LYS A 1 36 ? -13.052 3.863   5.406   1.00 18.64 ? 33  LYS A O   1 
ATOM   206 C  CB  . LYS A 1 36 ? -12.340 1.591   3.071   1.00 17.88 ? 33  LYS A CB  1 
ATOM   207 C  CG  . LYS A 1 36 ? -13.137 0.744   4.052   1.00 24.01 ? 33  LYS A CG  1 
ATOM   208 C  CD  . LYS A 1 36 ? -12.970 -0.725  3.674   1.00 31.70 ? 33  LYS A CD  1 
ATOM   209 C  CE  . LYS A 1 36 ? -13.386 -1.700  4.762   1.00 36.50 ? 33  LYS A CE  1 
ATOM   210 N  NZ  . LYS A 1 36 ? -12.986 -3.088  4.372   1.00 30.38 ? 33  LYS A NZ  1 
ATOM   211 N  N   . ALA A 1 37 ? -10.850 3.636   5.010   1.00 15.29 ? 34  ALA A N   1 
ATOM   212 C  CA  . ALA A 1 37 ? -10.483 3.987   6.377   1.00 15.51 ? 34  ALA A CA  1 
ATOM   213 C  C   . ALA A 1 37 ? -10.804 5.415   6.756   1.00 16.49 ? 34  ALA A C   1 
ATOM   214 O  O   . ALA A 1 37 ? -11.150 5.687   7.906   1.00 21.26 ? 34  ALA A O   1 
ATOM   215 C  CB  . ALA A 1 37 ? -9.005  3.735   6.607   1.00 15.93 ? 34  ALA A CB  1 
ATOM   216 N  N   . VAL A 1 38 ? -10.680 6.332   5.798   1.00 17.19 ? 35  VAL A N   1 
ATOM   217 C  CA  . VAL A 1 38 ? -10.890 7.754   6.082   1.00 19.34 ? 35  VAL A CA  1 
ATOM   218 C  C   . VAL A 1 38 ? -12.215 8.306   5.549   1.00 22.15 ? 35  VAL A C   1 
ATOM   219 O  O   . VAL A 1 38 ? -12.517 9.476   5.753   1.00 24.83 ? 35  VAL A O   1 
ATOM   220 C  CB  . VAL A 1 38 ? -9.712  8.631   5.585   1.00 20.83 ? 35  VAL A CB  1 
ATOM   221 C  CG1 . VAL A 1 38 ? -8.384  8.101   6.118   1.00 20.09 ? 35  VAL A CG1 1 
ATOM   222 C  CG2 . VAL A 1 38 ? -9.677  8.744   4.068   1.00 20.84 ? 35  VAL A CG2 1 
ATOM   223 N  N   . GLY A 1 39 ? -13.004 7.466   4.885   1.00 20.66 ? 36  GLY A N   1 
ATOM   224 C  CA  . GLY A 1 39 ? -14.311 7.872   4.371   1.00 24.91 ? 36  GLY A CA  1 
ATOM   225 C  C   . GLY A 1 39 ? -14.258 8.796   3.167   1.00 23.96 ? 36  GLY A C   1 
ATOM   226 O  O   . GLY A 1 39 ? -15.018 9.765   3.092   1.00 29.18 ? 36  GLY A O   1 
ATOM   227 N  N   . LYS A 1 40 ? -13.358 8.495   2.231   1.00 21.90 ? 37  LYS A N   1 
ATOM   228 C  CA  . LYS A 1 40 ? -13.214 9.258   0.993   1.00 21.94 ? 37  LYS A CA  1 
ATOM   229 C  C   . LYS A 1 40 ? -13.210 8.318   -0.190  1.00 19.53 ? 37  LYS A C   1 
ATOM   230 O  O   . LYS A 1 40 ? -12.833 7.144   -0.063  1.00 20.42 ? 37  LYS A O   1 
ATOM   231 C  CB  . LYS A 1 40 ? -11.900 10.041  0.976   1.00 23.69 ? 37  LYS A CB  1 
ATOM   232 C  CG  . LYS A 1 40 ? -11.795 11.143  2.010   1.00 29.31 ? 37  LYS A CG  1 
ATOM   233 C  CD  . LYS A 1 40 ? -10.415 11.782  1.955   1.00 33.89 ? 37  LYS A CD  1 
ATOM   234 C  CE  . LYS A 1 40 ? -10.227 12.817  3.048   1.00 39.95 ? 37  LYS A CE  1 
ATOM   235 N  NZ  . LYS A 1 40 ? -8.871  13.423  2.982   1.00 46.48 ? 37  LYS A NZ  1 
ATOM   236 N  N   . ALA A 1 41 ? -13.596 8.843   -1.348  1.00 20.54 ? 38  ALA A N   1 
ATOM   237 C  CA  . ALA A 1 41 ? -13.565 8.077   -2.586  1.00 20.72 ? 38  ALA A CA  1 
ATOM   238 C  C   . ALA A 1 41 ? -12.115 7.673   -2.888  1.00 18.17 ? 38  ALA A C   1 
ATOM   239 O  O   . ALA A 1 41 ? -11.217 8.520   -2.841  1.00 19.08 ? 38  ALA A O   1 
ATOM   240 C  CB  . ALA A 1 41 ? -14.104 8.904   -3.730  1.00 23.17 ? 38  ALA A CB  1 
ATOM   241 N  N   . PRO A 1 42 ? -11.875 6.387   -3.207  1.00 18.51 ? 39  PRO A N   1 
ATOM   242 C  CA  . PRO A 1 42 ? -10.500 5.963   -3.504  1.00 16.73 ? 39  PRO A CA  1 
ATOM   243 C  C   . PRO A 1 42 ? -9.830  6.760   -4.631  1.00 17.15 ? 39  PRO A C   1 
ATOM   244 O  O   . PRO A 1 42 ? -8.635  7.021   -4.562  1.00 16.72 ? 39  PRO A O   1 
ATOM   245 C  CB  . PRO A 1 42 ? -10.671 4.496   -3.876  1.00 18.15 ? 39  PRO A CB  1 
ATOM   246 C  CG  . PRO A 1 42 ? -11.849 4.065   -3.065  1.00 22.91 ? 39  PRO A CG  1 
ATOM   247 C  CD  . PRO A 1 42 ? -12.797 5.232   -3.137  1.00 20.43 ? 39  PRO A CD  1 
ATOM   248 N  N   . ASP A 1 43 ? -10.597 7.170   -5.645  1.00 19.10 ? 40  ASP A N   1 
ATOM   249 C  CA  . ASP A 1 43 ? -10.024 7.953   -6.745  1.00 22.42 ? 40  ASP A CA  1 
ATOM   250 C  C   . ASP A 1 43 ? -9.472  9.292   -6.269  1.00 21.02 ? 40  ASP A C   1 
ATOM   251 O  O   . ASP A 1 43 ? -8.654  9.896   -6.966  1.00 23.94 ? 40  ASP A O   1 
ATOM   252 C  CB  . ASP A 1 43 ? -11.066 8.236   -7.845  1.00 26.51 ? 40  ASP A CB  1 
ATOM   253 C  CG  . ASP A 1 43 ? -11.411 7.022   -8.682  1.00 34.55 ? 40  ASP A CG  1 
ATOM   254 O  OD1 . ASP A 1 43 ? -10.752 5.966   -8.581  1.00 32.61 ? 40  ASP A OD1 1 
ATOM   255 O  OD2 . ASP A 1 43 ? -12.367 7.143   -9.483  1.00 35.32 ? 40  ASP A OD2 1 
ATOM   256 N  N   . SER A 1 44 ? -9.939  9.772   -5.116  1.00 20.04 ? 41  SER A N   1 
ATOM   257 C  CA  . SER A 1 44 ? -9.494  11.069  -4.597  1.00 20.81 ? 41  SER A CA  1 
ATOM   258 C  C   . SER A 1 44 ? -8.234  11.009  -3.741  1.00 18.31 ? 41  SER A C   1 
ATOM   259 O  O   . SER A 1 44 ? -7.724  12.057  -3.375  1.00 21.70 ? 41  SER A O   1 
ATOM   260 C  CB  . SER A 1 44 ? -10.596 11.734  -3.762  1.00 23.49 ? 41  SER A CB  1 
ATOM   261 O  OG  . SER A 1 44 ? -10.733 11.142  -2.476  1.00 24.27 ? 41  SER A OG  1 
ATOM   262 N  N   . ILE A 1 45 ? -7.752  9.812   -3.418  1.00 15.49 ? 42  ILE A N   1 
ATOM   263 C  CA  . ILE A 1 45 ? -6.620  9.666   -2.523  1.00 13.60 ? 42  ILE A CA  1 
ATOM   264 C  C   . ILE A 1 45 ? -5.325  10.042  -3.242  1.00 12.92 ? 42  ILE A C   1 
ATOM   265 O  O   . ILE A 1 45 ? -5.019  9.514   -4.318  1.00 14.62 ? 42  ILE A O   1 
ATOM   266 C  CB  . ILE A 1 45 ? -6.541  8.232   -1.954  1.00 13.42 ? 42  ILE A CB  1 
ATOM   267 C  CG1 . ILE A 1 45 ? -7.806  7.882   -1.152  1.00 14.99 ? 42  ILE A CG1 1 
ATOM   268 C  CG2 . ILE A 1 45 ? -5.299  8.045   -1.101  1.00 14.11 ? 42  ILE A CG2 1 
ATOM   269 C  CD1 . ILE A 1 45 ? -8.133  8.803   0.001   1.00 17.83 ? 42  ILE A CD1 1 
ATOM   270 N  N   . ASP A 1 46 ? -4.568  10.938  -2.631  1.00 12.84 ? 43  ASP A N   1 
ATOM   271 C  CA  . ASP A 1 46 ? -3.345  11.440  -3.235  1.00 12.05 ? 43  ASP A CA  1 
ATOM   272 C  C   . ASP A 1 46 ? -2.197  10.464  -3.004  1.00 11.18 ? 43  ASP A C   1 
ATOM   273 O  O   . ASP A 1 46 ? -1.794  10.225  -1.863  1.00 11.92 ? 43  ASP A O   1 
ATOM   274 C  CB  . ASP A 1 46 ? -3.024  12.814  -2.648  1.00 14.26 ? 43  ASP A CB  1 
ATOM   275 C  CG  . ASP A 1 46 ? -1.929  13.546  -3.393  1.00 14.82 ? 43  ASP A CG  1 
ATOM   276 O  OD1 . ASP A 1 46 ? -1.039  12.917  -4.007  1.00 15.34 ? 43  ASP A OD1 1 
ATOM   277 O  OD2 . ASP A 1 46 ? -1.944  14.801  -3.341  1.00 18.67 ? 43  ASP A OD2 1 
ATOM   278 N  N   . GLU A 1 47 ? -1.667  9.917   -4.096  1.00 10.65 ? 44  GLU A N   1 
ATOM   279 C  CA  . GLU A 1 47 ? -0.607  8.931   -4.023  1.00 9.80  ? 44  GLU A CA  1 
ATOM   280 C  C   . GLU A 1 47 ? 0.796   9.501   -3.863  1.00 9.10  ? 44  GLU A C   1 
ATOM   281 O  O   . GLU A 1 47 ? 1.758   8.728   -3.758  1.00 9.71  ? 44  GLU A O   1 
ATOM   282 C  CB  . GLU A 1 47 ? -0.622  8.041   -5.268  1.00 10.27 ? 44  GLU A CB  1 
ATOM   283 C  CG  . GLU A 1 47 ? -1.910  7.289   -5.562  1.00 12.26 ? 44  GLU A CG  1 
ATOM   284 C  CD  . GLU A 1 47 ? -1.741  6.354   -6.752  1.00 13.36 ? 44  GLU A CD  1 
ATOM   285 O  OE1 . GLU A 1 47 ? -0.637  5.774   -6.934  1.00 14.96 ? 44  GLU A OE1 1 
ATOM   286 O  OE2 . GLU A 1 47 ? -2.686  6.195   -7.550  1.00 15.15 ? 44  GLU A OE2 1 
ATOM   287 N  N   . SER A 1 48 ? 0.904   10.832  -3.849  1.00 9.62  ? 45  SER A N   1 
ATOM   288 C  CA  . SER A 1 48 ? 2.194   11.515  -3.792  1.00 9.82  ? 45  SER A CA  1 
ATOM   289 C  C   . SER A 1 48 ? 2.535   12.139  -2.458  1.00 9.71  ? 45  SER A C   1 
ATOM   290 O  O   . SER A 1 48 ? 3.623   12.696  -2.312  1.00 11.48 ? 45  SER A O   1 
ATOM   291 C  CB  . SER A 1 48 ? 2.229   12.620  -4.843  1.00 12.04 ? 45  SER A CB  1 
ATOM   292 O  OG  . SER A 1 48 ? 1.441   13.752  -4.449  1.00 14.07 ? 45  SER A OG  1 
ATOM   293 N  N   . VAL A 1 49 ? 1.604   12.110  -1.513  1.00 10.48 ? 46  VAL A N   1 
ATOM   294 C  CA  . VAL A 1 49 ? 1.874   12.702  -0.205  1.00 10.80 ? 46  VAL A CA  1 
ATOM   295 C  C   . VAL A 1 49 ? 2.366   11.620  0.759   1.00 10.34 ? 46  VAL A C   1 
ATOM   296 O  O   . VAL A 1 49 ? 2.108   10.439  0.555   1.00 10.77 ? 46  VAL A O   1 
ATOM   297 C  CB  . VAL A 1 49 ? 0.635   13.408  0.387   1.00 12.37 ? 46  VAL A CB  1 
ATOM   298 C  CG1 . VAL A 1 49 ? 0.208   14.554  -0.514  1.00 14.60 ? 46  VAL A CG1 1 
ATOM   299 C  CG2 . VAL A 1 49 ? -0.507  12.442  0.640   1.00 13.02 ? 46  VAL A CG2 1 
ATOM   300 N  N   . PRO A 1 50 ? 3.070   12.013  1.830   1.00 10.58 ? 47  PRO A N   1 
ATOM   301 C  CA  . PRO A 1 50 ? 3.481   11.025  2.812   1.00 10.71 ? 47  PRO A CA  1 
ATOM   302 C  C   . PRO A 1 50 ? 2.242   10.363  3.396   1.00 10.20 ? 47  PRO A C   1 
ATOM   303 O  O   . PRO A 1 50 ? 1.261   11.053  3.735   1.00 10.98 ? 47  PRO A O   1 
ATOM   304 C  CB  . PRO A 1 50 ? 4.234   11.850  3.856   1.00 12.33 ? 47  PRO A CB  1 
ATOM   305 C  CG  . PRO A 1 50 ? 4.663   13.084  3.124   1.00 12.88 ? 47  PRO A CG  1 
ATOM   306 C  CD  . PRO A 1 50 ? 3.510   13.361  2.208   1.00 12.08 ? 47  PRO A CD  1 
HETATM 307 N  N   A MSE A 1 51 ? 2.284   9.044   3.552   0.50 10.28 ? 48  MSE A N   1 
HETATM 308 N  N   B MSE A 1 51 ? 2.269   9.044   3.540   0.50 10.10 ? 48  MSE A N   1 
HETATM 309 C  CA  A MSE A 1 51 ? 1.117   8.294   4.028   0.50 10.71 ? 48  MSE A CA  1 
HETATM 310 C  CA  B MSE A 1 51 ? 1.089   8.326   4.019   0.50 10.11 ? 48  MSE A CA  1 
HETATM 311 C  C   A MSE A 1 51 ? 0.724   8.656   5.443   0.50 11.71 ? 48  MSE A C   1 
HETATM 312 C  C   B MSE A 1 51 ? 0.690   8.773   5.403   0.50 11.03 ? 48  MSE A C   1 
HETATM 313 O  O   A MSE A 1 51 ? -0.419  8.425   5.833   0.50 13.75 ? 48  MSE A O   1 
HETATM 314 O  O   B MSE A 1 51 ? -0.499  8.760   5.721   0.50 11.65 ? 48  MSE A O   1 
HETATM 315 C  CB  A MSE A 1 51 ? 1.335   6.799   3.820   0.50 12.35 ? 48  MSE A CB  1 
HETATM 316 C  CB  B MSE A 1 51 ? 1.267   6.817   3.919   0.50 10.96 ? 48  MSE A CB  1 
HETATM 317 C  CG  A MSE A 1 51 ? 1.310   6.466   2.321   0.50 12.90 ? 48  MSE A CG  1 
HETATM 318 C  CG  B MSE A 1 51 ? 1.392   6.365   2.458   0.50 10.26 ? 48  MSE A CG  1 
HETATM 319 SE SE  A MSE A 1 51 ? 1.882   4.619   1.933   0.50 14.16 ? 48  MSE A SE  1 
HETATM 320 SE SE  B MSE A 1 51 ? 0.977   4.454   2.249   0.50 13.96 ? 48  MSE A SE  1 
HETATM 321 C  CE  A MSE A 1 51 ? 0.096   3.780   2.114   0.50 18.55 ? 48  MSE A CE  1 
HETATM 322 C  CE  B MSE A 1 51 ? -0.951  4.503   2.564   0.50 11.99 ? 48  MSE A CE  1 
ATOM   323 N  N   . VAL A 1 52 ? 1.655   9.225   6.218   1.00 11.30 ? 49  VAL A N   1 
ATOM   324 C  CA  . VAL A 1 52 ? 1.326   9.714   7.575   1.00 12.96 ? 49  VAL A CA  1 
ATOM   325 C  C   . VAL A 1 52 ? 0.463   10.982  7.536   1.00 12.75 ? 49  VAL A C   1 
ATOM   326 O  O   . VAL A 1 52 ? -0.047  11.405  8.575   1.00 14.78 ? 49  VAL A O   1 
ATOM   327 C  CB  . VAL A 1 52 ? 2.565   10.000  8.451   1.00 14.66 ? 49  VAL A CB  1 
ATOM   328 C  CG1 . VAL A 1 52 ? 3.306   8.707   8.783   1.00 17.52 ? 49  VAL A CG1 1 
ATOM   329 C  CG2 . VAL A 1 52 ? 3.488   11.059  7.830   1.00 16.03 ? 49  VAL A CG2 1 
ATOM   330 N  N   . GLU A 1 53 ? 0.277   11.568  6.352   1.00 11.87 ? 50  GLU A N   1 
ATOM   331 C  CA  . GLU A 1 53 ? -0.576  12.756  6.181   1.00 13.27 ? 50  GLU A CA  1 
ATOM   332 C  C   . GLU A 1 53 ? -1.956  12.457  5.599   1.00 12.60 ? 50  GLU A C   1 
ATOM   333 O  O   . GLU A 1 53 ? -2.726  13.382  5.363   1.00 17.88 ? 50  GLU A O   1 
ATOM   334 C  CB  . GLU A 1 53 ? 0.113   13.801  5.297   1.00 15.45 ? 50  GLU A CB  1 
ATOM   335 C  CG  . GLU A 1 53 ? 1.420   14.304  5.849   1.00 19.99 ? 50  GLU A CG  1 
ATOM   336 C  CD  . GLU A 1 53 ? 2.121   15.301  4.919   1.00 25.75 ? 50  GLU A CD  1 
ATOM   337 O  OE1 . GLU A 1 53 ? 1.509   15.775  3.928   1.00 34.03 ? 50  GLU A OE1 1 
ATOM   338 O  OE2 . GLU A 1 53 ? 3.306   15.597  5.157   1.00 34.52 ? 50  GLU A OE2 1 
ATOM   339 N  N   . LEU A 1 54 ? -2.298  11.185  5.436   1.00 11.33 ? 51  LEU A N   1 
ATOM   340 C  CA  . LEU A 1 54 ? -3.554  10.804  4.808   1.00 11.73 ? 51  LEU A CA  1 
ATOM   341 C  C   . LEU A 1 54 ? -4.765  10.732  5.723   1.00 13.13 ? 51  LEU A C   1 
ATOM   342 O  O   . LEU A 1 54 ? -5.880  10.531  5.238   1.00 16.21 ? 51  LEU A O   1 
ATOM   343 C  CB  . LEU A 1 54 ? -3.377  9.487   4.064   1.00 11.67 ? 51  LEU A CB  1 
ATOM   344 C  CG  . LEU A 1 54 ? -2.496  9.526   2.810   1.00 12.49 ? 51  LEU A CG  1 
ATOM   345 C  CD1 . LEU A 1 54 ? -2.233  8.117   2.321   1.00 13.71 ? 51  LEU A CD1 1 
ATOM   346 C  CD2 . LEU A 1 54 ? -3.148  10.358  1.724   1.00 14.36 ? 51  LEU A CD2 1 
ATOM   347 N  N   . GLY A 1 55 ? -4.555  10.865  7.026   1.00 12.38 ? 52  GLY A N   1 
ATOM   348 C  CA  . GLY A 1 55 ? -5.654  10.832  7.991   1.00 13.74 ? 52  GLY A CA  1 
ATOM   349 C  C   . GLY A 1 55 ? -5.875  9.481   8.673   1.00 12.70 ? 52  GLY A C   1 
ATOM   350 O  O   . GLY A 1 55 ? -6.894  9.300   9.335   1.00 14.74 ? 52  GLY A O   1 
ATOM   351 N  N   . LEU A 1 56 ? -4.937  8.553   8.516   1.00 11.90 ? 53  LEU A N   1 
ATOM   352 C  CA  . LEU A 1 56 ? -5.060  7.245   9.147   1.00 12.69 ? 53  LEU A CA  1 
ATOM   353 C  C   . LEU A 1 56 ? -4.735  7.327   10.630  1.00 11.58 ? 53  LEU A C   1 
ATOM   354 O  O   . LEU A 1 56 ? -3.895  8.127   11.066  1.00 13.61 ? 53  LEU A O   1 
ATOM   355 C  CB  . LEU A 1 56 ? -4.063  6.275   8.500   1.00 12.71 ? 53  LEU A CB  1 
ATOM   356 C  CG  . LEU A 1 56 ? -4.275  6.089   6.997   1.00 14.47 ? 53  LEU A CG  1 
ATOM   357 C  CD1 . LEU A 1 56 ? -3.064  5.396   6.406   1.00 19.99 ? 53  LEU A CD1 1 
ATOM   358 C  CD2 . LEU A 1 56 ? -5.548  5.328   6.720   1.00 15.18 ? 53  LEU A CD2 1 
ATOM   359 N  N   . SER A 1 57 ? -5.387  6.488   11.416  1.00 12.21 ? 54  SER A N   1 
ATOM   360 C  CA  . SER A 1 57 ? -5.049  6.336   12.833  1.00 12.21 ? 54  SER A CA  1 
ATOM   361 C  C   . SER A 1 57 ? -3.889  5.349   12.972  1.00 11.22 ? 54  SER A C   1 
ATOM   362 O  O   . SER A 1 57 ? -3.520  4.642   12.007  1.00 11.41 ? 54  SER A O   1 
ATOM   363 C  CB  . SER A 1 57 ? -6.240  5.779   13.601  1.00 13.74 ? 54  SER A CB  1 
ATOM   364 O  OG  . SER A 1 57 ? -6.490  4.444   13.211  1.00 13.77 ? 54  SER A OG  1 
ATOM   365 N  N   A SER A 1 58 ? -3.317  5.263   14.172  0.50 11.67 ? 55  SER A N   1 
ATOM   366 N  N   B SER A 1 58 ? -3.329  5.269   14.182  0.50 11.89 ? 55  SER A N   1 
ATOM   367 C  CA  A SER A 1 58 ? -2.269  4.271   14.400  0.50 10.78 ? 55  SER A CA  1 
ATOM   368 C  CA  B SER A 1 58 ? -2.268  4.296   14.440  0.50 11.45 ? 55  SER A CA  1 
ATOM   369 C  C   A SER A 1 58 ? -2.816  2.858   14.209  0.50 10.27 ? 55  SER A C   1 
ATOM   370 C  C   B SER A 1 58 ? -2.788  2.858   14.274  0.50 11.22 ? 55  SER A C   1 
ATOM   371 O  O   A SER A 1 58 ? -2.160  2.024   13.591  0.50 10.21 ? 55  SER A O   1 
ATOM   372 O  O   B SER A 1 58 ? -2.083  2.013   13.731  0.50 11.62 ? 55  SER A O   1 
ATOM   373 C  CB  A SER A 1 58 ? -1.662  4.418   15.783  0.50 11.07 ? 55  SER A CB  1 
ATOM   374 C  CB  B SER A 1 58 ? -1.628  4.520   15.812  0.50 12.61 ? 55  SER A CB  1 
ATOM   375 O  OG  A SER A 1 58 ? -0.955  5.636   15.899  0.50 12.40 ? 55  SER A OG  1 
ATOM   376 O  OG  B SER A 1 58 ? -2.577  4.477   16.867  0.50 12.49 ? 55  SER A OG  1 
ATOM   377 N  N   . ARG A 1 59 ? -4.021  2.582   14.725  1.00 10.92 ? 56  ARG A N   1 
ATOM   378 C  CA  . ARG A 1 59 ? -4.604  1.259   14.529  1.00 11.01 ? 56  ARG A CA  1 
ATOM   379 C  C   . ARG A 1 59 ? -4.873  0.985   13.050  1.00 10.73 ? 56  ARG A C   1 
ATOM   380 O  O   . ARG A 1 59 ? -4.748  -0.164  12.611  1.00 11.43 ? 56  ARG A O   1 
ATOM   381 C  CB  . ARG A 1 59 ? -5.866  1.049   15.350  1.00 12.09 ? 56  ARG A CB  1 
ATOM   382 C  CG  . ARG A 1 59 ? -5.606  0.758   16.812  1.00 12.06 ? 56  ARG A CG  1 
ATOM   383 C  CD  . ARG A 1 59 ? -6.889  0.628   17.590  1.00 13.08 ? 56  ARG A CD  1 
ATOM   384 N  NE  . ARG A 1 59 ? -6.630  0.174   18.951  1.00 13.08 ? 56  ARG A NE  1 
ATOM   385 C  CZ  . ARG A 1 59 ? -7.575  -0.111  19.835  1.00 12.89 ? 56  ARG A CZ  1 
ATOM   386 N  NH1 . ARG A 1 59 ? -8.856  0.026   19.520  1.00 15.91 ? 56  ARG A NH1 1 
ATOM   387 N  NH2 . ARG A 1 59 ? -7.228  -0.511  21.046  1.00 14.50 ? 56  ARG A NH2 1 
ATOM   388 N  N   . ASP A 1 60 ? -5.230  2.031   12.284  1.00 10.66 ? 57  ASP A N   1 
ATOM   389 C  CA  . ASP A 1 60 ? -5.377  1.852   10.837  1.00 11.17 ? 57  ASP A CA  1 
ATOM   390 C  C   . ASP A 1 60 ? -4.064  1.386   10.221  1.00 9.91  ? 57  ASP A C   1 
ATOM   391 O  O   . ASP A 1 60 ? -4.052  0.504   9.381   1.00 10.94 ? 57  ASP A O   1 
ATOM   392 C  CB  . ASP A 1 60 ? -5.770  3.142   10.128  1.00 12.00 ? 57  ASP A CB  1 
ATOM   393 C  CG  . ASP A 1 60 ? -7.205  3.563   10.335  1.00 13.88 ? 57  ASP A CG  1 
ATOM   394 O  OD1 . ASP A 1 60 ? -8.089  2.731   10.629  1.00 16.08 ? 57  ASP A OD1 1 
ATOM   395 O  OD2 . ASP A 1 60 ? -7.429  4.783   10.170  1.00 15.76 ? 57  ASP A OD2 1 
ATOM   396 N  N   . ALA A 1 61 ? -2.951  2.006   10.632  1.00 9.84  ? 58  ALA A N   1 
ATOM   397 C  CA  . ALA A 1 61 ? -1.643  1.606   10.100  1.00 10.31 ? 58  ALA A CA  1 
ATOM   398 C  C   . ALA A 1 61 ? -1.347  0.132   10.406  1.00 9.21  ? 58  ALA A C   1 
ATOM   399 O  O   . ALA A 1 61 ? -0.833  -0.585  9.553   1.00 10.34 ? 58  ALA A O   1 
ATOM   400 C  CB  . ALA A 1 61 ? -0.554  2.515   10.622  1.00 11.99 ? 58  ALA A CB  1 
ATOM   401 N  N   . VAL A 1 62 ? -1.647  -0.297  11.631  1.00 9.19  ? 59  VAL A N   1 
ATOM   402 C  CA  . VAL A 1 62 ? -1.439  -1.682  12.022  1.00 9.28  ? 59  VAL A CA  1 
ATOM   403 C  C   . VAL A 1 62 ? -2.293  -2.612  11.157  1.00 9.06  ? 59  VAL A C   1 
ATOM   404 O  O   . VAL A 1 62 ? -1.794  -3.619  10.650  1.00 10.42 ? 59  VAL A O   1 
ATOM   405 C  CB  . VAL A 1 62 ? -1.761  -1.896  13.511  1.00 10.17 ? 59  VAL A CB  1 
ATOM   406 C  CG1 . VAL A 1 62 ? -1.621  -3.353  13.905  1.00 12.00 ? 59  VAL A CG1 1 
ATOM   407 C  CG2 . VAL A 1 62 ? -0.845  -1.057  14.392  1.00 10.62 ? 59  VAL A CG2 1 
ATOM   408 N  N   . ALA A 1 63 ? -3.562  -2.255  10.991  1.00 9.46  ? 60  ALA A N   1 
ATOM   409 C  CA  . ALA A 1 63 ? -4.477  -3.081  10.193  1.00 9.74  ? 60  ALA A CA  1 
ATOM   410 C  C   . ALA A 1 63 ? -4.046  -3.136  8.722   1.00 9.65  ? 60  ALA A C   1 
ATOM   411 O  O   . ALA A 1 63 ? -4.123  -4.182  8.078   1.00 10.57 ? 60  ALA A O   1 
ATOM   412 C  CB  . ALA A 1 63 ? -5.884  -2.552  10.320  1.00 10.62 ? 60  ALA A CB  1 
HETATM 413 N  N   A MSE A 1 64 ? -3.603  -2.003  8.182   0.50 9.53  ? 61  MSE A N   1 
HETATM 414 N  N   B MSE A 1 64 ? -3.606  -2.002  8.189   0.50 9.55  ? 61  MSE A N   1 
HETATM 415 C  CA  A MSE A 1 64 ? -3.169  -1.956  6.781   0.50 9.52  ? 61  MSE A CA  1 
HETATM 416 C  CA  B MSE A 1 64 ? -3.164  -1.950  6.800   0.50 9.48  ? 61  MSE A CA  1 
HETATM 417 C  C   A MSE A 1 64 ? -1.927  -2.801  6.594   0.50 9.38  ? 61  MSE A C   1 
HETATM 418 C  C   B MSE A 1 64 ? -1.948  -2.825  6.617   0.50 9.11  ? 61  MSE A C   1 
HETATM 419 O  O   A MSE A 1 64 ? -1.796  -3.508  5.589   0.50 10.22 ? 61  MSE A O   1 
HETATM 420 O  O   B MSE A 1 64 ? -1.858  -3.582  5.645   0.50 9.81  ? 61  MSE A O   1 
HETATM 421 C  CB  A MSE A 1 64 ? -2.959  -0.515  6.323   0.50 10.50 ? 61  MSE A CB  1 
HETATM 422 C  CB  B MSE A 1 64 ? -2.888  -0.509  6.403   0.50 10.85 ? 61  MSE A CB  1 
HETATM 423 C  CG  A MSE A 1 64 ? -2.885  -0.469  4.801   0.50 11.71 ? 61  MSE A CG  1 
HETATM 424 C  CG  B MSE A 1 64 ? -2.476  -0.462  4.940   0.50 11.72 ? 61  MSE A CG  1 
HETATM 425 SE SE  A MSE A 1 64 ? -2.422  1.313   4.135   0.50 18.72 ? 61  MSE A SE  1 
HETATM 426 SE SE  B MSE A 1 64 ? -1.870  1.324   4.448   0.50 18.84 ? 61  MSE A SE  1 
HETATM 427 C  CE  A MSE A 1 64 ? -0.494  1.193   4.589   0.50 19.15 ? 61  MSE A CE  1 
HETATM 428 C  CE  B MSE A 1 64 ? -3.244  1.653   3.080   0.50 23.88 ? 61  MSE A CE  1 
ATOM   429 N  N   . ALA A 1 65 ? -0.998  -2.738  7.548   1.00 9.48  ? 62  ALA A N   1 
ATOM   430 C  CA  . ALA A 1 65 ? 0.198   -3.573  7.489   1.00 9.62  ? 62  ALA A CA  1 
ATOM   431 C  C   . ALA A 1 65 ? -0.167  -5.057  7.512   1.00 9.34  ? 62  ALA A C   1 
ATOM   432 O  O   . ALA A 1 65 ? 0.396   -5.857  6.752   1.00 10.40 ? 62  ALA A O   1 
ATOM   433 C  CB  . ALA A 1 65 ? 1.152   -3.224  8.624   1.00 11.31 ? 62  ALA A CB  1 
ATOM   434 N  N   . ALA A 1 66 ? -1.113  -5.431  8.378   1.00 9.91  ? 63  ALA A N   1 
ATOM   435 C  CA  . ALA A 1 66 ? -1.564  -6.824  8.414   1.00 10.57 ? 63  ALA A CA  1 
ATOM   436 C  C   . ALA A 1 66 ? -2.193  -7.227  7.105   1.00 10.54 ? 63  ALA A C   1 
ATOM   437 O  O   . ALA A 1 66 ? -1.988  -8.343  6.619   1.00 11.33 ? 63  ALA A O   1 
ATOM   438 C  CB  . ALA A 1 66 ? -2.554  -7.024  9.544   1.00 12.55 ? 63  ALA A CB  1 
ATOM   439 N  N   . ASP A 1 67 ? -3.008  -6.337  6.555   1.00 9.51  ? 64  ASP A N   1 
ATOM   440 C  CA  . ASP A 1 67 ? -3.671  -6.639  5.316   1.00 9.66  ? 64  ASP A CA  1 
ATOM   441 C  C   . ASP A 1 67 ? -2.684  -6.757  4.151   1.00 9.76  ? 64  ASP A C   1 
ATOM   442 O  O   . ASP A 1 67 ? -2.864  -7.609  3.270   1.00 10.09 ? 64  ASP A O   1 
ATOM   443 C  CB  . ASP A 1 67 ? -4.771  -5.625  5.047   1.00 10.41 ? 64  ASP A CB  1 
ATOM   444 C  CG  . ASP A 1 67 ? -5.992  -5.778  5.957   1.00 10.71 ? 64  ASP A CG  1 
ATOM   445 O  OD1 . ASP A 1 67 ? -6.035  -6.675  6.823   1.00 12.65 ? 64  ASP A OD1 1 
ATOM   446 O  OD2 . ASP A 1 67 ? -6.898  -4.953  5.799   1.00 13.36 ? 64  ASP A OD2 1 
ATOM   447 N  N   . ILE A 1 68 ? -1.641  -5.921  4.136   1.00 9.06  ? 65  ILE A N   1 
ATOM   448 C  CA  . ILE A 1 68 ? -0.611  -6.052  3.115   1.00 9.47  ? 65  ILE A CA  1 
ATOM   449 C  C   . ILE A 1 68 ? 0.082   -7.416  3.231   1.00 9.16  ? 65  ILE A C   1 
ATOM   450 O  O   . ILE A 1 68 ? 0.367   -8.067  2.221   1.00 9.83  ? 65  ILE A O   1 
ATOM   451 C  CB  . ILE A 1 68 ? 0.406   -4.898  3.202   1.00 9.77  ? 65  ILE A CB  1 
ATOM   452 C  CG1 . ILE A 1 68 ? -0.263  -3.597  2.729   1.00 10.70 ? 65  ILE A CG1 1 
ATOM   453 C  CG2 . ILE A 1 68 ? 1.657   -5.220  2.383   1.00 10.48 ? 65  ILE A CG2 1 
ATOM   454 C  CD1 . ILE A 1 68 ? 0.485   -2.324  3.036   1.00 11.72 ? 65  ILE A CD1 1 
ATOM   455 N  N   A GLU A 1 69 ? 0.328   -7.838  4.469   0.50 9.33  ? 66  GLU A N   1 
ATOM   456 N  N   B GLU A 1 69 ? 0.353   -7.857  4.461   0.50 9.29  ? 66  GLU A N   1 
ATOM   457 C  CA  A GLU A 1 69 ? 0.954   -9.119  4.737   0.50 10.65 ? 66  GLU A CA  1 
ATOM   458 C  CA  B GLU A 1 69 ? 0.985   -9.157  4.626   0.50 10.23 ? 66  GLU A CA  1 
ATOM   459 C  C   A GLU A 1 69 ? 0.075   -10.283 4.250   0.50 10.66 ? 66  GLU A C   1 
ATOM   460 C  C   B GLU A 1 69 ? 0.056   -10.268 4.136   0.50 10.05 ? 66  GLU A C   1 
ATOM   461 O  O   A GLU A 1 69 ? 0.583   -11.257 3.710   0.50 11.61 ? 66  GLU A O   1 
ATOM   462 O  O   B GLU A 1 69 ? 0.503   -11.198 3.474   0.50 10.34 ? 66  GLU A O   1 
ATOM   463 C  CB  A GLU A 1 69 ? 1.242   -9.187  6.232   0.50 11.63 ? 66  GLU A CB  1 
ATOM   464 C  CB  B GLU A 1 69 ? 1.420   -9.383  6.069   0.50 11.99 ? 66  GLU A CB  1 
ATOM   465 C  CG  A GLU A 1 69 ? 1.983   -10.398 6.732   0.50 14.35 ? 66  GLU A CG  1 
ATOM   466 C  CG  B GLU A 1 69 ? 2.250   -10.639 6.231   0.50 14.75 ? 66  GLU A CG  1 
ATOM   467 C  CD  A GLU A 1 69 ? 2.250   -10.271 8.215   0.50 16.00 ? 66  GLU A CD  1 
ATOM   468 C  CD  B GLU A 1 69 ? 2.735   -10.851 7.647   0.50 19.15 ? 66  GLU A CD  1 
ATOM   469 O  OE1 A GLU A 1 69 ? 3.210   -9.559  8.604   0.50 16.28 ? 66  GLU A OE1 1 
ATOM   470 O  OE1 B GLU A 1 69 ? 3.016   -9.855  8.354   0.50 25.07 ? 66  GLU A OE1 1 
ATOM   471 O  OE2 A GLU A 1 69 ? 1.491   -10.869 8.991   0.50 19.96 ? 66  GLU A OE2 1 
ATOM   472 O  OE2 B GLU A 1 69 ? 2.865   -12.026 8.038   0.50 26.97 ? 66  GLU A OE2 1 
ATOM   473 N  N   . ASP A 1 70 ? -1.241  -10.162 4.426   1.00 10.11 ? 67  ASP A N   1 
ATOM   474 C  CA  . ASP A 1 70 ? -2.179  -11.186 3.940   1.00 10.08 ? 67  ASP A CA  1 
ATOM   475 C  C   . ASP A 1 70 ? -2.303  -11.189 2.410   1.00 10.43 ? 67  ASP A C   1 
ATOM   476 O  O   . ASP A 1 70 ? -2.523  -12.228 1.814   1.00 12.57 ? 67  ASP A O   1 
ATOM   477 C  CB  . ASP A 1 70 ? -3.549  -11.013 4.587   1.00 10.74 ? 67  ASP A CB  1 
ATOM   478 C  CG  . ASP A 1 70 ? -3.600  -11.538 6.008   1.00 13.12 ? 67  ASP A CG  1 
ATOM   479 O  OD1 . ASP A 1 70 ? -2.652  -12.205 6.471   1.00 15.79 ? 67  ASP A OD1 1 
ATOM   480 O  OD2 . ASP A 1 70 ? -4.639  -11.324 6.647   1.00 14.73 ? 67  ASP A OD2 1 
ATOM   481 N  N   . LEU A 1 71 ? -2.153  -10.030 1.791   1.00 9.83  ? 68  LEU A N   1 
ATOM   482 C  CA  . LEU A 1 71 ? -2.252  -9.911  0.346   1.00 9.77  ? 68  LEU A CA  1 
ATOM   483 C  C   . LEU A 1 71 ? -1.010  -10.434 -0.384  1.00 9.94  ? 68  LEU A C   1 
ATOM   484 O  O   . LEU A 1 71 ? -1.132  -11.055 -1.433  1.00 11.25 ? 68  LEU A O   1 
ATOM   485 C  CB  . LEU A 1 71 ? -2.471  -8.442  -0.015  1.00 9.99  ? 68  LEU A CB  1 
ATOM   486 C  CG  . LEU A 1 71 ? -2.548  -8.090  -1.499  1.00 9.85  ? 68  LEU A CG  1 
ATOM   487 C  CD1 . LEU A 1 71 ? -3.818  -8.641  -2.126  1.00 11.47 ? 68  LEU A CD1 1 
ATOM   488 C  CD2 . LEU A 1 71 ? -2.459  -6.586  -1.702  1.00 11.32 ? 68  LEU A CD2 1 
ATOM   489 N  N   . THR A 1 72 ? 0.168   -10.140 0.167   1.00 10.02 ? 69  THR A N   1 
ATOM   490 C  CA  . THR A 1 72 ? 1.444   -10.352 -0.516  1.00 10.39 ? 69  THR A CA  1 
ATOM   491 C  C   . THR A 1 72 ? 2.433   -11.253 0.167   1.00 11.26 ? 69  THR A C   1 
ATOM   492 O  O   . THR A 1 72 ? 3.408   -11.672 -0.476  1.00 12.81 ? 69  THR A O   1 
ATOM   493 C  CB  . THR A 1 72 ? 2.187   -9.000  -0.688  1.00 10.76 ? 69  THR A CB  1 
ATOM   494 O  OG1 . THR A 1 72 ? 2.594   -8.501  0.590   1.00 11.21 ? 69  THR A OG1 1 
ATOM   495 C  CG2 . THR A 1 72 ? 1.352   -7.989  -1.421  1.00 11.79 ? 69  THR A CG2 1 
ATOM   496 N  N   . GLY A 1 73 ? 2.240   -11.506 1.455   1.00 12.47 ? 70  GLY A N   1 
ATOM   497 C  CA  . GLY A 1 73 ? 3.279   -12.154 2.280   1.00 14.41 ? 70  GLY A CA  1 
ATOM   498 C  C   . GLY A 1 73 ? 4.375   -11.231 2.806   1.00 13.83 ? 70  GLY A C   1 
ATOM   499 O  O   . GLY A 1 73 ? 5.265   -11.679 3.553   1.00 18.19 ? 70  GLY A O   1 
ATOM   500 N  N   . VAL A 1 74 ? 4.364   -9.963  2.406   1.00 13.38 ? 71  VAL A N   1 
ATOM   501 C  CA  . VAL A 1 74 ? 5.399   -9.029  2.846   1.00 14.42 ? 71  VAL A CA  1 
ATOM   502 C  C   . VAL A 1 74 ? 5.038   -8.480  4.215   1.00 12.84 ? 71  VAL A C   1 
ATOM   503 O  O   . VAL A 1 74 ? 3.946   -7.951  4.392   1.00 12.50 ? 71  VAL A O   1 
ATOM   504 C  CB  . VAL A 1 74 ? 5.552   -7.864  1.843   1.00 14.04 ? 71  VAL A CB  1 
ATOM   505 C  CG1 . VAL A 1 74 ? 6.532   -6.804  2.354   1.00 16.44 ? 71  VAL A CG1 1 
ATOM   506 C  CG2 . VAL A 1 74 ? 6.011   -8.370  0.485   1.00 16.84 ? 71  VAL A CG2 1 
ATOM   507 N  N   . THR A 1 75 ? 5.956   -8.624  5.173   1.00 13.26 ? 72  THR A N   1 
ATOM   508 C  CA  . THR A 1 75 ? 5.843   -7.970  6.464   1.00 12.10 ? 72  THR A CA  1 
ATOM   509 C  C   . THR A 1 75 ? 6.612   -6.666  6.277   1.00 12.33 ? 72  THR A C   1 
ATOM   510 O  O   . THR A 1 75 ? 7.850   -6.653  6.246   1.00 13.78 ? 72  THR A O   1 
ATOM   511 C  CB  . THR A 1 75 ? 6.445   -8.790  7.608   1.00 12.47 ? 72  THR A CB  1 
ATOM   512 O  OG1 . THR A 1 75 ? 5.732   -10.017 7.765   1.00 16.32 ? 72  THR A OG1 1 
ATOM   513 C  CG2 . THR A 1 75 ? 6.411   -7.999  8.908   1.00 15.57 ? 72  THR A CG2 1 
ATOM   514 N  N   A LEU A 1 76 ? 5.886   -5.572  6.143   0.50 10.57 ? 73  LEU A N   1 
ATOM   515 N  N   B LEU A 1 76 ? 5.895   -5.559  6.112   0.50 10.62 ? 73  LEU A N   1 
ATOM   516 C  CA  A LEU A 1 76 ? 6.494   -4.288  5.841   0.50 11.12 ? 73  LEU A CA  1 
ATOM   517 C  CA  B LEU A 1 76 ? 6.584   -4.293  5.879   0.50 10.37 ? 73  LEU A CA  1 
ATOM   518 C  C   A LEU A 1 76 ? 7.295   -3.713  7.025   0.50 10.74 ? 73  LEU A C   1 
ATOM   519 C  C   B LEU A 1 76 ? 7.366   -3.858  7.080   0.50 9.23  ? 73  LEU A C   1 
ATOM   520 O  O   A LEU A 1 76 ? 6.720   -3.510  8.104   0.50 10.49 ? 73  LEU A O   1 
ATOM   521 O  O   B LEU A 1 76 ? 6.854   -3.873  8.209   0.50 8.83  ? 73  LEU A O   1 
ATOM   522 C  CB  A LEU A 1 76 ? 5.361   -3.352  5.444   0.50 13.50 ? 73  LEU A CB  1 
ATOM   523 C  CB  B LEU A 1 76 ? 5.617   -3.175  5.542   0.50 13.47 ? 73  LEU A CB  1 
ATOM   524 C  CG  A LEU A 1 76 ? 5.748   -1.966  4.990   0.50 11.35 ? 73  LEU A CG  1 
ATOM   525 C  CG  B LEU A 1 76 ? 5.112   -3.140  4.117   0.50 13.57 ? 73  LEU A CG  1 
ATOM   526 C  CD1 A LEU A 1 76 ? 6.669   -2.037  3.777   0.50 12.28 ? 73  LEU A CD1 1 
ATOM   527 C  CD1 B LEU A 1 76 ? 4.008   -2.106  4.021   0.50 14.42 ? 73  LEU A CD1 1 
ATOM   528 C  CD2 A LEU A 1 76 ? 4.500   -1.139  4.702   0.50 11.98 ? 73  LEU A CD2 1 
ATOM   529 C  CD2 B LEU A 1 76 ? 6.233   -2.854  3.129   0.50 14.54 ? 73  LEU A CD2 1 
ATOM   530 N  N   . SER A 1 77 ? 8.606   -3.463  6.833   1.00 10.17 ? 74  SER A N   1 
ATOM   531 C  CA  . SER A 1 77 ? 9.433   -2.893  7.880   1.00 9.85  ? 74  SER A CA  1 
ATOM   532 C  C   . SER A 1 77 ? 9.243   -1.385  7.946   1.00 9.47  ? 74  SER A C   1 
ATOM   533 O  O   . SER A 1 77 ? 8.910   -0.735  6.940   1.00 10.09 ? 74  SER A O   1 
ATOM   534 C  CB  . SER A 1 77 ? 10.912  -3.206  7.665   1.00 10.87 ? 74  SER A CB  1 
ATOM   535 O  OG  . SER A 1 77 ? 11.378  -2.575  6.490   1.00 11.46 ? 74  SER A OG  1 
ATOM   536 N  N   . VAL A 1 78 ? 9.496   -0.826  9.128   1.00 9.70  ? 75  VAL A N   1 
ATOM   537 C  CA  . VAL A 1 78 ? 9.523   0.630   9.264   1.00 9.94  ? 75  VAL A CA  1 
ATOM   538 C  C   . VAL A 1 78 ? 10.518  1.247   8.289   1.00 9.38  ? 75  VAL A C   1 
ATOM   539 O  O   . VAL A 1 78 ? 10.224  2.257   7.649   1.00 9.84  ? 75  VAL A O   1 
ATOM   540 C  CB  . VAL A 1 78 ? 9.887   1.033   10.724  1.00 10.84 ? 75  VAL A CB  1 
ATOM   541 C  CG1 . VAL A 1 78 ? 10.235  2.503   10.842  1.00 12.01 ? 75  VAL A CG1 1 
ATOM   542 C  CG2 . VAL A 1 78 ? 8.737   0.690   11.644  1.00 11.88 ? 75  VAL A CG2 1 
ATOM   543 N  N   . ALA A 1 79 ? 11.675  0.617   8.156   1.00 9.84  ? 76  ALA A N   1 
ATOM   544 C  CA  . ALA A 1 79 ? 12.700  1.158   7.268   1.00 10.39 ? 76  ALA A CA  1 
ATOM   545 C  C   . ALA A 1 79 ? 12.187  1.256   5.816   1.00 9.73  ? 76  ALA A C   1 
ATOM   546 O  O   . ALA A 1 79 ? 12.338  2.290   5.155   1.00 11.22 ? 76  ALA A O   1 
ATOM   547 C  CB  . ALA A 1 79 ? 13.967  0.321   7.349   1.00 11.45 ? 76  ALA A CB  1 
ATOM   548 N  N   . VAL A 1 80 ? 11.634  0.168   5.300   1.00 9.61  ? 77  VAL A N   1 
ATOM   549 C  CA  . VAL A 1 80 ? 11.164  0.182   3.920   1.00 10.36 ? 77  VAL A CA  1 
ATOM   550 C  C   . VAL A 1 80 ? 10.024  1.170   3.741   1.00 9.61  ? 77  VAL A C   1 
ATOM   551 O  O   . VAL A 1 80 ? 9.961   1.907   2.744   1.00 10.18 ? 77  VAL A O   1 
ATOM   552 C  CB  . VAL A 1 80 ? 10.747  -1.214  3.420   1.00 11.77 ? 77  VAL A CB  1 
ATOM   553 C  CG1 . VAL A 1 80 ? 9.969   -1.154  2.109   1.00 15.04 ? 77  VAL A CG1 1 
ATOM   554 C  CG2 . VAL A 1 80 ? 11.925  -2.145  3.291   1.00 14.46 ? 77  VAL A CG2 1 
ATOM   555 N  N   . ALA A 1 81 ? 9.107   1.198   4.700   1.00 9.74  ? 78  ALA A N   1 
ATOM   556 C  CA  . ALA A 1 81 ? 7.931   2.045   4.590   1.00 9.78  ? 78  ALA A CA  1 
ATOM   557 C  C   . ALA A 1 81 ? 8.315   3.528   4.577   1.00 9.38  ? 78  ALA A C   1 
ATOM   558 O  O   . ALA A 1 81 ? 7.850   4.282   3.716   1.00 10.55 ? 78  ALA A O   1 
ATOM   559 C  CB  . ALA A 1 81 ? 6.952   1.741   5.721   1.00 10.76 ? 78  ALA A CB  1 
ATOM   560 N  N   . PHE A 1 82 ? 9.173   3.954   5.500   1.00 9.02  ? 79  PHE A N   1 
ATOM   561 C  CA  . PHE A 1 82 ? 9.547   5.356   5.538   1.00 8.91  ? 79  PHE A CA  1 
ATOM   562 C  C   . PHE A 1 82 ? 10.524  5.739   4.433   1.00 8.77  ? 79  PHE A C   1 
ATOM   563 O  O   . PHE A 1 82 ? 10.628  6.919   4.102   1.00 9.48  ? 79  PHE A O   1 
ATOM   564 C  CB  . PHE A 1 82 ? 9.992   5.785   6.921   1.00 9.34  ? 79  PHE A CB  1 
ATOM   565 C  CG  . PHE A 1 82 ? 8.842   5.973   7.861   1.00 10.23 ? 79  PHE A CG  1 
ATOM   566 C  CD1 . PHE A 1 82 ? 8.121   7.156   7.862   1.00 12.03 ? 79  PHE A CD1 1 
ATOM   567 C  CD2 . PHE A 1 82 ? 8.426   4.951   8.682   1.00 14.42 ? 79  PHE A CD2 1 
ATOM   568 C  CE1 . PHE A 1 82 ? 7.059   7.331   8.716   1.00 14.53 ? 79  PHE A CE1 1 
ATOM   569 C  CE2 . PHE A 1 82 ? 7.365   5.120   9.545   1.00 17.99 ? 79  PHE A CE2 1 
ATOM   570 C  CZ  . PHE A 1 82 ? 6.679   6.313   9.563   1.00 16.84 ? 79  PHE A CZ  1 
ATOM   571 N  N   . ALA A 1 83 ? 11.208  4.756   3.853   1.00 8.69  ? 80  ALA A N   1 
ATOM   572 C  CA  . ALA A 1 83 ? 12.056  5.006   2.689   1.00 8.29  ? 80  ALA A CA  1 
ATOM   573 C  C   . ALA A 1 83 ? 11.227  5.171   1.413   1.00 8.18  ? 80  ALA A C   1 
ATOM   574 O  O   . ALA A 1 83 ? 11.718  5.718   0.423   1.00 8.74  ? 80  ALA A O   1 
ATOM   575 C  CB  . ALA A 1 83 ? 13.083  3.897   2.497   1.00 9.48  ? 80  ALA A CB  1 
ATOM   576 N  N   . HIS A 1 84 ? 9.980   4.669   1.430   1.00 8.13  ? 81  HIS A N   1 
ATOM   577 C  CA  . HIS A 1 84 ? 9.054   4.743   0.285   1.00 7.84  ? 81  HIS A CA  1 
ATOM   578 C  C   . HIS A 1 84 ? 7.719   5.222   0.847   1.00 8.01  ? 81  HIS A C   1 
ATOM   579 O  O   . HIS A 1 84 ? 6.736   4.478   0.882   1.00 8.84  ? 81  HIS A O   1 
ATOM   580 C  CB  . HIS A 1 84 ? 8.907   3.351   -0.351  1.00 8.70  ? 81  HIS A CB  1 
ATOM   581 C  CG  . HIS A 1 84 ? 10.219  2.753   -0.739  1.00 8.21  ? 81  HIS A CG  1 
ATOM   582 N  ND1 . HIS A 1 84 ? 11.051  2.132   0.171   1.00 9.00  ? 81  HIS A ND1 1 
ATOM   583 C  CD2 . HIS A 1 84 ? 10.873  2.738   -1.917  1.00 8.75  ? 81  HIS A CD2 1 
ATOM   584 C  CE1 . HIS A 1 84 ? 12.173  1.769   -0.443  1.00 9.10  ? 81  HIS A CE1 1 
ATOM   585 N  NE2 . HIS A 1 84 ? 12.080  2.113   -1.710  1.00 10.20 ? 81  HIS A NE2 1 
ATOM   586 N  N   . PRO A 1 85 ? 7.679   6.481   1.309   1.00 8.11  ? 82  PRO A N   1 
ATOM   587 C  CA  . PRO A 1 85 ? 6.612   6.911   2.205   1.00 8.66  ? 82  PRO A CA  1 
ATOM   588 C  C   . PRO A 1 85 ? 5.330   7.382   1.569   1.00 8.90  ? 82  PRO A C   1 
ATOM   589 O  O   . PRO A 1 85 ? 4.481   7.909   2.280   1.00 12.65 ? 82  PRO A O   1 
ATOM   590 C  CB  . PRO A 1 85 ? 7.289   8.038   2.990   1.00 9.32  ? 82  PRO A CB  1 
ATOM   591 C  CG  . PRO A 1 85 ? 8.188   8.671   1.962   1.00 9.54  ? 82  PRO A CG  1 
ATOM   592 C  CD  . PRO A 1 85 ? 8.747   7.499   1.207   1.00 9.23  ? 82  PRO A CD  1 
ATOM   593 N  N   . THR A 1 86 ? 5.165   7.187   0.266   1.00 8.17  ? 83  THR A N   1 
ATOM   594 C  CA  . THR A 1 86 ? 3.988   7.612   -0.473  1.00 8.42  ? 83  THR A CA  1 
ATOM   595 C  C   . THR A 1 86 ? 3.322   6.372   -1.054  1.00 8.28  ? 83  THR A C   1 
ATOM   596 O  O   . THR A 1 86 ? 3.972   5.346   -1.241  1.00 8.72  ? 83  THR A O   1 
ATOM   597 C  CB  . THR A 1 86 ? 4.351   8.600   -1.590  1.00 8.25  ? 83  THR A CB  1 
ATOM   598 O  OG1 . THR A 1 86 ? 5.088   7.908   -2.609  1.00 8.88  ? 83  THR A OG1 1 
ATOM   599 C  CG2 . THR A 1 86 ? 5.180   9.758   -1.048  1.00 9.27  ? 83  THR A CG2 1 
ATOM   600 N  N   . ILE A 1 87 ? 2.030   6.454   -1.357  1.00 8.08  ? 84  ILE A N   1 
ATOM   601 C  CA  . ILE A 1 87 ? 1.381   5.278   -1.938  1.00 8.59  ? 84  ILE A CA  1 
ATOM   602 C  C   . ILE A 1 87 ? 2.097   4.813   -3.189  1.00 8.57  ? 84  ILE A C   1 
ATOM   603 O  O   . ILE A 1 87 ? 2.320   3.620   -3.383  1.00 9.40  ? 84  ILE A O   1 
ATOM   604 C  CB  . ILE A 1 87 ? -0.116  5.520   -2.232  1.00 9.06  ? 84  ILE A CB  1 
ATOM   605 C  CG1 . ILE A 1 87 ? -0.895  5.539   -0.920  1.00 9.72  ? 84  ILE A CG1 1 
ATOM   606 C  CG2 . ILE A 1 87 ? -0.663  4.497   -3.218  1.00 9.73  ? 84  ILE A CG2 1 
ATOM   607 C  CD1 . ILE A 1 87 ? -2.323  6.043   -1.064  1.00 12.03 ? 84  ILE A CD1 1 
ATOM   608 N  N   . GLU A 1 88 ? 2.423   5.744   -4.082  1.00 8.77  ? 85  GLU A N   1 
ATOM   609 C  CA  . GLU A 1 88 ? 2.983   5.298   -5.348  1.00 9.83  ? 85  GLU A CA  1 
ATOM   610 C  C   . GLU A 1 88 ? 4.355   4.659   -5.190  1.00 8.86  ? 85  GLU A C   1 
ATOM   611 O  O   . GLU A 1 88 ? 4.638   3.666   -5.845  1.00 10.55 ? 85  GLU A O   1 
ATOM   612 C  CB  . GLU A 1 88 ? 2.942   6.409   -6.387  1.00 11.84 ? 85  GLU A CB  1 
ATOM   613 C  CG  . GLU A 1 88 ? 3.763   7.624   -6.043  1.00 11.47 ? 85  GLU A CG  1 
ATOM   614 C  CD  . GLU A 1 88 ? 3.345   8.927   -6.743  1.00 13.52 ? 85  GLU A CD  1 
ATOM   615 O  OE1 . GLU A 1 88 ? 2.395   8.954   -7.535  1.00 17.68 ? 85  GLU A OE1 1 
ATOM   616 O  OE2 . GLU A 1 88 ? 3.943   9.963   -6.474  1.00 13.78 ? 85  GLU A OE2 1 
ATOM   617 N  N   . SER A 1 89 ? 5.194   5.204   -4.300  1.00 8.37  ? 86  SER A N   1 
ATOM   618 C  CA  . SER A 1 89 ? 6.528   4.617   -4.087  1.00 8.61  ? 86  SER A CA  1 
ATOM   619 C  C   . SER A 1 89 ? 6.440   3.312   -3.298  1.00 8.45  ? 86  SER A C   1 
ATOM   620 O  O   . SER A 1 89 ? 7.145   2.353   -3.601  1.00 9.45  ? 86  SER A O   1 
ATOM   621 C  CB  . SER A 1 89 ? 7.475   5.629   -3.451  1.00 8.95  ? 86  SER A CB  1 
ATOM   622 O  OG  . SER A 1 89 ? 7.083   6.056   -2.165  1.00 9.88  ? 86  SER A OG  1 
ATOM   623 N  N   . LEU A 1 90 ? 5.575   3.273   -2.292  1.00 8.05  ? 87  LEU A N   1 
ATOM   624 C  CA  . LEU A 1 90 ? 5.413   2.054   -1.509  1.00 8.30  ? 87  LEU A CA  1 
ATOM   625 C  C   . LEU A 1 90 ? 4.902   0.921   -2.384  1.00 8.84  ? 87  LEU A C   1 
ATOM   626 O  O   . LEU A 1 90 ? 5.395   -0.205  -2.319  1.00 9.27  ? 87  LEU A O   1 
ATOM   627 C  CB  . LEU A 1 90 ? 4.461   2.278   -0.341  1.00 9.14  ? 87  LEU A CB  1 
ATOM   628 C  CG  . LEU A 1 90 ? 4.300   1.065   0.581   1.00 10.31 ? 87  LEU A CG  1 
ATOM   629 C  CD1 . LEU A 1 90 ? 5.594   0.723   1.295   1.00 13.42 ? 87  LEU A CD1 1 
ATOM   630 C  CD2 . LEU A 1 90 ? 3.169   1.275   1.569   1.00 11.41 ? 87  LEU A CD2 1 
ATOM   631 N  N   . ALA A 1 91 ? 3.890   1.211   -3.199  1.00 8.63  ? 88  ALA A N   1 
ATOM   632 C  CA  . ALA A 1 91 ? 3.324   0.183   -4.065  1.00 9.28  ? 88  ALA A CA  1 
ATOM   633 C  C   . ALA A 1 91 ? 4.375   -0.396  -4.994  1.00 9.22  ? 88  ALA A C   1 
ATOM   634 O  O   . ALA A 1 91 ? 4.450   -1.608  -5.176  1.00 9.89  ? 88  ALA A O   1 
ATOM   635 C  CB  . ALA A 1 91 ? 2.173   0.738   -4.863  1.00 9.92  ? 88  ALA A CB  1 
ATOM   636 N  N   . THR A 1 92 ? 5.179   0.485   -5.579  1.00 9.35  ? 89  THR A N   1 
ATOM   637 C  CA  . THR A 1 92 ? 6.223   0.037   -6.486  1.00 10.12 ? 89  THR A CA  1 
ATOM   638 C  C   . THR A 1 92 ? 7.206   -0.882  -5.761  1.00 9.17  ? 89  THR A C   1 
ATOM   639 O  O   . THR A 1 92 ? 7.585   -1.945  -6.270  1.00 10.04 ? 89  THR A O   1 
ATOM   640 C  CB  . THR A 1 92 ? 6.938   1.233   -7.123  1.00 11.32 ? 89  THR A CB  1 
ATOM   641 O  OG1 . THR A 1 92 ? 5.966   2.024   -7.820  1.00 12.99 ? 89  THR A OG1 1 
ATOM   642 C  CG2 . THR A 1 92 ? 8.011   0.778   -8.067  1.00 13.01 ? 89  THR A CG2 1 
ATOM   643 N  N   A ARG A 1 93 ? 7.628   -0.488  -4.557  0.60 8.99  ? 90  ARG A N   1 
ATOM   644 N  N   B ARG A 1 93 ? 7.607   -0.470  -4.563  0.40 9.49  ? 90  ARG A N   1 
ATOM   645 C  CA  A ARG A 1 93 ? 8.601   -1.286  -3.812  0.60 9.05  ? 90  ARG A CA  1 
ATOM   646 C  CA  B ARG A 1 93 ? 8.555   -1.235  -3.791  0.40 9.87  ? 90  ARG A CA  1 
ATOM   647 C  C   A ARG A 1 93 ? 8.035   -2.614  -3.307  0.60 8.93  ? 90  ARG A C   1 
ATOM   648 C  C   B ARG A 1 93 ? 8.006   -2.600  -3.399  0.40 9.54  ? 90  ARG A C   1 
ATOM   649 O  O   A ARG A 1 93 ? 8.746   -3.615  -3.265  0.60 9.90  ? 90  ARG A O   1 
ATOM   650 O  O   B ARG A 1 93 ? 8.684   -3.612  -3.574  0.40 10.02 ? 90  ARG A O   1 
ATOM   651 C  CB  A ARG A 1 93 ? 9.167   -0.461  -2.662  0.60 8.82  ? 90  ARG A CB  1 
ATOM   652 C  CB  B ARG A 1 93 ? 8.946   -0.449  -2.552  0.40 10.44 ? 90  ARG A CB  1 
ATOM   653 C  CG  A ARG A 1 93 ? 10.063  -1.219  -1.697  0.60 10.19 ? 90  ARG A CG  1 
ATOM   654 C  CG  B ARG A 1 93 ? 10.063  -1.088  -1.766  0.40 11.70 ? 90  ARG A CG  1 
ATOM   655 C  CD  A ARG A 1 93 ? 11.275  -1.855  -2.369  0.60 11.17 ? 90  ARG A CD  1 
ATOM   656 C  CD  B ARG A 1 93 ? 11.231  -1.400  -2.683  0.40 14.39 ? 90  ARG A CD  1 
ATOM   657 N  NE  A ARG A 1 93 ? 12.243  -2.255  -1.353  0.60 17.85 ? 90  ARG A NE  1 
ATOM   658 N  NE  B ARG A 1 93 ? 12.466  -1.528  -1.941  0.40 14.03 ? 90  ARG A NE  1 
ATOM   659 C  CZ  A ARG A 1 93 ? 13.428  -1.685  -1.081  0.60 15.87 ? 90  ARG A CZ  1 
ATOM   660 C  CZ  B ARG A 1 93 ? 12.787  -2.594  -1.212  0.40 19.64 ? 90  ARG A CZ  1 
ATOM   661 N  NH1 A ARG A 1 93 ? 13.940  -0.683  -1.801  0.60 17.72 ? 90  ARG A NH1 1 
ATOM   662 N  NH1 B ARG A 1 93 ? 11.949  -3.620  -1.118  0.40 20.20 ? 90  ARG A NH1 1 
ATOM   663 N  NH2 A ARG A 1 93 ? 14.146  -2.181  -0.096  0.60 19.78 ? 90  ARG A NH2 1 
ATOM   664 N  NH2 B ARG A 1 93 ? 13.930  -2.621  -0.555  0.40 18.27 ? 90  ARG A NH2 1 
ATOM   665 N  N   . ILE A 1 94 ? 6.770   -2.633  -2.910  1.00 9.14  ? 91  ILE A N   1 
ATOM   666 C  CA  . ILE A 1 94 ? 6.174   -3.906  -2.477  1.00 10.01 ? 91  ILE A CA  1 
ATOM   667 C  C   . ILE A 1 94 ? 6.226   -4.923  -3.614  1.00 10.24 ? 91  ILE A C   1 
ATOM   668 O  O   . ILE A 1 94 ? 6.545   -6.099  -3.409  1.00 10.94 ? 91  ILE A O   1 
ATOM   669 C  CB  . ILE A 1 94 ? 4.726   -3.724  -1.994  1.00 9.86  ? 91  ILE A CB  1 
ATOM   670 C  CG1 . ILE A 1 94 ? 4.720   -2.977  -0.655  1.00 11.19 ? 91  ILE A CG1 1 
ATOM   671 C  CG2 . ILE A 1 94 ? 4.048   -5.080  -1.847  1.00 11.79 ? 91  ILE A CG2 1 
ATOM   672 C  CD1 . ILE A 1 94 ? 3.359   -2.481  -0.241  1.00 12.29 ? 91  ILE A CD1 1 
ATOM   673 N  N   . ILE A 1 95 ? 5.878   -4.474  -4.817  1.00 9.68  ? 92  ILE A N   1 
ATOM   674 C  CA  . ILE A 1 95 ? 5.817   -5.373  -5.971  1.00 10.54 ? 92  ILE A CA  1 
ATOM   675 C  C   . ILE A 1 95 ? 7.190   -5.702  -6.550  1.00 11.91 ? 92  ILE A C   1 
ATOM   676 O  O   . ILE A 1 95 ? 7.488   -6.855  -6.841  1.00 13.35 ? 92  ILE A O   1 
ATOM   677 C  CB  . ILE A 1 95 ? 4.903   -4.787  -7.064  1.00 11.13 ? 92  ILE A CB  1 
ATOM   678 C  CG1 . ILE A 1 95 ? 3.481   -4.562  -6.531  1.00 10.90 ? 92  ILE A CG1 1 
ATOM   679 C  CG2 . ILE A 1 95 ? 4.898   -5.642  -8.329  1.00 12.34 ? 92  ILE A CG2 1 
ATOM   680 C  CD1 . ILE A 1 95 ? 2.795   -5.797  -5.979  1.00 11.30 ? 92  ILE A CD1 1 
ATOM   681 N  N   . GLU A 1 96 ? 8.020   -4.675  -6.726  1.00 11.77 ? 93  GLU A N   1 
ATOM   682 C  CA  . GLU A 1 96 ? 9.282   -4.861  -7.431  1.00 12.89 ? 93  GLU A CA  1 
ATOM   683 C  C   . GLU A 1 96 ? 10.457  -5.223  -6.550  1.00 14.58 ? 93  GLU A C   1 
ATOM   684 O  O   . GLU A 1 96 ? 11.453  -5.725  -7.080  1.00 18.79 ? 93  GLU A O   1 
ATOM   685 C  CB  . GLU A 1 96 ? 9.574   -3.617  -8.292  1.00 13.83 ? 93  GLU A CB  1 
ATOM   686 C  CG  . GLU A 1 96 ? 8.469   -3.396  -9.325  1.00 14.94 ? 93  GLU A CG  1 
ATOM   687 C  CD  . GLU A 1 96 ? 8.710   -2.267  -10.314 1.00 16.03 ? 93  GLU A CD  1 
ATOM   688 O  OE1 . GLU A 1 96 ? 9.676   -1.507  -10.166 1.00 16.88 ? 93  GLU A OE1 1 
ATOM   689 O  OE2 . GLU A 1 96 ? 7.898   -2.120  -11.251 1.00 19.23 ? 93  GLU A OE2 1 
ATOM   690 N  N   . GLY A 1 97 ? 10.373  -5.005  -5.244  1.00 16.71 ? 94  GLY A N   1 
ATOM   691 C  CA  . GLY A 1 97 ? 11.477  -5.345  -4.328  1.00 20.79 ? 94  GLY A CA  1 
ATOM   692 C  C   . GLY A 1 97 ? 12.701  -4.478  -4.546  1.00 23.99 ? 94  GLY A C   1 
ATOM   693 O  O   . GLY A 1 97 ? 12.645  -3.489  -5.277  1.00 25.03 ? 94  GLY A O   1 
ATOM   694 N  N   . GLU A 1 98 ? 13.819  -4.840  -3.922  1.00 32.30 ? 95  GLU A N   1 
ATOM   695 C  CA  . GLU A 1 98 ? 15.043  -4.054  -4.106  1.00 34.52 ? 95  GLU A CA  1 
ATOM   696 C  C   . GLU A 1 98 ? 15.616  -4.349  -5.486  1.00 36.20 ? 95  GLU A C   1 
ATOM   697 O  O   . GLU A 1 98 ? 15.570  -5.495  -5.949  1.00 35.54 ? 95  GLU A O   1 
ATOM   698 C  CB  . GLU A 1 98 ? 16.086  -4.362  -3.037  1.00 40.18 ? 95  GLU A CB  1 
ATOM   699 C  CG  . GLU A 1 98 ? 17.245  -3.368  -3.057  1.00 43.52 ? 95  GLU A CG  1 
ATOM   700 C  CD  . GLU A 1 98 ? 18.374  -3.723  -2.109  1.00 47.10 ? 95  GLU A CD  1 
ATOM   701 O  OE1 . GLU A 1 98 ? 18.417  -4.871  -1.611  1.00 48.85 ? 95  GLU A OE1 1 
ATOM   702 O  OE2 . GLU A 1 98 ? 19.236  -2.844  -1.880  1.00 50.80 ? 95  GLU A OE2 1 
HETATM 703 C  C1  . MPD B 2 .  ? 3.395   6.285   6.506   1.00 39.28 ? 201 MPD A C1  1 
HETATM 704 C  C2  . MPD B 2 .  ? 3.627   4.833   6.296   1.00 37.39 ? 201 MPD A C2  1 
HETATM 705 O  O2  . MPD B 2 .  ? 4.341   4.747   5.050   1.00 43.28 ? 201 MPD A O2  1 
HETATM 706 C  CM  . MPD B 2 .  ? 4.475   4.339   7.409   1.00 39.24 ? 201 MPD A CM  1 
HETATM 707 C  C3  . MPD B 2 .  ? 2.262   4.126   6.304   1.00 34.03 ? 201 MPD A C3  1 
HETATM 708 C  C4  . MPD B 2 .  ? 1.390   4.483   7.490   1.00 32.04 ? 201 MPD A C4  1 
HETATM 709 O  O4  . MPD B 2 .  ? 0.950   5.795   7.554   1.00 30.09 ? 201 MPD A O4  1 
HETATM 710 C  C5  . MPD B 2 .  ? 0.073   3.764   7.445   1.00 32.13 ? 201 MPD A C5  1 
HETATM 711 C  C1  A EDO C 3 .  ? -0.725  7.201   11.823  0.50 19.01 ? 202 EDO A C1  1 
HETATM 712 C  C1  B EDO C 3 .  ? -0.578  6.958   12.021  0.50 20.55 ? 202 EDO A C1  1 
HETATM 713 O  O1  . EDO C 3 .  ? 0.484   7.910   12.145  1.00 21.65 ? 202 EDO A O1  1 
HETATM 714 C  C2  A EDO C 3 .  ? -0.516  6.335   10.588  0.50 18.82 ? 202 EDO A C2  1 
HETATM 715 C  C2  B EDO C 3 .  ? -0.970  6.935   10.562  0.50 21.05 ? 202 EDO A C2  1 
HETATM 716 O  O2  A EDO C 3 .  ? -0.334  7.139   9.417   0.50 18.52 ? 202 EDO A O2  1 
HETATM 717 O  O2  B EDO C 3 .  ? -1.371  8.255   10.175  0.50 21.26 ? 202 EDO A O2  1 
HETATM 718 O  O   . HOH D 4 .  ? 4.910   4.046   3.075   1.00 19.45 ? 301 HOH A O   1 
HETATM 719 O  O   A HOH D 4 .  ? -6.922  -6.720  -9.969  0.65 17.68 ? 302 HOH A O   1 
HETATM 720 O  O   B HOH D 4 .  ? -7.038  -6.311  -11.937 0.35 14.11 ? 302 HOH A O   1 
HETATM 721 O  O   . HOH D 4 .  ? -2.134  8.931   7.894   1.00 15.34 ? 303 HOH A O   1 
HETATM 722 O  O   . HOH D 4 .  ? 3.046   -17.016 -11.668 1.00 25.05 ? 304 HOH A O   1 
HETATM 723 O  O   B HOH D 4 .  ? 14.575  -0.013  -1.781  0.40 9.97  ? 305 HOH A O   1 
HETATM 724 O  O   A HOH D 4 .  ? 11.975  -4.282  0.289   0.50 22.06 ? 306 HOH A O   1 
HETATM 725 O  O   A HOH D 4 .  ? -10.822 2.178   -6.700  0.65 24.40 ? 307 HOH A O   1 
HETATM 726 O  O   . HOH D 4 .  ? 1.048   7.087   15.007  1.00 21.26 ? 308 HOH A O   1 
HETATM 727 O  O   A HOH D 4 .  ? 4.967   14.426  6.837   0.50 28.75 ? 309 HOH A O   1 
HETATM 728 O  O   B HOH D 4 .  ? 6.591   13.246  6.390   0.50 32.55 ? 309 HOH A O   1 
HETATM 729 O  O   . HOH D 4 .  ? 5.754   9.633   -4.582  1.00 10.29 ? 310 HOH A O   1 
HETATM 730 O  O   . HOH D 4 .  ? 3.901   12.109  -8.020  1.00 19.13 ? 311 HOH A O   1 
HETATM 731 O  O   . HOH D 4 .  ? 0.020   16.523  -3.771  1.00 30.90 ? 312 HOH A O   1 
HETATM 732 O  O   A HOH D 4 .  ? 5.280   -15.471 -11.808 0.50 22.77 ? 313 HOH A O   1 
HETATM 733 O  O   . HOH D 4 .  ? -9.206  4.383   -7.111  1.00 22.40 ? 314 HOH A O   1 
HETATM 734 O  O   A HOH D 4 .  ? -2.574  -15.216 -16.299 0.60 25.82 ? 315 HOH A O   1 
HETATM 735 O  O   B HOH D 4 .  ? -3.596  -13.023 -16.203 0.40 32.06 ? 315 HOH A O   1 
HETATM 736 O  O   . HOH D 4 .  ? -6.393  -9.296  7.198   1.00 18.00 ? 316 HOH A O   1 
HETATM 737 O  O   . HOH D 4 .  ? 0.864   7.301   -8.978  1.00 21.12 ? 317 HOH A O   1 
HETATM 738 O  O   . HOH D 4 .  ? 11.390  -0.445  -8.390  1.00 20.90 ? 318 HOH A O   1 
HETATM 739 O  O   A HOH D 4 .  ? -0.728  -14.055 6.119   0.65 27.81 ? 319 HOH A O   1 
HETATM 740 O  O   . HOH D 4 .  ? -15.613 4.376   4.754   1.00 30.97 ? 320 HOH A O   1 
HETATM 741 O  O   . HOH D 4 .  ? 5.985   -12.146 6.118   0.50 23.96 ? 321 HOH A O   1 
HETATM 742 O  O   A HOH D 4 .  ? -9.712  6.090   10.796  0.50 28.97 ? 322 HOH A O   1 
HETATM 743 O  O   B HOH D 4 .  ? -8.846  7.479   10.479  0.50 29.52 ? 322 HOH A O   1 
HETATM 744 O  O   . HOH D 4 .  ? 8.697   -7.464  -2.503  1.00 28.01 ? 323 HOH A O   1 
HETATM 745 O  O   . HOH D 4 .  ? 6.312   -4.089  -12.215 1.00 24.35 ? 324 HOH A O   1 
HETATM 746 O  O   . HOH D 4 .  ? -5.935  9.352   -6.863  1.00 22.80 ? 325 HOH A O   1 
HETATM 747 O  O   . HOH D 4 .  ? -3.507  10.811  11.191  1.00 30.38 ? 326 HOH A O   1 
HETATM 748 O  O   A HOH D 4 .  ? 3.948   17.312  3.144   0.65 31.26 ? 327 HOH A O   1 
HETATM 749 O  O   B HOH D 4 .  ? 5.086   16.985  3.644   0.35 28.69 ? 327 HOH A O   1 
HETATM 750 O  O   . HOH D 4 .  ? -1.066  -14.516 1.552   1.00 22.70 ? 328 HOH A O   1 
HETATM 751 O  O   . HOH D 4 .  ? 13.708  -4.034  5.972   1.00 17.14 ? 329 HOH A O   1 
HETATM 752 O  O   . HOH D 4 .  ? 0.093   10.462  11.231  1.00 24.66 ? 330 HOH A O   1 
HETATM 753 O  O   . HOH D 4 .  ? 0.326   8.729   -0.630  1.00 10.40 ? 331 HOH A O   1 
HETATM 754 O  O   A HOH D 4 .  ? -5.075  -13.029 8.761   0.65 23.54 ? 332 HOH A O   1 
HETATM 755 O  O   B HOH D 4 .  ? -4.291  -13.745 8.429   0.35 23.26 ? 332 HOH A O   1 
HETATM 756 O  O   A HOH D 4 .  ? 6.206   -9.175  -7.579  0.50 16.42 ? 333 HOH A O   1 
HETATM 757 O  O   B HOH D 4 .  ? 6.069   -9.167  -6.552  0.50 19.78 ? 333 HOH A O   1 
HETATM 758 O  O   . HOH D 4 .  ? 5.877   12.239  -3.826  1.00 10.91 ? 334 HOH A O   1 
HETATM 759 O  O   . HOH D 4 .  ? -2.700  -4.150  -13.675 1.00 26.98 ? 335 HOH A O   1 
HETATM 760 O  O   . HOH D 4 .  ? 3.065   -5.764  5.821   1.00 13.86 ? 336 HOH A O   1 
HETATM 761 O  O   . HOH D 4 .  ? 6.661   0.200   -12.084 1.00 26.45 ? 337 HOH A O   1 
HETATM 762 O  O   A HOH D 4 .  ? -8.518  0.011   10.793  0.50 27.02 ? 338 HOH A O   1 
HETATM 763 O  O   B HOH D 4 .  ? -8.309  0.097   12.271  0.50 33.26 ? 338 HOH A O   1 
HETATM 764 O  O   . HOH D 4 .  ? -2.706  12.038  8.953   1.00 18.73 ? 339 HOH A O   1 
HETATM 765 O  O   . HOH D 4 .  ? -9.134  3.619   13.501  1.00 36.69 ? 340 HOH A O   1 
HETATM 766 O  O   . HOH D 4 .  ? -14.633 -3.619  2.190   0.50 24.00 ? 341 HOH A O   1 
HETATM 767 O  O   A HOH D 4 .  ? 2.783   -6.809  8.865   0.70 15.95 ? 342 HOH A O   1 
HETATM 768 O  O   B HOH D 4 .  ? 3.526   -7.272  10.325  0.30 22.53 ? 342 HOH A O   1 
HETATM 769 O  O   . HOH D 4 .  ? -3.384  16.044  -1.293  1.00 29.77 ? 343 HOH A O   1 
HETATM 770 O  O   A HOH D 4 .  ? -10.687 3.636   10.127  0.70 26.63 ? 344 HOH A O   1 
HETATM 771 O  O   B HOH D 4 .  ? -10.530 2.292   9.503   0.30 22.77 ? 344 HOH A O   1 
HETATM 772 O  O   . HOH D 4 .  ? -5.453  -2.416  14.131  1.00 24.11 ? 345 HOH A O   1 
HETATM 773 O  O   . HOH D 4 .  ? -3.792  8.662   -8.302  1.00 30.31 ? 346 HOH A O   1 
HETATM 774 O  O   . HOH D 4 .  ? 3.525   -9.302  -7.294  1.00 17.10 ? 347 HOH A O   1 
HETATM 775 O  O   . HOH D 4 .  ? -3.974  2.098   -9.845  1.00 15.21 ? 348 HOH A O   1 
HETATM 776 O  O   . HOH D 4 .  ? 3.958   -14.411 -0.091  1.00 17.56 ? 349 HOH A O   1 
HETATM 777 O  O   . HOH D 4 .  ? 6.191   2.524   -10.589 1.00 21.63 ? 350 HOH A O   1 
HETATM 778 O  O   . HOH D 4 .  ? -12.649 1.548   -0.684  1.00 29.67 ? 351 HOH A O   1 
HETATM 779 O  O   . HOH D 4 .  ? 0.273   -14.072 3.627   0.50 23.71 ? 352 HOH A O   1 
HETATM 780 O  O   . HOH D 4 .  ? 10.120  -6.819  7.943   1.00 29.26 ? 353 HOH A O   1 
HETATM 781 O  O   A HOH D 4 .  ? 13.669  7.667   1.122   0.50 11.00 ? 354 HOH A O   1 
HETATM 782 O  O   B HOH D 4 .  ? 12.763  8.230   0.714   0.50 12.20 ? 354 HOH A O   1 
HETATM 783 O  O   A HOH D 4 .  ? -14.207 4.666   0.234   0.60 25.43 ? 355 HOH A O   1 
HETATM 784 O  O   B HOH D 4 .  ? -14.841 2.963   -0.297  0.40 30.29 ? 355 HOH A O   1 
HETATM 785 O  O   . HOH D 4 .  ? -7.641  13.603  -0.977  0.50 29.92 ? 356 HOH A O   1 
HETATM 786 O  O   . HOH D 4 .  ? -9.129  11.043  8.965   1.00 33.93 ? 357 HOH A O   1 
HETATM 787 O  O   . HOH D 4 .  ? 1.547   -9.252  -13.956 1.00 28.75 ? 358 HOH A O   1 
HETATM 788 O  O   . HOH D 4 .  ? 4.317   -4.607  9.327   1.00 11.84 ? 359 HOH A O   1 
HETATM 789 O  O   . HOH D 4 .  ? 0.487   11.069  -7.930  1.00 23.72 ? 360 HOH A O   1 
HETATM 790 O  O   . HOH D 4 .  ? 1.666   2.054   -11.894 1.00 19.97 ? 361 HOH A O   1 
HETATM 791 O  O   A HOH D 4 .  ? -6.778  1.802   -10.807 0.65 29.99 ? 362 HOH A O   1 
HETATM 792 O  O   B HOH D 4 .  ? -8.266  2.056   -10.678 0.35 31.75 ? 362 HOH A O   1 
HETATM 793 O  O   . HOH D 4 .  ? 8.510   -9.811  4.524   1.00 26.66 ? 363 HOH A O   1 
HETATM 794 O  O   . HOH D 4 .  ? 3.608   -3.868  -12.412 1.00 20.90 ? 364 HOH A O   1 
HETATM 795 O  O   A HOH D 4 .  ? -3.198  5.762   -12.740 0.50 38.18 ? 365 HOH A O   1 
HETATM 796 O  O   B HOH D 4 .  ? -2.136  4.162   -14.024 0.50 34.78 ? 365 HOH A O   1 
HETATM 797 O  O   . HOH D 4 .  ? -4.393  -0.850  20.544  1.00 16.61 ? 366 HOH A O   1 
HETATM 798 O  O   A HOH D 4 .  ? -6.119  -6.181  9.680   0.50 20.58 ? 367 HOH A O   1 
HETATM 799 O  O   B HOH D 4 .  ? -7.796  -6.685  8.853   0.50 30.34 ? 367 HOH A O   1 
HETATM 800 O  O   . HOH D 4 .  ? -10.190 -2.555  3.777   1.00 31.15 ? 368 HOH A O   1 
HETATM 801 O  O   A HOH D 4 .  ? -4.314  6.765   16.471  0.50 13.82 ? 369 HOH A O   1 
HETATM 802 O  O   B HOH D 4 .  ? -3.951  7.736   15.773  0.50 25.75 ? 369 HOH A O   1 
HETATM 803 O  O   . HOH D 4 .  ? -6.669  11.309  2.532   1.00 25.59 ? 370 HOH A O   1 
HETATM 804 O  O   . HOH D 4 .  ? 4.149   -7.801  -11.181 1.00 28.80 ? 371 HOH A O   1 
HETATM 805 O  O   . HOH D 4 .  ? -13.335 6.360   -6.319  1.00 29.60 ? 372 HOH A O   1 
HETATM 806 O  O   . HOH D 4 .  ? -10.335 0.586   17.048  1.00 32.18 ? 373 HOH A O   1 
HETATM 807 O  O   . HOH D 4 .  ? -2.232  10.734  -6.862  1.00 20.62 ? 374 HOH A O   1 
HETATM 808 O  O   . HOH D 4 .  ? -8.279  12.176  5.668   0.50 24.17 ? 375 HOH A O   1 
HETATM 809 O  O   . HOH D 4 .  ? 9.646   2.962   -5.027  1.00 18.16 ? 376 HOH A O   1 
HETATM 810 O  O   . HOH D 4 .  ? -9.733  -0.038  5.001   1.00 22.34 ? 377 HOH A O   1 
HETATM 811 O  O   . HOH D 4 .  ? -1.458  -10.653 8.671   1.00 26.49 ? 378 HOH A O   1 
HETATM 812 O  O   A HOH D 4 .  ? -6.325  -4.159  -6.705  0.50 19.59 ? 379 HOH A O   1 
HETATM 813 O  O   B HOH D 4 .  ? -6.879  -5.542  -5.294  0.50 26.48 ? 379 HOH A O   1 
HETATM 814 O  O   . HOH D 4 .  ? 6.415   -15.534 -9.376  1.00 30.59 ? 380 HOH A O   1 
HETATM 815 O  O   . HOH D 4 .  ? -14.774 11.567  -1.273  1.00 34.84 ? 381 HOH A O   1 
HETATM 816 O  O   . HOH D 4 .  ? 9.620   -4.766  4.365   1.00 19.96 ? 382 HOH A O   1 
HETATM 817 O  O   . HOH D 4 .  ? -5.576  12.136  -0.106  1.00 21.91 ? 383 HOH A O   1 
HETATM 818 O  O   . HOH D 4 .  ? 5.881   -14.590 3.391   0.50 29.23 ? 384 HOH A O   1 
HETATM 819 O  O   . HOH D 4 .  ? -5.822  13.483  -5.187  0.50 31.22 ? 385 HOH A O   1 
HETATM 820 O  O   A HOH D 4 .  ? 9.298   -8.572  -5.187  0.50 30.09 ? 386 HOH A O   1 
HETATM 821 O  O   B HOH D 4 .  ? 9.678   -8.634  -6.424  0.50 31.35 ? 386 HOH A O   1 
HETATM 822 O  O   . HOH D 4 .  ? -7.127  9.392   12.348  0.50 34.11 ? 387 HOH A O   1 
HETATM 823 O  O   A HOH D 4 .  ? -8.858  -6.121  7.783   0.50 23.87 ? 388 HOH A O   1 
HETATM 824 O  O   B HOH D 4 .  ? -9.571  -5.357  6.747   0.50 28.68 ? 388 HOH A O   1 
HETATM 825 O  O   . HOH D 4 .  ? 4.585   8.599   5.477   1.00 14.04 ? 389 HOH A O   1 
HETATM 826 O  O   . HOH D 4 .  ? 2.125   -11.771 -7.263  1.00 15.89 ? 390 HOH A O   1 
HETATM 827 O  O   A HOH D 4 .  ? -10.014 1.771   -9.282  0.65 36.53 ? 391 HOH A O   1 
HETATM 828 O  O   B HOH D 4 .  ? -11.016 1.336   -8.454  0.35 36.18 ? 391 HOH A O   1 
HETATM 829 O  O   . HOH D 4 .  ? -0.335  13.575  -7.214  0.50 29.34 ? 392 HOH A O   1 
HETATM 830 O  O   . HOH D 4 .  ? -8.144  -2.868  -0.290  1.00 27.54 ? 393 HOH A O   1 
HETATM 831 O  O   . HOH D 4 .  ? -5.395  -1.678  -11.566 0.50 30.60 ? 394 HOH A O   1 
HETATM 832 O  O   . HOH D 4 .  ? -7.245  -2.766  17.437  0.50 30.81 ? 395 HOH A O   1 
HETATM 833 O  O   . HOH D 4 .  ? -8.436  4.219   15.956  1.00 42.13 ? 396 HOH A O   1 
HETATM 834 O  O   B HOH D 4 .  ? 5.546   -10.727 -11.635 0.50 26.29 ? 397 HOH A O   1 
HETATM 835 O  O   . HOH D 4 .  ? -13.317 0.132   -3.245  0.50 26.59 ? 398 HOH A O   1 
HETATM 836 O  O   A HOH D 4 .  ? -9.518  -4.157  -3.232  0.50 29.44 ? 399 HOH A O   1 
HETATM 837 O  O   B HOH D 4 .  ? -9.157  -3.693  -2.514  0.50 29.68 ? 399 HOH A O   1 
HETATM 838 O  O   . HOH D 4 .  ? 4.679   -12.894 -7.164  1.00 31.17 ? 400 HOH A O   1 
HETATM 839 O  O   . HOH D 4 .  ? 8.422   -11.589 2.127   1.00 45.98 ? 401 HOH A O   1 
HETATM 840 O  O   . HOH D 4 .  ? -3.937  2.833   -12.678 1.00 37.58 ? 402 HOH A O   1 
HETATM 841 O  O   A HOH D 4 .  ? 7.998   4.903   -7.435  0.50 16.76 ? 403 HOH A O   1 
HETATM 842 O  O   B HOH D 4 .  ? 6.616   5.297   -7.756  0.50 25.75 ? 403 HOH A O   1 
HETATM 843 O  O   . HOH D 4 .  ? -10.093 -2.003  0.904   1.00 35.94 ? 404 HOH A O   1 
HETATM 844 O  O   A HOH D 4 .  ? -3.293  8.476   -11.070 0.50 38.77 ? 405 HOH A O   1 
HETATM 845 O  O   B HOH D 4 .  ? -3.269  9.623   -10.746 0.50 31.66 ? 405 HOH A O   1 
HETATM 846 O  O   . HOH D 4 .  ? -6.607  6.617   -10.142 1.00 40.89 ? 406 HOH A O   1 
HETATM 847 O  O   A HOH D 4 .  ? -8.140  -1.566  13.424  0.50 28.93 ? 407 HOH A O   1 
HETATM 848 O  O   . HOH D 4 .  ? -13.181 -2.814  -4.189  1.00 29.96 ? 408 HOH A O   1 
HETATM 849 O  O   . HOH D 4 .  ? 2.911   5.942   -10.221 1.00 39.91 ? 409 HOH A O   1 
HETATM 850 O  O   A HOH D 4 .  ? -5.811  -9.033  10.077  0.50 26.04 ? 410 HOH A O   1 
HETATM 851 O  O   B HOH D 4 .  ? -6.800  -10.489 10.020  0.50 31.48 ? 410 HOH A O   1 
HETATM 852 O  O   . HOH D 4 .  ? -13.366 3.532   -6.680  0.50 30.97 ? 411 HOH A O   1 
HETATM 853 O  O   A HOH D 4 .  ? -1.862  2.129   18.179  0.60 12.94 ? 412 HOH A O   1 
HETATM 854 O  O   B HOH D 4 .  ? -2.235  1.127   17.222  0.40 17.73 ? 412 HOH A O   1 
HETATM 855 O  O   . HOH D 4 .  ? -16.047 4.498   2.112   0.50 33.24 ? 413 HOH A O   1 
HETATM 856 O  O   . HOH D 4 .  ? -10.722 0.332   7.497   1.00 37.69 ? 414 HOH A O   1 
HETATM 857 O  O   . HOH D 4 .  ? 3.913   -15.657 4.152   0.50 26.43 ? 415 HOH A O   1 
HETATM 858 O  O   A HOH D 4 .  ? 10.915  -15.764 -15.926 0.50 29.66 ? 416 HOH A O   1 
HETATM 859 O  O   . HOH D 4 .  ? 4.254   -0.949  -13.373 0.50 25.42 ? 417 HOH A O   1 
HETATM 860 O  O   . HOH D 4 .  ? 12.456  -6.867  6.523   1.00 34.27 ? 418 HOH A O   1 
HETATM 861 O  O   . HOH D 4 .  ? -9.569  1.296   14.707  0.50 29.85 ? 419 HOH A O   1 
HETATM 862 O  O   . HOH D 4 .  ? -3.942  14.334  0.768   1.00 28.93 ? 420 HOH A O   1 
HETATM 863 O  O   . HOH D 4 .  ? 6.731   -6.651  -11.373 0.50 25.90 ? 421 HOH A O   1 
HETATM 864 O  O   A HOH D 4 .  ? 9.765   -4.994  1.504   0.50 29.89 ? 422 HOH A O   1 
HETATM 865 O  O   B HOH D 4 .  ? 9.429   -4.902  -0.657  0.50 29.05 ? 422 HOH A O   1 
HETATM 866 O  O   A HOH D 4 .  ? 2.403   0.848   -14.438 0.50 26.11 ? 423 HOH A O   1 
HETATM 867 O  O   B HOH D 4 .  ? 1.527   1.701   -14.686 0.50 34.05 ? 423 HOH A O   1 
HETATM 868 O  O   . HOH D 4 .  ? -9.499  -1.931  9.349   0.50 31.44 ? 424 HOH A O   1 
# 
loop_
_atom_site_anisotrop.id 
_atom_site_anisotrop.type_symbol 
_atom_site_anisotrop.pdbx_label_atom_id 
_atom_site_anisotrop.pdbx_label_alt_id 
_atom_site_anisotrop.pdbx_label_comp_id 
_atom_site_anisotrop.pdbx_label_asym_id 
_atom_site_anisotrop.pdbx_label_seq_id 
_atom_site_anisotrop.pdbx_PDB_ins_code 
_atom_site_anisotrop.U[1][1] 
_atom_site_anisotrop.U[2][2] 
_atom_site_anisotrop.U[3][3] 
_atom_site_anisotrop.U[1][2] 
_atom_site_anisotrop.U[1][3] 
_atom_site_anisotrop.U[2][3] 
_atom_site_anisotrop.pdbx_auth_seq_id 
_atom_site_anisotrop.pdbx_auth_comp_id 
_atom_site_anisotrop.pdbx_auth_asym_id 
_atom_site_anisotrop.pdbx_auth_atom_id 
1   N  N   . ALA A 14 ? 0.6843 0.6106 0.4647 0.0058  0.1343  0.0250  11  ALA A N   
2   C  CA  . ALA A 14 ? 0.6631 0.5777 0.4342 0.0080  0.0807  -0.0090 11  ALA A CA  
3   C  C   . ALA A 14 ? 0.5958 0.5131 0.4050 -0.0094 0.0369  0.0057  11  ALA A C   
4   O  O   . ALA A 14 ? 0.5485 0.4811 0.4080 -0.0194 0.0458  0.0266  11  ALA A O   
5   C  CB  . ALA A 14 ? 0.6458 0.5670 0.4819 0.0123  0.0829  -0.0449 11  ALA A CB  
6   N  N   . PRO A 15 ? 0.5864 0.4911 0.3811 -0.0123 -0.0082 -0.0087 12  PRO A N   
7   C  CA  . PRO A 15 ? 0.5290 0.4453 0.3695 -0.0305 -0.0369 0.0046  12  PRO A CA  
8   C  C   . PRO A 15 ? 0.4686 0.4020 0.3672 -0.0434 -0.0242 0.0156  12  PRO A C   
9   O  O   . PRO A 15 ? 0.4389 0.3920 0.3608 -0.0496 -0.0205 0.0309  12  PRO A O   
10  C  CB  . PRO A 15 ? 0.5450 0.4435 0.3932 -0.0351 -0.0773 -0.0171 12  PRO A CB  
11  C  CG  . PRO A 15 ? 0.6327 0.5067 0.4088 -0.0114 -0.0867 -0.0446 12  PRO A CG  
12  C  CD  . PRO A 15 ? 0.6596 0.5396 0.3965 0.0034  -0.0334 -0.0405 12  PRO A CD  
13  N  N   . ALA A 16 ? 0.4368 0.3595 0.3561 -0.0426 -0.0232 0.0031  13  ALA A N   
14  C  CA  . ALA A 16 ? 0.4046 0.3313 0.3574 -0.0494 -0.0248 0.0108  13  ALA A CA  
15  C  C   . ALA A 16 ? 0.3790 0.3235 0.3596 -0.0420 -0.0027 0.0139  13  ALA A C   
16  O  O   . ALA A 16 ? 0.3833 0.3332 0.3803 -0.0433 -0.0102 0.0156  13  ALA A O   
17  C  CB  . ALA A 16 ? 0.4089 0.3083 0.3778 -0.0472 -0.0451 -0.0024 13  ALA A CB  
18  N  N   . GLU A 17 ? 0.4085 0.3588 0.3927 -0.0340 0.0244  0.0151  14  GLU A N   
19  C  CA  . GLU A 17 ? 0.3867 0.3499 0.4194 -0.0317 0.0460  0.0247  14  GLU A CA  
20  C  C   . GLU A 17 ? 0.3373 0.3078 0.3612 -0.0350 0.0405  0.0439  14  GLU A C   
21  O  O   . GLU A 17 ? 0.3249 0.3042 0.3968 -0.0338 0.0342  0.0418  14  GLU A O   
22  C  CB  . GLU A 17 ? 0.4480 0.4132 0.4902 -0.0264 0.0883  0.0297  14  GLU A CB  
23  C  CG  . GLU A 17 ? 0.4942 0.4611 0.5669 -0.0183 0.0978  0.0007  14  GLU A CG  
24  C  CD  . GLU A 17 ? 0.5632 0.5424 0.6413 -0.0116 0.1565  0.0027  14  GLU A CD  
25  O  OE1 . GLU A 17 ? 0.6294 0.6132 0.7097 -0.0178 0.1932  0.0359  14  GLU A OE1 
26  O  OE2 . GLU A 17 ? 0.6044 0.5876 0.6872 0.0003  0.1687  -0.0281 14  GLU A OE2 
27  N  N   . ARG A 18 ? 0.3386 0.3032 0.3087 -0.0352 0.0344  0.0555  15  ARG A N   
28  C  CA  . ARG A 18 ? 0.3254 0.2965 0.3005 -0.0351 0.0194  0.0689  15  ARG A CA  
29  C  C   . ARG A 18 ? 0.2576 0.2520 0.2637 -0.0404 0.0035  0.0537  15  ARG A C   
30  O  O   . ARG A 18 ? 0.2567 0.2682 0.2980 -0.0370 -0.0032 0.0527  15  ARG A O   
31  C  CB  . ARG A 18 ? 0.4125 0.3678 0.3261 -0.0303 0.0018  0.0782  15  ARG A CB  
32  C  CG  . ARG A 18 ? 0.5186 0.4458 0.3641 -0.0208 0.0238  0.0963  15  ARG A CG  
33  C  CD  . ARG A 18 ? 0.6279 0.5283 0.3909 -0.0088 -0.0085 0.1034  15  ARG A CD  
34  N  NE  . ARG A 18 ? 0.6593 0.5608 0.4064 -0.0079 -0.0424 0.0710  15  ARG A NE  
35  C  CZ  . ARG A 18 ? 0.7534 0.6317 0.4438 0.0046  -0.0872 0.0614  15  ARG A CZ  
36  N  NH1 . ARG A 18 ? 0.8461 0.6931 0.4675 0.0203  -0.1060 0.0852  15  ARG A NH1 
37  N  NH2 . ARG A 18 ? 0.7646 0.6435 0.4704 0.0020  -0.1209 0.0285  15  ARG A NH2 
38  N  N   . ALA A 19 ? 0.2179 0.2111 0.2115 -0.0473 0.0006  0.0427  16  ALA A N   
39  C  CA  . ALA A 19 ? 0.1877 0.1989 0.1884 -0.0549 -0.0028 0.0379  16  ALA A CA  
40  C  C   . ALA A 19 ? 0.1644 0.1859 0.1798 -0.0460 0.0019  0.0252  16  ALA A C   
41  O  O   . ALA A 19 ? 0.1545 0.1998 0.1696 -0.0467 0.0097  0.0194  16  ALA A O   
42  C  CB  . ALA A 19 ? 0.2179 0.2096 0.1924 -0.0662 -0.0105 0.0405  16  ALA A CB  
43  N  N   A GLU A 20 ? 0.1729 0.1242 0.1853 -0.0147 0.0574  -0.0253 17  GLU A N   
44  N  N   B GLU A 20 ? 0.1587 0.1371 0.1839 -0.0304 0.0525  -0.0200 17  GLU A N   
45  C  CA  A GLU A 20 ? 0.1626 0.1488 0.1769 -0.0239 0.0332  -0.0232 17  GLU A CA  
46  C  CA  B GLU A 20 ? 0.1437 0.1334 0.1830 -0.0425 0.0320  -0.0137 17  GLU A CA  
47  C  C   A GLU A 20 ? 0.1846 0.1496 0.1824 -0.0195 0.0004  -0.0249 17  GLU A C   
48  C  C   B GLU A 20 ? 0.1316 0.1145 0.1777 -0.0529 0.0058  -0.0231 17  GLU A C   
49  O  O   A GLU A 20 ? 0.2129 0.1312 0.1679 -0.0175 -0.0207 -0.0234 17  GLU A O   
50  O  O   B GLU A 20 ? 0.1814 0.1507 0.2039 -0.0399 -0.0205 -0.0460 17  GLU A O   
51  C  CB  A GLU A 20 ? 0.1873 0.1889 0.2269 -0.0224 0.0173  -0.0482 17  GLU A CB  
52  C  CB  B GLU A 20 ? 0.1934 0.1513 0.2297 -0.0322 0.0207  -0.0124 17  GLU A CB  
53  C  CG  A GLU A 20 ? 0.1874 0.2086 0.2398 -0.0390 0.0334  -0.0895 17  GLU A CG  
54  C  CG  B GLU A 20 ? 0.2349 0.1858 0.2693 -0.0318 0.0306  -0.0298 17  GLU A CG  
55  C  CD  A GLU A 20 ? 0.2238 0.2388 0.3517 -0.0366 0.0317  -0.0882 17  GLU A CD  
56  C  CD  B GLU A 20 ? 0.2899 0.2225 0.3192 0.0176  0.0180  0.0473  17  GLU A CD  
57  O  OE1 A GLU A 20 ? 0.2221 0.4542 0.4683 -0.0682 0.0400  -0.0657 17  GLU A OE1 
58  O  OE1 B GLU A 20 ? 0.2226 0.2286 0.3203 0.0289  0.0489  0.0417  17  GLU A OE1 
59  O  OE2 A GLU A 20 ? 0.2294 0.3141 0.3778 -0.0424 0.0511  -0.0870 17  GLU A OE2 
60  O  OE2 B GLU A 20 ? 0.3909 0.3006 0.3668 0.0003  0.0690  0.0693  17  GLU A OE2 
61  N  N   . LEU A 21 ? 0.1453 0.1278 0.1749 -0.0352 -0.0042 -0.0295 18  LEU A N   
62  C  CA  . LEU A 21 ? 0.1307 0.1196 0.1799 -0.0305 -0.0119 -0.0134 18  LEU A CA  
63  C  C   . LEU A 21 ? 0.1322 0.1389 0.1503 -0.0226 -0.0189 -0.0205 18  LEU A C   
64  O  O   . LEU A 21 ? 0.1289 0.1359 0.1901 -0.0408 -0.0056 -0.0050 18  LEU A O   
65  C  CB  . LEU A 21 ? 0.1141 0.1324 0.1610 -0.0315 -0.0136 -0.0083 18  LEU A CB  
66  C  CG  . LEU A 21 ? 0.1101 0.1353 0.1897 -0.0407 -0.0037 -0.0168 18  LEU A CG  
67  C  CD1 . LEU A 21 ? 0.1360 0.1430 0.2117 -0.0320 -0.0128 -0.0136 18  LEU A CD1 
68  C  CD2 . LEU A 21 ? 0.1277 0.1432 0.1855 -0.0314 0.0144  -0.0342 18  LEU A CD2 
69  N  N   . THR A 22 ? 0.1370 0.1197 0.1495 -0.0361 -0.0031 -0.0205 19  THR A N   
70  C  CA  . THR A 22 ? 0.1476 0.1414 0.1485 -0.0215 -0.0100 -0.0216 19  THR A CA  
71  C  C   . THR A 22 ? 0.1287 0.1270 0.1278 -0.0408 -0.0098 -0.0053 19  THR A C   
72  O  O   . THR A 22 ? 0.1212 0.1338 0.1321 -0.0298 0.0038  -0.0085 19  THR A O   
73  C  CB  . THR A 22 ? 0.2033 0.1480 0.1398 -0.0465 -0.0086 -0.0168 19  THR A CB  
74  O  OG1 . THR A 22 ? 0.1738 0.1594 0.1584 -0.0283 -0.0280 -0.0018 19  THR A OG1 
75  C  CG2 . THR A 22 ? 0.2840 0.1831 0.1576 -0.0055 -0.0361 -0.0261 19  THR A CG2 
76  N  N   . VAL A 23 ? 0.1374 0.1325 0.1386 -0.0398 0.0122  0.0000  20  VAL A N   
77  C  CA  . VAL A 23 ? 0.1341 0.1274 0.1356 -0.0304 0.0077  -0.0031 20  VAL A CA  
78  C  C   . VAL A 23 ? 0.1390 0.1348 0.1375 -0.0454 0.0027  0.0143  20  VAL A C   
79  O  O   . VAL A 23 ? 0.1443 0.1369 0.1260 -0.0373 0.0174  -0.0022 20  VAL A O   
80  C  CB  . VAL A 23 ? 0.1319 0.1286 0.1773 -0.0477 0.0183  0.0061  20  VAL A CB  
81  C  CG1 . VAL A 23 ? 0.1466 0.1393 0.1951 -0.0447 0.0091  0.0106  20  VAL A CG1 
82  C  CG2 . VAL A 23 ? 0.1472 0.1657 0.1711 -0.0421 0.0199  -0.0065 20  VAL A CG2 
83  N  N   . PRO A 24 ? 0.1497 0.1544 0.1301 -0.0152 0.0083  0.0111  21  PRO A N   
84  C  CA  . PRO A 24 ? 0.1737 0.1372 0.1373 -0.0258 -0.0045 0.0124  21  PRO A CA  
85  C  C   . PRO A 24 ? 0.1394 0.1454 0.1392 -0.0249 -0.0142 -0.0105 21  PRO A C   
86  O  O   . PRO A 24 ? 0.1425 0.1401 0.1471 -0.0117 -0.0098 -0.0080 21  PRO A O   
87  C  CB  . PRO A 24 ? 0.1865 0.2009 0.1465 -0.0040 -0.0218 0.0216  21  PRO A CB  
88  C  CG  . PRO A 24 ? 0.1652 0.2547 0.1577 -0.0108 0.0193  0.0030  21  PRO A CG  
89  C  CD  . PRO A 24 ? 0.1615 0.1744 0.1213 -0.0239 0.0187  0.0079  21  PRO A CD  
90  N  N   A GLU A 25 ? 0.1292 0.1302 0.1256 -0.0196 -0.0037 -0.0099 22  GLU A N   
91  N  N   B GLU A 25 ? 0.1354 0.1340 0.1362 -0.0211 -0.0032 -0.0090 22  GLU A N   
92  C  CA  A GLU A 25 ? 0.0990 0.1615 0.1306 -0.0204 -0.0078 -0.0041 22  GLU A CA  
93  C  CA  B GLU A 25 ? 0.1060 0.1646 0.1378 -0.0245 -0.0035 -0.0069 22  GLU A CA  
94  C  C   A GLU A 25 ? 0.1053 0.1245 0.1411 -0.0269 -0.0017 -0.0036 22  GLU A C   
95  C  C   B GLU A 25 ? 0.1102 0.1225 0.1454 -0.0281 0.0022  -0.0046 22  GLU A C   
96  O  O   A GLU A 25 ? 0.0959 0.1512 0.1428 -0.0329 0.0018  -0.0115 22  GLU A O   
97  O  O   B GLU A 25 ? 0.1068 0.1462 0.1406 -0.0249 0.0094  -0.0071 22  GLU A O   
98  C  CB  A GLU A 25 ? 0.0975 0.1441 0.1336 -0.0282 -0.0078 -0.0132 22  GLU A CB  
99  C  CB  B GLU A 25 ? 0.1120 0.1541 0.1507 -0.0344 0.0015  -0.0195 22  GLU A CB  
100 C  CG  A GLU A 25 ? 0.1131 0.1530 0.1510 -0.0080 -0.0222 0.0011  22  GLU A CG  
101 C  CG  B GLU A 25 ? 0.1285 0.1620 0.1470 -0.0285 -0.0197 -0.0212 22  GLU A CG  
102 C  CD  A GLU A 25 ? 0.1248 0.1315 0.1292 -0.0139 0.0044  -0.0053 22  GLU A CD  
103 C  CD  B GLU A 25 ? 0.1633 0.1704 0.1673 -0.0134 0.0039  -0.0051 22  GLU A CD  
104 O  OE1 A GLU A 25 ? 0.1186 0.1217 0.1222 -0.0134 0.0056  -0.0047 22  GLU A OE1 
105 O  OE1 B GLU A 25 ? 0.1760 0.1800 0.1794 -0.0128 0.0049  -0.0043 22  GLU A OE1 
106 O  OE2 A GLU A 25 ? 0.1636 0.1720 0.1680 -0.0157 0.0048  -0.0070 22  GLU A OE2 
107 O  OE2 B GLU A 25 ? 0.1796 0.1881 0.1831 -0.0153 0.0043  -0.0068 22  GLU A OE2 
108 N  N   . MSE A 26 ? 0.1022 0.1279 0.1312 -0.0266 -0.0012 -0.0070 23  MSE A N   
109 C  CA  . MSE A 26 ? 0.1119 0.1204 0.1131 -0.0304 -0.0031 -0.0117 23  MSE A CA  
110 C  C   . MSE A 26 ? 0.0904 0.1270 0.1251 -0.0304 -0.0084 -0.0014 23  MSE A C   
111 O  O   . MSE A 26 ? 0.1102 0.1283 0.1256 -0.0268 -0.0029 -0.0062 23  MSE A O   
112 C  CB  . MSE A 26 ? 0.0991 0.1217 0.1280 -0.0306 -0.0007 -0.0016 23  MSE A CB  
113 C  CG  . MSE A 26 ? 0.0879 0.1224 0.1494 -0.0286 -0.0027 -0.0113 23  MSE A CG  
114 SE SE  . MSE A 26 ? 0.1523 0.1557 0.1768 -0.0316 0.0048  -0.0030 23  MSE A SE  
115 C  CE  . MSE A 26 ? 0.1229 0.1294 0.1707 -0.0238 0.0152  0.0137  23  MSE A CE  
116 N  N   . ARG A 27 ? 0.0969 0.1215 0.1288 -0.0272 0.0089  0.0034  24  ARG A N   
117 C  CA  . ARG A 27 ? 0.0945 0.1328 0.1290 -0.0330 0.0016  -0.0015 24  ARG A CA  
118 C  C   . ARG A 27 ? 0.1149 0.1212 0.1303 -0.0379 -0.0019 0.0094  24  ARG A C   
119 O  O   . ARG A 27 ? 0.1108 0.1321 0.1362 -0.0345 0.0001  -0.0036 24  ARG A O   
120 C  CB  . ARG A 27 ? 0.1169 0.1292 0.1354 -0.0370 0.0060  0.0022  24  ARG A CB  
121 C  CG  . ARG A 27 ? 0.0909 0.1398 0.1530 -0.0268 0.0072  0.0088  24  ARG A CG  
122 C  CD  . ARG A 27 ? 0.1221 0.1905 0.1819 -0.0188 0.0212  0.0192  24  ARG A CD  
123 N  NE  . ARG A 27 ? 0.1562 0.1642 0.1837 -0.0469 0.0102  0.0294  24  ARG A NE  
124 C  CZ  . ARG A 27 ? 0.1814 0.2172 0.1574 -0.0276 -0.0056 0.0158  24  ARG A CZ  
125 N  NH1 . ARG A 27 ? 0.2188 0.2553 0.1643 0.0111  -0.0223 0.0071  24  ARG A NH1 
126 N  NH2 . ARG A 27 ? 0.2201 0.2515 0.1859 0.0148  -0.0134 0.0256  24  ARG A NH2 
127 N  N   . GLN A 28 ? 0.1058 0.1426 0.1327 -0.0355 -0.0036 0.0019  25  GLN A N   
128 C  CA  . GLN A 28 ? 0.0933 0.1527 0.1361 -0.0376 -0.0088 0.0038  25  GLN A CA  
129 C  C   . GLN A 28 ? 0.0953 0.1493 0.1485 -0.0356 -0.0110 -0.0040 25  GLN A C   
130 O  O   . GLN A 28 ? 0.1025 0.1485 0.1592 -0.0269 -0.0033 -0.0052 25  GLN A O   
131 C  CB  . GLN A 28 ? 0.1071 0.1688 0.1468 -0.0446 -0.0106 -0.0052 25  GLN A CB  
132 C  CG  . GLN A 28 ? 0.1399 0.2111 0.1637 -0.0676 -0.0251 0.0010  25  GLN A CG  
133 C  CD  . GLN A 28 ? 0.1595 0.2611 0.1932 -0.0599 -0.0071 -0.0097 25  GLN A CD  
134 O  OE1 . GLN A 28 ? 0.2332 0.2384 0.2287 -0.0412 -0.0467 -0.0354 25  GLN A OE1 
135 N  NE2 . GLN A 28 ? 0.1925 0.3017 0.2664 -0.0751 -0.0506 -0.0077 25  GLN A NE2 
136 N  N   . TRP A 29 ? 0.1078 0.1350 0.1337 -0.0389 0.0098  -0.0059 26  TRP A N   
137 C  CA  . TRP A 29 ? 0.0987 0.1411 0.1455 -0.0392 0.0120  0.0032  26  TRP A CA  
138 C  C   . TRP A 29 ? 0.1040 0.1392 0.1266 -0.0385 0.0135  0.0087  26  TRP A C   
139 O  O   . TRP A 29 ? 0.1066 0.1507 0.1515 -0.0435 0.0199  -0.0030 26  TRP A O   
140 C  CB  . TRP A 29 ? 0.1190 0.1267 0.1433 -0.0445 -0.0018 -0.0126 26  TRP A CB  
141 C  CG  . TRP A 29 ? 0.1227 0.1347 0.1480 -0.0326 0.0019  -0.0016 26  TRP A CG  
142 C  CD1 . TRP A 29 ? 0.1237 0.1434 0.1485 -0.0396 0.0051  -0.0158 26  TRP A CD1 
143 C  CD2 . TRP A 29 ? 0.1120 0.1306 0.1313 -0.0372 -0.0041 -0.0004 26  TRP A CD2 
144 N  NE1 . TRP A 29 ? 0.1268 0.1464 0.1502 -0.0454 0.0002  0.0001  26  TRP A NE1 
145 C  CE2 . TRP A 29 ? 0.0960 0.1280 0.1600 -0.0327 0.0020  -0.0106 26  TRP A CE2 
146 C  CE3 . TRP A 29 ? 0.1025 0.1390 0.1547 -0.0329 -0.0039 -0.0046 26  TRP A CE3 
147 C  CZ2 . TRP A 29 ? 0.1287 0.1423 0.1470 -0.0426 0.0168  -0.0007 26  TRP A CZ2 
148 C  CZ3 . TRP A 29 ? 0.1065 0.1543 0.1271 -0.0646 -0.0094 0.0087  26  TRP A CZ3 
149 C  CH2 . TRP A 29 ? 0.1090 0.1473 0.1444 -0.0420 -0.0083 -0.0017 26  TRP A CH2 
150 N  N   . LEU A 30 ? 0.0903 0.1184 0.1487 -0.0331 0.0173  -0.0102 27  LEU A N   
151 C  CA  . LEU A 30 ? 0.0978 0.1309 0.1363 -0.0267 0.0124  0.0028  27  LEU A CA  
152 C  C   . LEU A 30 ? 0.1024 0.1187 0.1352 -0.0260 0.0120  -0.0066 27  LEU A C   
153 O  O   . LEU A 30 ? 0.1056 0.1349 0.1430 -0.0267 0.0145  -0.0087 27  LEU A O   
154 C  CB  . LEU A 30 ? 0.0960 0.1227 0.1389 -0.0281 0.0053  -0.0039 27  LEU A CB  
155 C  CG  . LEU A 30 ? 0.0981 0.1221 0.1368 -0.0280 0.0199  0.0081  27  LEU A CG  
156 C  CD1 . LEU A 30 ? 0.1196 0.1410 0.1563 -0.0007 0.0093  0.0082  27  LEU A CD1 
157 C  CD2 . LEU A 30 ? 0.1143 0.1515 0.1606 -0.0301 -0.0018 0.0093  27  LEU A CD2 
158 N  N   . ARG A 31 ? 0.0904 0.1373 0.1378 -0.0208 0.0138  0.0006  28  ARG A N   
159 C  CA  . ARG A 31 ? 0.1098 0.1465 0.1612 -0.0228 0.0081  -0.0021 28  ARG A CA  
160 C  C   . ARG A 31 ? 0.1030 0.1684 0.1600 -0.0139 0.0045  0.0007  28  ARG A C   
161 O  O   . ARG A 31 ? 0.1013 0.1725 0.1871 -0.0126 0.0121  -0.0043 28  ARG A O   
162 C  CB  . ARG A 31 ? 0.1126 0.1486 0.1628 -0.0102 0.0092  0.0111  28  ARG A CB  
163 C  CG  . ARG A 31 ? 0.1042 0.1518 0.1800 -0.0246 0.0123  0.0072  28  ARG A CG  
164 C  CD  . ARG A 31 ? 0.1225 0.1687 0.1826 -0.0032 0.0096  0.0128  28  ARG A CD  
165 N  NE  . ARG A 31 ? 0.1159 0.2083 0.1886 -0.0113 -0.0236 0.0221  28  ARG A NE  
166 C  CZ  . ARG A 31 ? 0.1526 0.2002 0.1695 -0.0268 -0.0383 0.0308  28  ARG A CZ  
167 N  NH1 . ARG A 31 ? 0.1368 0.1824 0.1893 -0.0189 -0.0308 0.0137  28  ARG A NH1 
168 N  NH2 . ARG A 31 ? 0.1655 0.2235 0.2157 -0.0306 -0.0476 0.0259  28  ARG A NH2 
169 N  N   . ASN A 32 ? 0.0972 0.1708 0.1561 -0.0285 0.0054  -0.0023 29  ASN A N   
170 C  CA  . ASN A 32 ? 0.1038 0.1999 0.1768 -0.0419 0.0155  -0.0034 29  ASN A CA  
171 C  C   . ASN A 32 ? 0.0796 0.1790 0.1777 -0.0463 0.0181  -0.0048 29  ASN A C   
172 O  O   . ASN A 32 ? 0.0928 0.2097 0.1729 -0.0307 0.0169  0.0079  29  ASN A O   
173 C  CB  . ASN A 32 ? 0.1280 0.2328 0.1910 -0.0916 0.0155  -0.0266 29  ASN A CB  
174 C  CG  . ASN A 32 ? 0.1365 0.3119 0.2454 -0.0887 0.0075  -0.0343 29  ASN A CG  
175 O  OD1 . ASN A 32 ? 0.2595 0.3884 0.2659 -0.0505 -0.1005 -0.0313 29  ASN A OD1 
176 N  ND2 . ASN A 32 ? 0.2178 0.3545 0.2561 -0.1397 0.0270  -0.0607 29  ASN A ND2 
177 N  N   . TRP A 33 ? 0.0906 0.1514 0.1603 -0.0306 0.0146  -0.0017 30  TRP A N   
178 C  CA  . TRP A 33 ? 0.1154 0.1511 0.1702 -0.0345 0.0219  0.0018  30  TRP A CA  
179 C  C   . TRP A 33 ? 0.0818 0.1708 0.1579 -0.0222 0.0131  0.0124  30  TRP A C   
180 O  O   . TRP A 33 ? 0.1122 0.1709 0.1644 -0.0290 0.0289  -0.0027 30  TRP A O   
181 C  CB  . TRP A 33 ? 0.0980 0.1497 0.1667 -0.0176 0.0076  -0.0071 30  TRP A CB  
182 C  CG  . TRP A 33 ? 0.1072 0.1727 0.1567 -0.0212 0.0023  -0.0096 30  TRP A CG  
183 C  CD1 . TRP A 33 ? 0.1178 0.1455 0.1781 -0.0209 -0.0041 -0.0183 30  TRP A CD1 
184 C  CD2 . TRP A 33 ? 0.1165 0.1568 0.1760 -0.0074 -0.0035 -0.0211 30  TRP A CD2 
185 N  NE1 . TRP A 33 ? 0.1341 0.1724 0.1559 -0.0224 -0.0038 -0.0051 30  TRP A NE1 
186 C  CE2 . TRP A 33 ? 0.1025 0.1593 0.1586 -0.0100 -0.0115 -0.0038 30  TRP A CE2 
187 C  CE3 . TRP A 33 ? 0.1693 0.1669 0.1969 0.0025  -0.0280 -0.0029 30  TRP A CE3 
188 C  CZ2 . TRP A 33 ? 0.1454 0.1921 0.1730 0.0087  -0.0042 -0.0013 30  TRP A CZ2 
189 C  CZ3 . TRP A 33 ? 0.1828 0.1903 0.2172 0.0173  -0.0350 -0.0551 30  TRP A CZ3 
190 C  CH2 . TRP A 33 ? 0.1637 0.1852 0.1801 0.0132  -0.0015 -0.0154 30  TRP A CH2 
191 N  N   . VAL A 34 ? 0.1004 0.1529 0.1542 -0.0335 0.0242  -0.0075 31  VAL A N   
192 C  CA  . VAL A 34 ? 0.1096 0.1606 0.1611 -0.0348 0.0190  -0.0128 31  VAL A CA  
193 C  C   . VAL A 34 ? 0.1212 0.1694 0.1699 -0.0199 0.0232  -0.0041 31  VAL A C   
194 O  O   . VAL A 34 ? 0.1417 0.1841 0.1899 -0.0200 0.0311  -0.0186 31  VAL A O   
195 C  CB  . VAL A 34 ? 0.1097 0.1447 0.1692 -0.0322 0.0124  -0.0074 31  VAL A CB  
196 C  CG1 . VAL A 34 ? 0.1221 0.1646 0.2117 -0.0302 0.0130  -0.0137 31  VAL A CG1 
197 C  CG2 . VAL A 34 ? 0.1022 0.1661 0.1712 -0.0370 0.0118  -0.0149 31  VAL A CG2 
198 N  N   . GLY A 35 ? 0.0977 0.1843 0.1884 -0.0015 0.0416  -0.0217 32  GLY A N   
199 C  CA  . GLY A 35 ? 0.1168 0.2051 0.2038 0.0019  0.0325  -0.0278 32  GLY A CA  
200 C  C   . GLY A 35 ? 0.0970 0.2346 0.2276 0.0073  0.0187  -0.0036 32  GLY A C   
201 O  O   . GLY A 35 ? 0.1289 0.2482 0.2727 0.0231  0.0571  0.0011  32  GLY A O   
202 N  N   . LYS A 36 ? 0.1070 0.2304 0.2088 -0.0097 0.0297  -0.0004 33  LYS A N   
203 C  CA  . LYS A 36 ? 0.1119 0.2870 0.2262 -0.0349 0.0495  -0.0031 33  LYS A CA  
204 C  C   . LYS A 36 ? 0.1106 0.2444 0.2328 -0.0223 0.0610  -0.0054 33  LYS A C   
205 O  O   . LYS A 36 ? 0.1587 0.3117 0.2377 -0.0175 0.0678  -0.0432 33  LYS A O   
206 C  CB  . LYS A 36 ? 0.1771 0.2804 0.2218 -0.0689 0.0538  0.0002  33  LYS A CB  
207 C  CG  . LYS A 36 ? 0.2636 0.3500 0.2984 -0.0345 0.0381  -0.0067 33  LYS A CG  
208 C  CD  . LYS A 36 ? 0.4082 0.3990 0.3969 -0.0745 0.0145  -0.0032 33  LYS A CD  
209 C  CE  . LYS A 36 ? 0.4481 0.3730 0.5656 -0.0215 -0.0397 -0.0392 33  LYS A CE  
210 N  NZ  . LYS A 36 ? 0.2744 0.2926 0.5873 -0.0701 0.0133  -0.0297 33  LYS A NZ  
211 N  N   . ALA A 37 ? 0.1407 0.2425 0.1977 -0.0290 0.0349  -0.0218 34  ALA A N   
212 C  CA  . ALA A 37 ? 0.1611 0.2371 0.1909 -0.0122 0.0628  -0.0048 34  ALA A CA  
213 C  C   . ALA A 37 ? 0.1699 0.2518 0.2045 -0.0069 0.0694  -0.0392 34  ALA A C   
214 O  O   . ALA A 37 ? 0.2702 0.3018 0.2355 0.0028  0.0919  -0.0441 34  ALA A O   
215 C  CB  . ALA A 37 ? 0.1788 0.2193 0.2071 -0.0195 0.0452  -0.0115 34  ALA A CB  
216 N  N   . VAL A 38 ? 0.2005 0.2261 0.2264 -0.0177 0.0698  -0.0221 35  VAL A N   
217 C  CA  . VAL A 38 ? 0.2384 0.2398 0.2566 -0.0144 0.0712  -0.0381 35  VAL A CA  
218 C  C   . VAL A 38 ? 0.2419 0.2895 0.3101 0.0313  0.0879  -0.0375 35  VAL A C   
219 O  O   . VAL A 38 ? 0.2783 0.3053 0.3597 0.0538  0.0780  -0.0641 35  VAL A O   
220 C  CB  . VAL A 38 ? 0.2944 0.2026 0.2942 0.0053  0.0760  -0.0551 35  VAL A CB  
221 C  CG1 . VAL A 38 ? 0.2608 0.2524 0.2499 -0.0107 0.0190  -0.0183 35  VAL A CG1 
222 C  CG2 . VAL A 38 ? 0.2341 0.2445 0.3133 0.0234  0.0591  -0.0363 35  VAL A CG2 
223 N  N   . GLY A 39 ? 0.1981 0.2924 0.2944 0.0443  0.0806  -0.0316 36  GLY A N   
224 C  CA  . GLY A 39 ? 0.1976 0.3814 0.3674 0.0988  0.0966  -0.0360 36  GLY A CA  
225 C  C   . GLY A 39 ? 0.2087 0.3594 0.3422 0.0943  0.0590  -0.0063 36  GLY A C   
226 O  O   . GLY A 39 ? 0.2864 0.3930 0.4291 0.1355  0.0931  0.0031  36  GLY A O   
227 N  N   . LYS A 40 ? 0.1588 0.3393 0.3339 0.0677  0.0352  0.0029  37  LYS A N   
228 C  CA  . LYS A 40 ? 0.1705 0.3256 0.3372 0.0614  0.0195  0.0446  37  LYS A CA  
229 C  C   . LYS A 40 ? 0.1437 0.3014 0.2969 0.0496  0.0162  0.0431  37  LYS A C   
230 O  O   . LYS A 40 ? 0.1513 0.3011 0.3235 0.0511  0.0223  0.0189  37  LYS A O   
231 C  CB  . LYS A 40 ? 0.2206 0.3050 0.3743 0.0227  -0.0033 0.0224  37  LYS A CB  
232 C  CG  . LYS A 40 ? 0.2726 0.3604 0.4806 0.0327  -0.0497 0.0634  37  LYS A CG  
233 C  CD  . LYS A 40 ? 0.3280 0.3567 0.6030 0.0710  -0.0746 0.0873  37  LYS A CD  
234 C  CE  . LYS A 40 ? 0.3130 0.4957 0.7088 -0.0152 -0.0577 0.0410  37  LYS A CE  
235 N  NZ  . LYS A 40 ? 0.3708 0.5271 0.8680 0.0720  -0.1635 0.0211  37  LYS A NZ  
236 N  N   . ALA A 41 ? 0.1272 0.3266 0.3264 0.0571  0.0101  0.0628  38  ALA A N   
237 C  CA  . ALA A 41 ? 0.1193 0.3413 0.3263 0.0264  0.0134  0.0392  38  ALA A CA  
238 C  C   . ALA A 41 ? 0.1087 0.3140 0.2677 0.0099  -0.0019 0.0526  38  ALA A C   
239 O  O   . ALA A 41 ? 0.1123 0.2980 0.3146 0.0241  -0.0100 0.0365  38  ALA A O   
240 C  CB  . ALA A 41 ? 0.1509 0.3995 0.3297 0.0890  -0.0218 0.0381  38  ALA A CB  
241 N  N   . PRO A 42 ? 0.1049 0.3024 0.2957 0.0072  -0.0021 0.0494  39  PRO A N   
242 C  CA  . PRO A 42 ? 0.0917 0.2971 0.2468 0.0244  -0.0128 0.0231  39  PRO A CA  
243 C  C   . PRO A 42 ? 0.0986 0.2901 0.2629 0.0094  -0.0276 0.0423  39  PRO A C   
244 O  O   . PRO A 42 ? 0.0974 0.2740 0.2637 -0.0098 -0.0213 0.0554  39  PRO A O   
245 C  CB  . PRO A 42 ? 0.1177 0.2936 0.2780 -0.0098 -0.0246 0.0238  39  PRO A CB  
246 C  CG  . PRO A 42 ? 0.1395 0.3028 0.4281 0.0036  -0.0183 -0.0043 39  PRO A CG  
247 C  CD  . PRO A 42 ? 0.1077 0.3106 0.3577 -0.0249 0.0083  0.0146  39  PRO A CD  
248 N  N   . ASP A 43 ? 0.1245 0.3310 0.2700 0.0038  -0.0208 0.0722  40  ASP A N   
249 C  CA  . ASP A 43 ? 0.1508 0.3851 0.3158 0.0053  -0.0298 0.0887  40  ASP A CA  
250 C  C   . ASP A 43 ? 0.1249 0.3670 0.3063 0.0138  -0.0255 0.0938  40  ASP A C   
251 O  O   . ASP A 43 ? 0.1611 0.4086 0.3399 0.0006  -0.0131 0.1170  40  ASP A O   
252 C  CB  . ASP A 43 ? 0.1873 0.4826 0.3374 0.0485  -0.0488 0.1146  40  ASP A CB  
253 C  CG  . ASP A 43 ? 0.4246 0.4525 0.4356 0.0091  0.0010  0.0068  40  ASP A CG  
254 O  OD1 . ASP A 43 ? 0.4001 0.4271 0.4115 0.0060  0.0002  0.0052  40  ASP A OD1 
255 O  OD2 . ASP A 43 ? 0.4327 0.4657 0.4433 0.0117  -0.0003 0.0072  40  ASP A OD2 
256 N  N   . SER A 44 ? 0.1157 0.3013 0.3442 0.0085  -0.0512 0.1099  41  SER A N   
257 C  CA  . SER A 44 ? 0.1280 0.2581 0.4044 0.0042  -0.0487 0.0938  41  SER A CA  
258 C  C   . SER A 44 ? 0.1033 0.2451 0.3470 0.0129  -0.0517 0.0774  41  SER A C   
259 O  O   . SER A 44 ? 0.1523 0.2297 0.4424 0.0002  -0.0476 0.0540  41  SER A O   
260 C  CB  . SER A 44 ? 0.1561 0.3069 0.4294 0.0473  -0.0397 0.0844  41  SER A CB  
261 O  OG  . SER A 44 ? 0.1641 0.3122 0.4458 0.0516  0.0134  0.0642  41  SER A OG  
262 N  N   . ILE A 45 ? 0.0853 0.2201 0.2831 0.0020  -0.0111 0.0438  42  ILE A N   
263 C  CA  . ILE A 45 ? 0.0815 0.1824 0.2525 -0.0030 0.0069  0.0149  42  ILE A CA  
264 C  C   . ILE A 45 ? 0.0843 0.1760 0.2304 0.0021  0.0010  0.0216  42  ILE A C   
265 O  O   . ILE A 45 ? 0.1130 0.2071 0.2354 -0.0098 -0.0045 0.0102  42  ILE A O   
266 C  CB  . ILE A 45 ? 0.0892 0.1906 0.2298 -0.0034 0.0014  0.0129  42  ILE A CB  
267 C  CG1 . ILE A 45 ? 0.1015 0.1997 0.2680 -0.0044 0.0059  0.0221  42  ILE A CG1 
268 C  CG2 . ILE A 45 ? 0.0851 0.1960 0.2550 -0.0097 0.0104  0.0146  42  ILE A CG2 
269 C  CD1 . ILE A 45 ? 0.1183 0.2333 0.3258 0.0007  0.0367  0.0629  42  ILE A CD1 
270 N  N   . ASP A 46 ? 0.0935 0.1728 0.2212 0.0088  0.0065  0.0217  43  ASP A N   
271 C  CA  . ASP A 46 ? 0.0904 0.1542 0.2131 0.0136  0.0044  0.0306  43  ASP A CA  
272 C  C   . ASP A 46 ? 0.0881 0.1495 0.1868 -0.0071 0.0047  0.0201  43  ASP A C   
273 O  O   . ASP A 46 ? 0.1017 0.1588 0.1921 0.0187  0.0118  0.0125  43  ASP A O   
274 C  CB  . ASP A 46 ? 0.1144 0.1541 0.2731 0.0327  0.0040  0.0065  43  ASP A CB  
275 C  CG  . ASP A 46 ? 0.1316 0.1165 0.3150 0.0024  -0.0097 0.0353  43  ASP A CG  
276 O  OD1 . ASP A 46 ? 0.1161 0.1454 0.3210 0.0077  0.0069  0.0353  43  ASP A OD1 
277 O  OD2 . ASP A 46 ? 0.1714 0.1485 0.3893 0.0136  0.0090  0.0261  43  ASP A OD2 
278 N  N   . GLU A 47 ? 0.0964 0.1443 0.1637 -0.0185 0.0024  0.0326  44  GLU A N   
279 C  CA  . GLU A 47 ? 0.0897 0.1276 0.1549 -0.0040 0.0070  0.0235  44  GLU A CA  
280 C  C   . GLU A 47 ? 0.0782 0.1256 0.1417 -0.0112 0.0020  0.0230  44  GLU A C   
281 O  O   . GLU A 47 ? 0.0922 0.1233 0.1531 -0.0067 0.0030  0.0190  44  GLU A O   
282 C  CB  . GLU A 47 ? 0.0843 0.1352 0.1705 -0.0116 -0.0029 0.0292  44  GLU A CB  
283 C  CG  . GLU A 47 ? 0.1201 0.1554 0.1900 -0.0097 -0.0058 0.0286  44  GLU A CG  
284 C  CD  . GLU A 47 ? 0.1120 0.2219 0.1733 -0.0143 -0.0098 0.0036  44  GLU A CD  
285 O  OE1 . GLU A 47 ? 0.1462 0.2057 0.2165 -0.0111 -0.0109 -0.0323 44  GLU A OE1 
286 O  OE2 . GLU A 47 ? 0.1387 0.2414 0.1956 -0.0183 -0.0020 -0.0018 44  GLU A OE2 
287 N  N   . SER A 48 ? 0.0932 0.1086 0.1636 -0.0065 0.0015  0.0223  45  SER A N   
288 C  CA  . SER A 48 ? 0.0929 0.1183 0.1616 -0.0135 0.0111  0.0287  45  SER A CA  
289 C  C   . SER A 48 ? 0.1059 0.1149 0.1480 -0.0103 0.0178  0.0295  45  SER A C   
290 O  O   . SER A 48 ? 0.1099 0.1443 0.1818 -0.0303 0.0160  0.0093  45  SER A O   
291 C  CB  . SER A 48 ? 0.1439 0.1444 0.1690 -0.0194 0.0047  0.0347  45  SER A CB  
292 O  OG  . SER A 48 ? 0.1557 0.1551 0.2238 -0.0119 -0.0038 0.0609  45  SER A OG  
293 N  N   . VAL A 49 ? 0.1036 0.1287 0.1657 -0.0069 0.0208  0.0131  46  VAL A N   
294 C  CA  . VAL A 49 ? 0.1131 0.1367 0.1603 -0.0059 0.0187  0.0050  46  VAL A CA  
295 C  C   . VAL A 49 ? 0.0970 0.1503 0.1456 -0.0022 0.0331  0.0082  46  VAL A C   
296 O  O   . VAL A 49 ? 0.1182 0.1227 0.1681 -0.0119 0.0147  -0.0050 46  VAL A O   
297 C  CB  . VAL A 49 ? 0.1494 0.1356 0.1850 0.0059  0.0399  0.0142  46  VAL A CB  
298 C  CG1 . VAL A 49 ? 0.1700 0.1505 0.2339 0.0164  0.0351  0.0151  46  VAL A CG1 
299 C  CG2 . VAL A 49 ? 0.1262 0.1631 0.2051 0.0164  0.0379  0.0070  46  VAL A CG2 
300 N  N   . PRO A 50 ? 0.1162 0.1388 0.1468 -0.0189 0.0195  0.0009  47  PRO A N   
301 C  CA  . PRO A 50 ? 0.1088 0.1496 0.1485 -0.0264 0.0223  0.0074  47  PRO A CA  
302 C  C   . PRO A 50 ? 0.0972 0.1446 0.1458 -0.0108 0.0137  -0.0116 47  PRO A C   
303 O  O   . PRO A 50 ? 0.1096 0.1451 0.1622 -0.0003 0.0281  0.0072  47  PRO A O   
304 C  CB  . PRO A 50 ? 0.1142 0.1879 0.1661 -0.0359 0.0144  0.0032  47  PRO A CB  
305 C  CG  . PRO A 50 ? 0.1387 0.1833 0.1674 -0.0489 0.0093  0.0037  47  PRO A CG  
306 C  CD  . PRO A 50 ? 0.1353 0.1604 0.1633 -0.0305 0.0236  -0.0010 47  PRO A CD  
307 N  N   A MSE A 51 ? 0.1002 0.1407 0.1493 -0.0034 0.0219  0.0068  48  MSE A N   
308 N  N   B MSE A 51 ? 0.0983 0.1342 0.1510 -0.0014 0.0204  0.0055  48  MSE A N   
309 C  CA  A MSE A 51 ? 0.1077 0.1707 0.1285 -0.0290 0.0331  0.0087  48  MSE A CA  
310 C  CA  B MSE A 51 ? 0.1052 0.1500 0.1288 -0.0174 0.0278  0.0101  48  MSE A CA  
311 C  C   A MSE A 51 ? 0.1155 0.1803 0.1488 -0.0342 0.0364  0.0022  48  MSE A C   
312 C  C   B MSE A 51 ? 0.1115 0.1580 0.1493 -0.0217 0.0285  0.0089  48  MSE A C   
313 O  O   A MSE A 51 ? 0.1100 0.2620 0.1502 -0.0489 0.0519  -0.0074 48  MSE A O   
314 O  O   B MSE A 51 ? 0.1112 0.1675 0.1639 -0.0128 0.0364  0.0189  48  MSE A O   
315 C  CB  A MSE A 51 ? 0.1559 0.1542 0.1589 -0.0345 0.0161  0.0006  48  MSE A CB  
316 C  CB  B MSE A 51 ? 0.1424 0.1243 0.1495 -0.0139 0.0130  -0.0059 48  MSE A CB  
317 C  CG  A MSE A 51 ? 0.1539 0.1678 0.1684 -0.0400 0.0189  0.0187  48  MSE A CG  
318 C  CG  B MSE A 51 ? 0.1258 0.1266 0.1373 0.0073  0.0049  0.0176  48  MSE A CG  
319 SE SE  A MSE A 51 ? 0.1623 0.1739 0.2018 -0.0152 -0.0063 0.0081  48  MSE A SE  
320 SE SE  B MSE A 51 ? 0.1637 0.1685 0.1980 0.0057  0.0197  0.0006  48  MSE A SE  
321 C  CE  A MSE A 51 ? 0.2338 0.1887 0.2820 -0.0771 0.0518  0.0352  48  MSE A CE  
322 C  CE  B MSE A 51 ? 0.1793 0.1223 0.1540 -0.0382 0.0266  0.0164  48  MSE A CE  
323 N  N   . VAL A 52 ? 0.1145 0.1677 0.1470 -0.0064 0.0211  -0.0109 49  VAL A N   
324 C  CA  . VAL A 52 ? 0.1154 0.2110 0.1660 -0.0073 0.0095  -0.0025 49  VAL A CA  
325 C  C   . VAL A 52 ? 0.1267 0.1971 0.1603 -0.0119 0.0342  -0.0033 49  VAL A C   
326 O  O   . VAL A 52 ? 0.1683 0.2284 0.1649 0.0072  0.0466  -0.0233 49  VAL A O   
327 C  CB  . VAL A 52 ? 0.1384 0.2459 0.1725 0.0046  0.0025  -0.0258 49  VAL A CB  
328 C  CG1 . VAL A 52 ? 0.1634 0.3238 0.1785 0.0357  0.0089  0.0172  49  VAL A CG1 
329 C  CG2 . VAL A 52 ? 0.1356 0.2474 0.2259 -0.0244 0.0088  -0.0475 49  VAL A CG2 
330 N  N   . GLU A 53 ? 0.1251 0.1575 0.1682 -0.0124 0.0322  -0.0113 50  GLU A N   
331 C  CA  . GLU A 53 ? 0.1513 0.1582 0.1945 -0.0243 0.0381  -0.0134 50  GLU A CA  
332 C  C   . GLU A 53 ? 0.1375 0.1474 0.1936 -0.0087 0.0028  -0.0061 50  GLU A C   
333 O  O   . GLU A 53 ? 0.2150 0.1626 0.3017 0.0093  -0.0271 0.0090  50  GLU A O   
334 C  CB  . GLU A 53 ? 0.1817 0.1651 0.2402 -0.0114 0.0684  -0.0112 50  GLU A CB  
335 C  CG  . GLU A 53 ? 0.1929 0.1865 0.3800 -0.0400 0.0935  -0.0586 50  GLU A CG  
336 C  CD  . GLU A 53 ? 0.2636 0.2100 0.5046 -0.0336 0.0748  -0.0453 50  GLU A CD  
337 O  OE1 . GLU A 53 ? 0.4373 0.2537 0.6018 -0.0634 0.2328  -0.0181 50  GLU A OE1 
338 O  OE2 . GLU A 53 ? 0.4121 0.3036 0.5959 -0.1159 0.1096  -0.0431 50  GLU A OE2 
339 N  N   . LEU A 54 ? 0.1225 0.1451 0.1628 -0.0068 0.0143  0.0015  51  LEU A N   
340 C  CA  . LEU A 54 ? 0.1163 0.1724 0.1567 -0.0109 0.0175  0.0165  51  LEU A CA  
341 C  C   . LEU A 54 ? 0.1369 0.1883 0.1735 0.0079  0.0243  0.0126  51  LEU A C   
342 O  O   . LEU A 54 ? 0.1127 0.2672 0.2360 0.0113  0.0068  -0.0156 51  LEU A O   
343 C  CB  . LEU A 54 ? 0.1003 0.1650 0.1780 -0.0129 0.0160  0.0039  51  LEU A CB  
344 C  CG  . LEU A 54 ? 0.1072 0.1747 0.1924 -0.0374 0.0257  -0.0004 51  LEU A CG  
345 C  CD1 . LEU A 54 ? 0.1271 0.1817 0.2120 -0.0395 0.0183  -0.0355 51  LEU A CD1 
346 C  CD2 . LEU A 54 ? 0.1469 0.2034 0.1951 -0.0272 0.0230  -0.0025 51  LEU A CD2 
347 N  N   . GLY A 55 ? 0.1213 0.1612 0.1878 0.0102  0.0462  0.0158  52  GLY A N   
348 C  CA  . GLY A 55 ? 0.1375 0.1900 0.1946 0.0280  0.0362  0.0158  52  GLY A CA  
349 C  C   . GLY A 55 ? 0.1240 0.1719 0.1864 0.0195  0.0338  0.0063  52  GLY A C   
350 O  O   . GLY A 55 ? 0.1336 0.2096 0.2166 0.0093  0.0606  0.0090  52  GLY A O   
351 N  N   . LEU A 56 ? 0.1204 0.1615 0.1699 0.0044  0.0283  0.0103  53  LEU A N   
352 C  CA  . LEU A 56 ? 0.1377 0.1667 0.1774 0.0030  0.0216  -0.0036 53  LEU A CA  
353 C  C   . LEU A 56 ? 0.1300 0.1574 0.1525 -0.0010 0.0199  -0.0122 53  LEU A C   
354 O  O   . LEU A 56 ? 0.1605 0.1918 0.1650 -0.0186 0.0093  -0.0192 53  LEU A O   
355 C  CB  . LEU A 56 ? 0.1251 0.1900 0.1675 0.0076  0.0160  -0.0248 53  LEU A CB  
356 C  CG  . LEU A 56 ? 0.1448 0.2165 0.1884 0.0020  0.0293  -0.0271 53  LEU A CG  
357 C  CD1 . LEU A 56 ? 0.2002 0.3175 0.2419 0.0210  0.0017  -0.0990 53  LEU A CD1 
358 C  CD2 . LEU A 56 ? 0.1769 0.2100 0.1898 -0.0400 0.0162  -0.0300 53  LEU A CD2 
359 N  N   . SER A 57 ? 0.1543 0.1553 0.1542 0.0035  0.0328  -0.0004 54  SER A N   
360 C  CA  . SER A 57 ? 0.1630 0.1621 0.1387 0.0073  0.0053  -0.0203 54  SER A CA  
361 C  C   . SER A 57 ? 0.1397 0.1546 0.1317 -0.0054 0.0169  -0.0052 54  SER A C   
362 O  O   . SER A 57 ? 0.1540 0.1444 0.1350 -0.0209 0.0195  -0.0129 54  SER A O   
363 C  CB  . SER A 57 ? 0.1540 0.2137 0.1543 0.0147  0.0364  0.0064  54  SER A CB  
364 O  OG  . SER A 57 ? 0.1697 0.1805 0.1731 -0.0105 0.0217  -0.0167 54  SER A OG  
365 N  N   A SER A 58 ? 0.1548 0.1448 0.1436 -0.0182 0.0027  -0.0257 55  SER A N   
366 N  N   B SER A 58 ? 0.1603 0.1453 0.1459 -0.0190 0.0059  -0.0214 55  SER A N   
367 C  CA  A SER A 58 ? 0.1297 0.1503 0.1296 -0.0244 0.0082  -0.0157 55  SER A CA  
368 C  CA  B SER A 58 ? 0.1402 0.1574 0.1374 -0.0249 0.0164  -0.0023 55  SER A CA  
369 C  C   A SER A 58 ? 0.1214 0.1507 0.1178 -0.0406 0.0116  -0.0168 55  SER A C   
370 C  C   B SER A 58 ? 0.1286 0.1581 0.1395 -0.0374 0.0148  -0.0100 55  SER A C   
371 O  O   A SER A 58 ? 0.1252 0.1450 0.1175 -0.0279 0.0100  -0.0168 55  SER A O   
372 O  O   B SER A 58 ? 0.1502 0.1497 0.1414 -0.0115 0.0113  -0.0133 55  SER A O   
373 C  CB  A SER A 58 ? 0.1267 0.1501 0.1436 -0.0377 -0.0040 -0.0305 55  SER A CB  
374 C  CB  B SER A 58 ? 0.1551 0.1612 0.1628 -0.0396 0.0152  -0.0034 55  SER A CB  
375 O  OG  A SER A 58 ? 0.1462 0.1613 0.1636 -0.0497 0.0197  -0.0306 55  SER A OG  
376 O  OG  B SER A 58 ? 0.1591 0.1866 0.1287 -0.0383 0.0340  -0.0100 55  SER A OG  
377 N  N   . ARG A 59 ? 0.1382 0.1605 0.1162 -0.0191 0.0177  -0.0113 56  ARG A N   
378 C  CA  . ARG A 59 ? 0.1256 0.1555 0.1370 -0.0381 0.0215  -0.0192 56  ARG A CA  
379 C  C   . ARG A 59 ? 0.1120 0.1674 0.1280 -0.0358 0.0222  -0.0037 56  ARG A C   
380 O  O   . ARG A 59 ? 0.1416 0.1513 0.1414 -0.0313 0.0204  -0.0057 56  ARG A O   
381 C  CB  . ARG A 59 ? 0.1450 0.1876 0.1267 -0.0156 0.0255  -0.0199 56  ARG A CB  
382 C  CG  . ARG A 59 ? 0.1521 0.1586 0.1476 -0.0385 0.0290  -0.0058 56  ARG A CG  
383 C  CD  . ARG A 59 ? 0.1313 0.2011 0.1645 -0.0400 0.0281  0.0060  56  ARG A CD  
384 N  NE  . ARG A 59 ? 0.1372 0.2065 0.1529 -0.0402 0.0378  0.0157  56  ARG A NE  
385 C  CZ  . ARG A 59 ? 0.1360 0.1807 0.1731 -0.0396 0.0511  -0.0006 56  ARG A CZ  
386 N  NH1 . ARG A 59 ? 0.1355 0.2676 0.2012 -0.0446 0.0642  0.0019  56  ARG A NH1 
387 N  NH2 . ARG A 59 ? 0.1633 0.2375 0.1497 -0.0391 0.0433  0.0206  56  ARG A NH2 
388 N  N   . ASP A 60 ? 0.1257 0.1419 0.1370 -0.0158 0.0191  -0.0102 57  ASP A N   
389 C  CA  . ASP A 60 ? 0.1347 0.1585 0.1309 -0.0204 0.0108  -0.0149 57  ASP A CA  
390 C  C   . ASP A 60 ? 0.1184 0.1310 0.1268 -0.0340 0.0039  -0.0065 57  ASP A C   
391 O  O   . ASP A 60 ? 0.1397 0.1407 0.1353 -0.0210 0.0029  -0.0225 57  ASP A O   
392 C  CB  . ASP A 60 ? 0.1387 0.1704 0.1466 -0.0083 0.0047  -0.0135 57  ASP A CB  
393 C  CG  . ASP A 60 ? 0.1605 0.1821 0.1847 -0.0176 0.0126  0.0085  57  ASP A CG  
394 O  OD1 . ASP A 60 ? 0.1551 0.2215 0.2344 -0.0205 0.0086  0.0024  57  ASP A OD1 
395 O  OD2 . ASP A 60 ? 0.1706 0.2152 0.2130 -0.0104 0.0024  0.0039  57  ASP A OD2 
396 N  N   . ALA A 61 ? 0.1288 0.1268 0.1181 -0.0325 0.0191  -0.0152 58  ALA A N   
397 C  CA  . ALA A 61 ? 0.1267 0.1463 0.1185 -0.0529 0.0183  -0.0096 58  ALA A CA  
398 C  C   . ALA A 61 ? 0.0944 0.1371 0.1183 -0.0381 0.0024  -0.0086 58  ALA A C   
399 O  O   . ALA A 61 ? 0.1110 0.1563 0.1257 -0.0368 0.0175  -0.0155 58  ALA A O   
400 C  CB  . ALA A 61 ? 0.1580 0.1427 0.1547 -0.0583 0.0194  -0.0260 58  ALA A CB  
401 N  N   . VAL A 62 ? 0.0953 0.1351 0.1188 -0.0387 0.0107  -0.0103 59  VAL A N   
402 C  CA  . VAL A 62 ? 0.0914 0.1300 0.1313 -0.0324 0.0132  -0.0099 59  VAL A CA  
403 C  C   . VAL A 62 ? 0.0958 0.1298 0.1186 -0.0318 0.0079  -0.0060 59  VAL A C   
404 O  O   . VAL A 62 ? 0.0922 0.1462 0.1573 -0.0250 0.0034  -0.0188 59  VAL A O   
405 C  CB  . VAL A 62 ? 0.1142 0.1402 0.1320 -0.0430 0.0067  -0.0033 59  VAL A CB  
406 C  CG1 . VAL A 62 ? 0.1406 0.1585 0.1567 -0.0399 -0.0104 0.0056  59  VAL A CG1 
407 C  CG2 . VAL A 62 ? 0.1353 0.1428 0.1252 -0.0262 0.0064  -0.0040 59  VAL A CG2 
408 N  N   . ALA A 63 ? 0.0792 0.1408 0.1393 -0.0306 0.0083  -0.0098 60  ALA A N   
409 C  CA  . ALA A 63 ? 0.0849 0.1311 0.1540 -0.0418 0.0086  -0.0191 60  ALA A CA  
410 C  C   . ALA A 63 ? 0.0742 0.1399 0.1523 -0.0305 -0.0024 -0.0129 60  ALA A C   
411 O  O   . ALA A 63 ? 0.1128 0.1383 0.1506 -0.0456 0.0032  -0.0244 60  ALA A O   
412 C  CB  . ALA A 63 ? 0.0784 0.1747 0.1503 -0.0373 0.0093  -0.0266 60  ALA A CB  
413 N  N   A MSE A 64 ? 0.1049 0.1252 0.1319 -0.0239 0.0091  -0.0130 61  MSE A N   
414 N  N   B MSE A 64 ? 0.1042 0.1258 0.1326 -0.0307 0.0103  -0.0113 61  MSE A N   
415 C  CA  A MSE A 64 ? 0.1063 0.1361 0.1190 -0.0244 0.0075  -0.0138 61  MSE A CA  
416 C  CA  B MSE A 64 ? 0.1013 0.1362 0.1228 -0.0407 0.0112  -0.0096 61  MSE A CA  
417 C  C   A MSE A 64 ? 0.0964 0.1237 0.1362 -0.0356 0.0019  -0.0180 61  MSE A C   
418 C  C   B MSE A 64 ? 0.0870 0.1205 0.1385 -0.0497 0.0043  -0.0155 61  MSE A C   
419 O  O   A MSE A 64 ? 0.1194 0.1323 0.1365 -0.0160 -0.0063 -0.0261 61  MSE A O   
420 O  O   B MSE A 64 ? 0.1050 0.1249 0.1426 -0.0396 0.0010  -0.0240 61  MSE A O   
421 C  CB  A MSE A 64 ? 0.1359 0.1306 0.1322 -0.0149 0.0135  -0.0151 61  MSE A CB  
422 C  CB  B MSE A 64 ? 0.1344 0.1376 0.1400 -0.0452 0.0231  0.0024  61  MSE A CB  
423 C  CG  A MSE A 64 ? 0.1562 0.1581 0.1304 0.0081  0.0091  -0.0227 61  MSE A CG  
424 C  CG  B MSE A 64 ? 0.1380 0.1658 0.1415 -0.0480 0.0216  -0.0023 61  MSE A CG  
425 SE SE  A MSE A 64 ? 0.2907 0.2136 0.2069 0.0138  0.0475  0.0303  61  MSE A SE  
426 SE SE  B MSE A 64 ? 0.3033 0.2099 0.2024 -0.0611 0.0407  0.0263  61  MSE A SE  
427 C  CE  A MSE A 64 ? 0.2249 0.2052 0.2976 -0.1183 0.0552  0.0000  61  MSE A CE  
428 C  CE  B MSE A 64 ? 0.3518 0.3567 0.1987 -0.0237 -0.0192 0.0513  61  MSE A CE  
429 N  N   . ALA A 65 ? 0.0898 0.1310 0.1392 -0.0384 0.0014  -0.0239 62  ALA A N   
430 C  CA  . ALA A 65 ? 0.0792 0.1452 0.1408 -0.0332 -0.0011 -0.0265 62  ALA A CA  
431 C  C   . ALA A 65 ? 0.0750 0.1574 0.1222 -0.0294 0.0023  -0.0171 62  ALA A C   
432 O  O   . ALA A 65 ? 0.1005 0.1551 0.1393 -0.0220 0.0040  -0.0225 62  ALA A O   
433 C  CB  . ALA A 65 ? 0.0939 0.1849 0.1508 -0.0339 -0.0061 -0.0305 62  ALA A CB  
434 N  N   . ALA A 66 ? 0.1033 0.1537 0.1194 -0.0268 0.0001  -0.0175 63  ALA A N   
435 C  CA  . ALA A 66 ? 0.1232 0.1473 0.1309 -0.0260 0.0093  0.0034  63  ALA A CA  
436 C  C   . ALA A 66 ? 0.1130 0.1297 0.1576 -0.0296 0.0219  -0.0017 63  ALA A C   
437 O  O   . ALA A 66 ? 0.1382 0.1290 0.1633 -0.0256 0.0091  -0.0140 63  ALA A O   
438 C  CB  . ALA A 66 ? 0.1637 0.1674 0.1458 -0.0326 -0.0044 -0.0086 63  ALA A CB  
439 N  N   . ASP A 67 ? 0.0947 0.1250 0.1416 -0.0329 0.0071  -0.0244 64  ASP A N   
440 C  CA  . ASP A 67 ? 0.0869 0.1318 0.1482 -0.0293 0.0099  -0.0218 64  ASP A CA  
441 C  C   . ASP A 67 ? 0.1031 0.1302 0.1372 -0.0331 -0.0066 -0.0211 64  ASP A C   
442 O  O   . ASP A 67 ? 0.1115 0.1328 0.1389 -0.0394 -0.0033 -0.0272 64  ASP A O   
443 C  CB  . ASP A 67 ? 0.1097 0.1524 0.1335 -0.0409 0.0058  -0.0319 64  ASP A CB  
444 C  CG  . ASP A 67 ? 0.1137 0.1450 0.1479 -0.0102 0.0021  -0.0180 64  ASP A CG  
445 O  OD1 . ASP A 67 ? 0.1384 0.1709 0.1711 -0.0298 0.0248  -0.0024 64  ASP A OD1 
446 O  OD2 . ASP A 67 ? 0.1375 0.1859 0.1839 -0.0248 0.0213  0.0020  64  ASP A OD2 
447 N  N   . ILE A 68 ? 0.0901 0.1203 0.1338 -0.0329 0.0006  -0.0244 65  ILE A N   
448 C  CA  . ILE A 68 ? 0.0978 0.1394 0.1224 -0.0352 -0.0001 -0.0146 65  ILE A CA  
449 C  C   . ILE A 68 ? 0.0907 0.1309 0.1264 -0.0362 0.0070  -0.0070 65  ILE A C   
450 O  O   . ILE A 68 ? 0.1056 0.1380 0.1298 -0.0351 0.0112  -0.0260 65  ILE A O   
451 C  CB  . ILE A 68 ? 0.0992 0.1337 0.1381 -0.0317 0.0082  -0.0112 65  ILE A CB  
452 C  CG1 . ILE A 68 ? 0.1190 0.1478 0.1396 -0.0268 0.0162  -0.0079 65  ILE A CG1 
453 C  CG2 . ILE A 68 ? 0.1079 0.1310 0.1591 -0.0471 0.0157  -0.0163 65  ILE A CG2 
454 C  CD1 . ILE A 68 ? 0.1439 0.1439 0.1573 -0.0362 0.0220  -0.0088 65  ILE A CD1 
455 N  N   A GLU A 69 ? 0.1043 0.1190 0.1311 -0.0354 -0.0081 -0.0175 66  GLU A N   
456 N  N   B GLU A 69 ? 0.1046 0.1166 0.1315 -0.0311 -0.0115 -0.0191 66  GLU A N   
457 C  CA  A GLU A 69 ? 0.1212 0.1400 0.1432 -0.0318 0.0012  -0.0170 66  GLU A CA  
458 C  CA  B GLU A 69 ? 0.1157 0.1302 0.1425 -0.0232 -0.0093 -0.0225 66  GLU A CA  
459 C  C   A GLU A 69 ? 0.1246 0.1224 0.1578 -0.0192 0.0089  -0.0134 66  GLU A C   
460 C  C   B GLU A 69 ? 0.1086 0.1204 0.1526 -0.0203 0.0052  -0.0181 66  GLU A C   
461 O  O   A GLU A 69 ? 0.1554 0.1366 0.1487 -0.0241 0.0182  -0.0114 66  GLU A O   
462 O  O   B GLU A 69 ? 0.1032 0.1147 0.1746 -0.0224 -0.0141 -0.0158 66  GLU A O   
463 C  CB  A GLU A 69 ? 0.1432 0.1374 0.1610 -0.0204 -0.0194 -0.0114 66  GLU A CB  
464 C  CB  B GLU A 69 ? 0.1471 0.1377 0.1708 -0.0100 -0.0195 -0.0069 66  GLU A CB  
465 C  CG  A GLU A 69 ? 0.1938 0.1746 0.1766 -0.0181 -0.0045 -0.0154 66  GLU A CG  
466 C  CG  B GLU A 69 ? 0.1872 0.1819 0.1911 -0.0226 -0.0234 0.0011  66  GLU A CG  
467 C  CD  A GLU A 69 ? 0.2236 0.1993 0.1849 -0.0400 -0.0421 0.0216  66  GLU A CD  
468 C  CD  B GLU A 69 ? 0.3071 0.1807 0.2395 0.0018  -0.0223 -0.0015 66  GLU A CD  
469 O  OE1 A GLU A 69 ? 0.2031 0.2126 0.2026 -0.0429 -0.0470 -0.0015 66  GLU A OE1 
470 O  OE1 B GLU A 69 ? 0.3447 0.3321 0.2756 -0.0027 -0.0337 0.0381  66  GLU A OE1 
471 O  OE2 A GLU A 69 ? 0.2383 0.2989 0.2212 -0.0798 -0.0147 0.0321  66  GLU A OE2 
472 O  OE2 B GLU A 69 ? 0.4139 0.2892 0.3215 -0.0310 -0.0639 0.0418  66  GLU A OE2 
473 N  N   . ASP A 70 ? 0.1126 0.1209 0.1507 -0.0336 0.0114  -0.0179 67  ASP A N   
474 C  CA  . ASP A 70 ? 0.1203 0.1157 0.1470 -0.0353 0.0138  -0.0105 67  ASP A CA  
475 C  C   . ASP A 70 ? 0.1169 0.1202 0.1592 -0.0408 0.0264  -0.0095 67  ASP A C   
476 O  O   . ASP A 70 ? 0.1880 0.1202 0.1694 -0.0612 0.0079  -0.0279 67  ASP A O   
477 C  CB  . ASP A 70 ? 0.1201 0.1413 0.1466 -0.0353 0.0074  -0.0110 67  ASP A CB  
478 C  CG  . ASP A 70 ? 0.1423 0.1825 0.1736 -0.0472 -0.0004 -0.0343 67  ASP A CG  
479 O  OD1 . ASP A 70 ? 0.1671 0.2632 0.1696 -0.0410 0.0011  0.0222  67  ASP A OD1 
480 O  OD2 . ASP A 70 ? 0.1588 0.2382 0.1627 -0.0304 0.0116  -0.0074 67  ASP A OD2 
481 N  N   . LEU A 71 ? 0.1151 0.1265 0.1318 -0.0481 0.0118  -0.0204 68  LEU A N   
482 C  CA  . LEU A 71 ? 0.1053 0.1162 0.1495 -0.0408 0.0048  -0.0130 68  LEU A CA  
483 C  C   . LEU A 71 ? 0.1141 0.1090 0.1544 -0.0463 0.0119  -0.0315 68  LEU A C   
484 O  O   . LEU A 71 ? 0.1136 0.1477 0.1658 -0.0372 0.0018  -0.0388 68  LEU A O   
485 C  CB  . LEU A 71 ? 0.0936 0.1436 0.1424 -0.0346 0.0098  -0.0273 68  LEU A CB  
486 C  CG  . LEU A 71 ? 0.0886 0.1388 0.1466 -0.0362 0.0043  -0.0172 68  LEU A CG  
487 C  CD1 . LEU A 71 ? 0.1224 0.1655 0.1479 -0.0240 -0.0072 -0.0195 68  LEU A CD1 
488 C  CD2 . LEU A 71 ? 0.1073 0.1539 0.1686 -0.0359 0.0126  -0.0003 68  LEU A CD2 
489 N  N   . THR A 72 ? 0.1006 0.1336 0.1464 -0.0441 0.0091  -0.0271 69  THR A N   
490 C  CA  . THR A 72 ? 0.0998 0.1460 0.1488 -0.0360 0.0162  -0.0327 69  THR A CA  
491 C  C   . THR A 72 ? 0.1286 0.1307 0.1686 -0.0141 0.0110  -0.0422 69  THR A C   
492 O  O   . THR A 72 ? 0.1397 0.1664 0.1804 0.0160  0.0181  -0.0478 69  THR A O   
493 C  CB  . THR A 72 ? 0.0926 0.1515 0.1644 -0.0343 0.0169  -0.0252 69  THR A CB  
494 O  OG1 . THR A 72 ? 0.1017 0.1516 0.1724 -0.0306 -0.0067 -0.0422 69  THR A OG1 
495 C  CG2 . THR A 72 ? 0.1262 0.1512 0.1705 -0.0592 0.0226  -0.0260 69  THR A CG2 
496 N  N   . GLY A 73 ? 0.1603 0.1502 0.1634 0.0166  0.0133  -0.0215 70  GLY A N   
497 C  CA  . GLY A 73 ? 0.1882 0.1499 0.2093 0.0156  0.0175  -0.0260 70  GLY A CA  
498 C  C   . GLY A 73 ? 0.1822 0.1534 0.1896 0.0040  -0.0048 -0.0295 70  GLY A C   
499 O  O   . GLY A 73 ? 0.2074 0.2277 0.2558 0.0250  -0.0519 -0.0020 70  GLY A O   
500 N  N   . VAL A 74 ? 0.1315 0.1991 0.1774 0.0169  -0.0072 -0.0518 71  VAL A N   
501 C  CA  . VAL A 74 ? 0.1116 0.2351 0.2009 0.0015  -0.0205 -0.0499 71  VAL A CA  
502 C  C   . VAL A 74 ? 0.1244 0.1880 0.1756 0.0075  0.0090  -0.0275 71  VAL A C   
503 O  O   . VAL A 74 ? 0.1093 0.1792 0.1861 -0.0044 -0.0036 -0.0256 71  VAL A O   
504 C  CB  . VAL A 74 ? 0.1083 0.2373 0.1876 -0.0103 0.0079  -0.0250 71  VAL A CB  
505 C  CG1 . VAL A 74 ? 0.1364 0.2696 0.2185 -0.0521 -0.0051 -0.0110 71  VAL A CG1 
506 C  CG2 . VAL A 74 ? 0.1298 0.2723 0.2374 -0.0061 0.0281  -0.0269 71  VAL A CG2 
507 N  N   . THR A 75 ? 0.1279 0.1928 0.1833 0.0086  -0.0259 -0.0386 72  THR A N   
508 C  CA  . THR A 75 ? 0.1210 0.1655 0.1733 -0.0074 -0.0187 -0.0146 72  THR A CA  
509 C  C   . THR A 75 ? 0.1134 0.1668 0.1881 0.0064  -0.0016 0.0099  72  THR A C   
510 O  O   . THR A 75 ? 0.1084 0.1766 0.2384 0.0010  0.0025  0.0071  72  THR A O   
511 C  CB  . THR A 75 ? 0.1629 0.1451 0.1656 0.0031  -0.0231 -0.0107 72  THR A CB  
512 O  OG1 . THR A 75 ? 0.2310 0.1605 0.2285 -0.0210 -0.0409 0.0137  72  THR A OG1 
513 C  CG2 . THR A 75 ? 0.1917 0.1990 0.2007 -0.0234 -0.0331 -0.0048 72  THR A CG2 
514 N  N   A LEU A 76 ? 0.0964 0.1641 0.1410 -0.0049 0.0045  -0.0042 73  LEU A N   
515 N  N   B LEU A 76 ? 0.0951 0.1559 0.1525 -0.0103 0.0028  -0.0071 73  LEU A N   
516 C  CA  A LEU A 76 ? 0.1245 0.1636 0.1344 0.0036  0.0272  0.0065  73  LEU A CA  
517 C  CA  B LEU A 76 ? 0.1099 0.1386 0.1454 -0.0057 0.0263  0.0065  73  LEU A CA  
518 C  C   A LEU A 76 ? 0.1050 0.1645 0.1385 -0.0044 0.0217  0.0184  73  LEU A C   
519 C  C   B LEU A 76 ? 0.1122 0.1005 0.1378 -0.0170 0.0243  0.0301  73  LEU A C   
520 O  O   A LEU A 76 ? 0.1054 0.1618 0.1311 -0.0228 0.0508  -0.0007 73  LEU A O   
521 O  O   B LEU A 76 ? 0.1158 0.0893 0.1303 -0.0153 0.0323  0.0152  73  LEU A O   
522 C  CB  A LEU A 76 ? 0.1714 0.1856 0.1559 0.0387  0.0242  0.0232  73  LEU A CB  
523 C  CB  B LEU A 76 ? 0.1489 0.1834 0.1791 -0.0016 0.0118  0.0080  73  LEU A CB  
524 C  CG  A LEU A 76 ? 0.1284 0.1605 0.1423 -0.0035 0.0127  0.0335  73  LEU A CG  
525 C  CG  B LEU A 76 ? 0.1473 0.1916 0.1768 -0.0035 -0.0157 0.0125  73  LEU A CG  
526 C  CD1 A LEU A 76 ? 0.1212 0.1896 0.1555 -0.0071 0.0030  0.0285  73  LEU A CD1 
527 C  CD1 B LEU A 76 ? 0.1172 0.1807 0.2499 -0.0251 -0.0216 0.0348  73  LEU A CD1 
528 C  CD2 A LEU A 76 ? 0.1376 0.1406 0.1769 -0.0001 -0.0158 0.0202  73  LEU A CD2 
529 C  CD2 B LEU A 76 ? 0.1930 0.2183 0.1410 -0.0062 -0.0235 0.0178  73  LEU A CD2 
530 N  N   . SER A 77 ? 0.1159 0.1478 0.1225 -0.0155 0.0371  0.0156  74  SER A N   
531 C  CA  . SER A 77 ? 0.1178 0.1300 0.1263 -0.0209 0.0209  0.0167  74  SER A CA  
532 C  C   . SER A 77 ? 0.0781 0.1435 0.1381 -0.0047 0.0235  0.0247  74  SER A C   
533 O  O   . SER A 77 ? 0.0950 0.1458 0.1423 -0.0076 0.0206  0.0264  74  SER A O   
534 C  CB  . SER A 77 ? 0.1165 0.1417 0.1544 -0.0016 0.0225  0.0312  74  SER A CB  
535 O  OG  . SER A 77 ? 0.1196 0.1545 0.1612 -0.0094 0.0289  0.0419  74  SER A OG  
536 N  N   . VAL A 78 ? 0.1025 0.1387 0.1272 -0.0181 0.0199  0.0198  75  VAL A N   
537 C  CA  . VAL A 78 ? 0.0998 0.1440 0.1336 -0.0104 0.0087  0.0266  75  VAL A CA  
538 C  C   . VAL A 78 ? 0.0912 0.1348 0.1302 -0.0104 0.0058  0.0215  75  VAL A C   
539 O  O   . VAL A 78 ? 0.0951 0.1409 0.1379 -0.0101 0.0053  0.0264  75  VAL A O   
540 C  CB  . VAL A 78 ? 0.1091 0.1437 0.1587 -0.0197 0.0137  0.0149  75  VAL A CB  
541 C  CG1 . VAL A 78 ? 0.1181 0.1706 0.1675 -0.0123 -0.0048 0.0365  75  VAL A CG1 
542 C  CG2 . VAL A 78 ? 0.1208 0.1614 0.1690 -0.0392 0.0292  0.0097  75  VAL A CG2 
543 N  N   . ALA A 79 ? 0.0862 0.1505 0.1370 -0.0133 0.0149  0.0426  76  ALA A N   
544 C  CA  . ALA A 79 ? 0.0933 0.1567 0.1448 -0.0200 0.0104  0.0324  76  ALA A CA  
545 C  C   . ALA A 79 ? 0.0752 0.1467 0.1477 -0.0247 0.0116  0.0239  76  ALA A C   
546 O  O   . ALA A 79 ? 0.1133 0.1643 0.1484 -0.0306 0.0161  0.0556  76  ALA A O   
547 C  CB  . ALA A 79 ? 0.0818 0.1969 0.1563 -0.0080 0.0138  0.0454  76  ALA A CB  
548 N  N   . VAL A 80 ? 0.0952 0.1333 0.1366 -0.0070 0.0210  0.0319  77  VAL A N   
549 C  CA  . VAL A 80 ? 0.1193 0.1367 0.1375 -0.0106 0.0175  0.0300  77  VAL A CA  
550 C  C   . VAL A 80 ? 0.0965 0.1414 0.1270 -0.0330 0.0113  0.0232  77  VAL A C   
551 O  O   . VAL A 80 ? 0.1038 0.1514 0.1314 -0.0185 0.0106  0.0373  77  VAL A O   
552 C  CB  . VAL A 80 ? 0.1447 0.1707 0.1316 -0.0061 0.0206  0.0344  77  VAL A CB  
553 C  CG1 . VAL A 80 ? 0.2364 0.1639 0.1711 -0.0302 -0.0040 0.0090  77  VAL A CG1 
554 C  CG2 . VAL A 80 ? 0.1623 0.2028 0.1840 0.0005  0.0264  0.0214  77  VAL A CG2 
555 N  N   . ALA A 81 ? 0.1046 0.1310 0.1345 -0.0175 0.0084  0.0208  78  ALA A N   
556 C  CA  . ALA A 81 ? 0.0829 0.1436 0.1450 -0.0212 0.0004  0.0255  78  ALA A CA  
557 C  C   . ALA A 81 ? 0.0719 0.1507 0.1335 -0.0109 0.0045  0.0288  78  ALA A C   
558 O  O   . ALA A 81 ? 0.1037 0.1437 0.1531 -0.0214 -0.0177 0.0303  78  ALA A O   
559 C  CB  . ALA A 81 ? 0.1033 0.1448 0.1608 -0.0240 0.0088  0.0321  78  ALA A CB  
560 N  N   . PHE A 82 ? 0.0772 0.1457 0.1198 -0.0234 0.0056  0.0283  79  PHE A N   
561 C  CA  . PHE A 82 ? 0.0836 0.1290 0.1261 -0.0233 0.0099  0.0241  79  PHE A CA  
562 C  C   . PHE A 82 ? 0.0856 0.1342 0.1133 -0.0252 0.0005  0.0183  79  PHE A C   
563 O  O   . PHE A 82 ? 0.0984 0.1287 0.1330 -0.0283 0.0058  0.0260  79  PHE A O   
564 C  CB  . PHE A 82 ? 0.0874 0.1436 0.1239 -0.0096 0.0149  0.0177  79  PHE A CB  
565 C  CG  . PHE A 82 ? 0.0916 0.1539 0.1429 -0.0236 0.0218  0.0203  79  PHE A CG  
566 C  CD1 . PHE A 82 ? 0.0939 0.1817 0.1815 -0.0182 0.0365  0.0056  79  PHE A CD1 
567 C  CD2 . PHE A 82 ? 0.1318 0.2410 0.1751 0.0368  0.0690  0.0536  79  PHE A CD2 
568 C  CE1 . PHE A 82 ? 0.1314 0.1896 0.2310 0.0065  0.0481  -0.0110 79  PHE A CE1 
569 C  CE2 . PHE A 82 ? 0.1727 0.2890 0.2218 0.0272  0.0916  0.0883  79  PHE A CE2 
570 C  CZ  . PHE A 82 ? 0.1434 0.2527 0.2435 0.0098  0.0889  0.0145  79  PHE A CZ  
571 N  N   . ALA A 83 ? 0.0834 0.1289 0.1176 -0.0285 0.0039  0.0252  80  ALA A N   
572 C  CA  . ALA A 83 ? 0.0702 0.1287 0.1159 -0.0280 0.0063  0.0275  80  ALA A CA  
573 C  C   . ALA A 83 ? 0.0673 0.1157 0.1275 -0.0214 0.0153  0.0272  80  ALA A C   
574 O  O   . ALA A 83 ? 0.0725 0.1346 0.1248 -0.0280 0.0059  0.0332  80  ALA A O   
575 C  CB  . ALA A 83 ? 0.0772 0.1483 0.1346 -0.0128 0.0015  0.0277  80  ALA A CB  
576 N  N   . HIS A 84 ? 0.0652 0.1163 0.1272 -0.0200 0.0097  0.0175  81  HIS A N   
577 C  CA  . HIS A 84 ? 0.0643 0.1115 0.1218 -0.0210 0.0051  0.0190  81  HIS A CA  
578 C  C   . HIS A 84 ? 0.0793 0.0981 0.1268 -0.0215 0.0004  0.0151  81  HIS A C   
579 O  O   . HIS A 84 ? 0.0813 0.1212 0.1333 -0.0254 0.0090  0.0133  81  HIS A O   
580 C  CB  . HIS A 84 ? 0.0855 0.1179 0.1270 -0.0257 0.0031  0.0144  81  HIS A CB  
581 C  CG  . HIS A 84 ? 0.0714 0.1083 0.1320 -0.0184 0.0058  0.0127  81  HIS A CG  
582 N  ND1 . HIS A 84 ? 0.0763 0.1186 0.1471 -0.0115 0.0148  0.0178  81  HIS A ND1 
583 C  CD2 . HIS A 84 ? 0.1001 0.1114 0.1208 -0.0103 0.0017  0.0168  81  HIS A CD2 
584 C  CE1 . HIS A 84 ? 0.0753 0.1269 0.1432 -0.0080 0.0037  0.0198  81  HIS A CE1 
585 N  NE2 . HIS A 84 ? 0.1053 0.1282 0.1540 -0.0050 0.0001  0.0274  81  HIS A NE2 
586 N  N   . PRO A 85 ? 0.0753 0.1083 0.1245 -0.0210 0.0091  0.0163  82  PRO A N   
587 C  CA  . PRO A 85 ? 0.0757 0.1277 0.1255 -0.0176 0.0178  0.0018  82  PRO A CA  
588 C  C   . PRO A 85 ? 0.0808 0.1239 0.1333 -0.0073 0.0184  0.0168  82  PRO A C   
589 O  O   . PRO A 85 ? 0.1043 0.2272 0.1488 0.0419  0.0197  -0.0031 82  PRO A O   
590 C  CB  . PRO A 85 ? 0.0945 0.1323 0.1273 -0.0126 0.0031  0.0090  82  PRO A CB  
591 C  CG  . PRO A 85 ? 0.1050 0.1149 0.1424 -0.0237 0.0005  0.0201  82  PRO A CG  
592 C  CD  . PRO A 85 ? 0.0995 0.1156 0.1355 -0.0206 0.0008  0.0181  82  PRO A CD  
593 N  N   . THR A 86 ? 0.0711 0.1157 0.1232 -0.0124 0.0063  0.0130  83  THR A N   
594 C  CA  . THR A 86 ? 0.0724 0.1014 0.1459 -0.0205 0.0143  0.0119  83  THR A CA  
595 C  C   . THR A 86 ? 0.0757 0.1041 0.1345 -0.0216 0.0027  0.0156  83  THR A C   
596 O  O   . THR A 86 ? 0.0907 0.0970 0.1435 -0.0132 -0.0008 0.0122  83  THR A O   
597 C  CB  . THR A 86 ? 0.0689 0.1030 0.1417 -0.0196 0.0081  0.0144  83  THR A CB  
598 O  OG1 . THR A 86 ? 0.0873 0.1166 0.1334 -0.0089 0.0182  0.0084  83  THR A OG1 
599 C  CG2 . THR A 86 ? 0.0933 0.1183 0.1404 -0.0173 0.0208  0.0133  83  THR A CG2 
600 N  N   . ILE A 87 ? 0.0791 0.0987 0.1290 -0.0126 0.0149  0.0091  84  ILE A N   
601 C  CA  . ILE A 87 ? 0.0794 0.1149 0.1321 -0.0166 -0.0001 0.0195  84  ILE A CA  
602 C  C   . ILE A 87 ? 0.0837 0.1071 0.1346 -0.0210 -0.0037 0.0080  84  ILE A C   
603 O  O   . ILE A 87 ? 0.0840 0.1118 0.1613 -0.0175 -0.0046 -0.0009 84  ILE A O   
604 C  CB  . ILE A 87 ? 0.0757 0.1092 0.1593 -0.0137 -0.0030 0.0180  84  ILE A CB  
605 C  CG1 . ILE A 87 ? 0.0760 0.1351 0.1579 -0.0100 0.0226  0.0122  84  ILE A CG1 
606 C  CG2 . ILE A 87 ? 0.0815 0.1291 0.1588 -0.0237 0.0009  0.0101  84  ILE A CG2 
607 C  CD1 . ILE A 87 ? 0.1016 0.1548 0.2004 -0.0141 0.0195  0.0124  84  ILE A CD1 
608 N  N   . GLU A 88 ? 0.0843 0.1143 0.1345 -0.0105 0.0086  0.0074  85  GLU A N   
609 C  CA  . GLU A 88 ? 0.1081 0.1242 0.1414 -0.0160 -0.0008 0.0105  85  GLU A CA  
610 C  C   . GLU A 88 ? 0.1047 0.1151 0.1168 -0.0008 0.0063  0.0021  85  GLU A C   
611 O  O   . GLU A 88 ? 0.1036 0.1443 0.1527 -0.0028 -0.0013 -0.0102 85  GLU A O   
612 C  CB  . GLU A 88 ? 0.1323 0.1696 0.1478 0.0022  0.0214  0.0114  85  GLU A CB  
613 C  CG  . GLU A 88 ? 0.1174 0.1645 0.1537 -0.0203 -0.0010 0.0163  85  GLU A CG  
614 C  CD  . GLU A 88 ? 0.1442 0.1774 0.1918 -0.0381 -0.0193 0.0399  85  GLU A CD  
615 O  OE1 . GLU A 88 ? 0.2110 0.2096 0.2513 -0.0692 -0.0604 0.0593  85  GLU A OE1 
616 O  OE2 . GLU A 88 ? 0.1735 0.1546 0.1956 -0.0314 -0.0177 0.0346  85  GLU A OE2 
617 N  N   . SER A 89 ? 0.0903 0.1043 0.1232 -0.0103 0.0055  0.0037  86  SER A N   
618 C  CA  . SER A 89 ? 0.0793 0.1064 0.1413 -0.0082 0.0128  0.0083  86  SER A CA  
619 C  C   . SER A 89 ? 0.0790 0.1075 0.1344 -0.0145 -0.0062 -0.0002 86  SER A C   
620 O  O   . SER A 89 ? 0.0945 0.1090 0.1556 -0.0015 0.0036  -0.0019 86  SER A O   
621 C  CB  . SER A 89 ? 0.0918 0.1063 0.1416 -0.0162 0.0222  0.0106  86  SER A CB  
622 O  OG  . SER A 89 ? 0.0986 0.1316 0.1453 -0.0260 0.0146  0.0123  86  SER A OG  
623 N  N   . LEU A 90 ? 0.0845 0.0927 0.1284 -0.0149 0.0019  0.0072  87  LEU A N   
624 C  CA  . LEU A 90 ? 0.0825 0.1008 0.1320 -0.0258 -0.0096 0.0042  87  LEU A CA  
625 C  C   . LEU A 90 ? 0.0840 0.1124 0.1392 -0.0189 0.0024  0.0120  87  LEU A C   
626 O  O   . LEU A 90 ? 0.0956 0.1031 0.1533 -0.0196 -0.0076 0.0066  87  LEU A O   
627 C  CB  . LEU A 90 ? 0.1007 0.1153 0.1312 -0.0162 -0.0017 0.0006  87  LEU A CB  
628 C  CG  . LEU A 90 ? 0.1130 0.1178 0.1605 -0.0186 0.0084  0.0194  87  LEU A CG  
629 C  CD1 . LEU A 90 ? 0.1456 0.1746 0.1897 0.0131  0.0032  0.0618  87  LEU A CD1 
630 C  CD2 . LEU A 90 ? 0.1403 0.1395 0.1537 -0.0114 0.0203  0.0294  87  LEU A CD2 
631 N  N   . ALA A 91 ? 0.0871 0.1026 0.1380 -0.0191 -0.0130 -0.0049 88  ALA A N   
632 C  CA  . ALA A 91 ? 0.0919 0.1167 0.1438 -0.0195 -0.0083 -0.0057 88  ALA A CA  
633 C  C   . ALA A 91 ? 0.1026 0.0940 0.1535 -0.0271 -0.0160 -0.0016 88  ALA A C   
634 O  O   . ALA A 91 ? 0.1090 0.1097 0.1568 -0.0269 -0.0005 -0.0065 88  ALA A O   
635 C  CB  . ALA A 91 ? 0.1043 0.1258 0.1466 -0.0223 -0.0136 -0.0071 88  ALA A CB  
636 N  N   . THR A 92 ? 0.1073 0.0998 0.1481 -0.0170 0.0067  -0.0025 89  THR A N   
637 C  CA  . THR A 92 ? 0.1309 0.1104 0.1433 -0.0292 0.0001  -0.0016 89  THR A CA  
638 C  C   . THR A 92 ? 0.1013 0.1019 0.1451 -0.0325 0.0054  -0.0015 89  THR A C   
639 O  O   . THR A 92 ? 0.1263 0.0998 0.1553 -0.0285 0.0098  -0.0034 89  THR A O   
640 C  CB  . THR A 92 ? 0.1574 0.1233 0.1491 -0.0308 0.0038  0.0083  89  THR A CB  
641 O  OG1 . THR A 92 ? 0.2030 0.1201 0.1703 -0.0269 -0.0069 0.0236  89  THR A OG1 
642 C  CG2 . THR A 92 ? 0.1869 0.1433 0.1641 -0.0328 0.0379  0.0164  89  THR A CG2 
643 N  N   A ARG A 93 ? 0.0996 0.0989 0.1431 -0.0279 0.0030  -0.0040 90  ARG A N   
644 N  N   B ARG A 93 ? 0.1071 0.1039 0.1495 -0.0296 0.0046  -0.0006 90  ARG A N   
645 C  CA  A ARG A 93 ? 0.0753 0.1067 0.1617 -0.0291 0.0095  0.0076  90  ARG A CA  
646 C  CA  B ARG A 93 ? 0.0966 0.1127 0.1654 -0.0257 0.0091  0.0093  90  ARG A CA  
647 C  C   A ARG A 93 ? 0.0773 0.0994 0.1625 -0.0251 -0.0010 -0.0009 90  ARG A C   
648 C  C   B ARG A 93 ? 0.0876 0.1020 0.1728 -0.0217 0.0021  0.0037  90  ARG A C   
649 O  O   A ARG A 93 ? 0.0904 0.1161 0.1694 -0.0173 -0.0057 0.0116  90  ARG A O   
650 O  O   B ARG A 93 ? 0.1031 0.0949 0.1824 -0.0172 0.0067  -0.0012 90  ARG A O   
651 C  CB  A ARG A 93 ? 0.0752 0.1007 0.1590 -0.0420 0.0111  -0.0030 90  ARG A CB  
652 C  CB  B ARG A 93 ? 0.1143 0.1193 0.1632 -0.0286 -0.0014 0.0084  90  ARG A CB  
653 C  CG  A ARG A 93 ? 0.0934 0.1242 0.1695 -0.0446 -0.0143 0.0033  90  ARG A CG  
654 C  CG  B ARG A 93 ? 0.1239 0.1538 0.1666 -0.0159 -0.0040 0.0044  90  ARG A CG  
655 C  CD  A ARG A 93 ? 0.0651 0.1565 0.2025 -0.0505 -0.0087 0.0090  90  ARG A CD  
656 C  CD  B ARG A 93 ? 0.1536 0.1965 0.1964 0.0165  0.0121  0.0171  90  ARG A CD  
657 N  NE  A ARG A 93 ? 0.1712 0.2373 0.2697 -0.0137 0.0123  -0.0016 90  ARG A NE  
658 N  NE  B ARG A 93 ? 0.1131 0.2203 0.1997 -0.0011 -0.0045 -0.0621 90  ARG A NE  
659 C  CZ  A ARG A 93 ? 0.0925 0.2339 0.2764 -0.0149 -0.0147 -0.0412 90  ARG A CZ  
660 C  CZ  B ARG A 93 ? 0.1913 0.2927 0.2621 0.0063  0.0193  -0.0309 90  ARG A CZ  
661 N  NH1 A ARG A 93 ? 0.1624 0.2598 0.2510 0.0448  -0.1118 -0.0649 90  ARG A NH1 
662 N  NH1 B ARG A 93 ? 0.2722 0.2272 0.2681 0.0632  0.0234  0.0056  90  ARG A NH1 
663 N  NH2 A ARG A 93 ? 0.2258 0.2770 0.2485 -0.0656 -0.0044 -0.0232 90  ARG A NH2 
664 N  NH2 B ARG A 93 ? 0.1806 0.3496 0.1639 0.0064  -0.0410 0.0005  90  ARG A NH2 
665 N  N   . ILE A 94 ? 0.0866 0.0909 0.1697 -0.0269 0.0031  0.0068  91  ILE A N   
666 C  CA  . ILE A 94 ? 0.0968 0.1005 0.1830 -0.0323 -0.0044 0.0140  91  ILE A CA  
667 C  C   . ILE A 94 ? 0.0932 0.1082 0.1876 -0.0277 0.0102  0.0162  91  ILE A C   
668 O  O   . ILE A 94 ? 0.1033 0.1026 0.2096 -0.0191 0.0014  0.0089  91  ILE A O   
669 C  CB  . ILE A 94 ? 0.1093 0.1048 0.1603 -0.0366 0.0096  0.0083  91  ILE A CB  
670 C  CG1 . ILE A 94 ? 0.1338 0.1205 0.1706 -0.0312 0.0237  0.0173  91  ILE A CG1 
671 C  CG2 . ILE A 94 ? 0.1212 0.1251 0.2016 -0.0321 0.0184  0.0098  91  ILE A CG2 
672 C  CD1 . ILE A 94 ? 0.1485 0.1316 0.1866 -0.0560 0.0394  0.0015  91  ILE A CD1 
673 N  N   . ILE A 95 ? 0.1037 0.0876 0.1763 -0.0247 0.0104  -0.0053 92  ILE A N   
674 C  CA  . ILE A 95 ? 0.1153 0.1011 0.1841 -0.0286 0.0160  -0.0094 92  ILE A CA  
675 C  C   . ILE A 95 ? 0.1236 0.1084 0.2203 -0.0217 0.0168  -0.0203 92  ILE A C   
676 O  O   . ILE A 95 ? 0.1317 0.1138 0.2617 -0.0211 0.0230  -0.0255 92  ILE A O   
677 C  CB  . ILE A 95 ? 0.1131 0.1114 0.1980 -0.0373 0.0032  -0.0183 92  ILE A CB  
678 C  CG1 . ILE A 95 ? 0.1037 0.1246 0.1857 -0.0328 0.0003  -0.0234 92  ILE A CG1 
679 C  CG2 . ILE A 95 ? 0.1451 0.1469 0.1768 -0.0408 0.0149  -0.0212 92  ILE A CG2 
680 C  CD1 . ILE A 95 ? 0.1028 0.1418 0.1846 -0.0208 -0.0003 -0.0195 92  ILE A CD1 
681 N  N   . GLU A 96 ? 0.1120 0.1156 0.2196 -0.0250 0.0437  -0.0197 93  GLU A N   
682 C  CA  . GLU A 96 ? 0.1356 0.1171 0.2370 -0.0229 0.0555  -0.0151 93  GLU A CA  
683 C  C   . GLU A 96 ? 0.1001 0.1818 0.2720 0.0009  0.0145  -0.0030 93  GLU A C   
684 O  O   . GLU A 96 ? 0.1326 0.2733 0.3079 0.0450  0.0345  -0.0248 93  GLU A O   
685 C  CB  . GLU A 96 ? 0.1274 0.1535 0.2444 -0.0230 0.0589  -0.0363 93  GLU A CB  
686 C  CG  . GLU A 96 ? 0.1642 0.1720 0.2314 -0.0490 0.0410  0.0009  93  GLU A CG  
687 C  CD  . GLU A 96 ? 0.1794 0.2026 0.2269 -0.0518 0.0258  -0.0394 93  GLU A CD  
688 O  OE1 . GLU A 96 ? 0.2037 0.1977 0.2398 -0.0712 0.0323  -0.0073 93  GLU A OE1 
689 O  OE2 . GLU A 96 ? 0.2319 0.2521 0.2468 -0.0786 0.0093  0.0004  93  GLU A OE2 
690 N  N   . GLY A 97 ? 0.1868 0.2131 0.2348 0.0069  -0.0012 -0.0045 94  GLY A N   
691 C  CA  . GLY A 97 ? 0.2326 0.2674 0.2899 0.0114  -0.0072 -0.0044 94  GLY A CA  
692 C  C   . GLY A 97 ? 0.2621 0.3142 0.3352 0.0084  -0.0063 -0.0081 94  GLY A C   
693 O  O   . GLY A 97 ? 0.2760 0.3282 0.3467 0.0011  -0.0003 -0.0102 94  GLY A O   
694 N  N   . GLU A 98 ? 0.3577 0.4235 0.4457 0.0134  -0.0129 -0.0095 95  GLU A N   
695 C  CA  . GLU A 98 ? 0.3719 0.4599 0.4797 0.0086  -0.0117 -0.0149 95  GLU A CA  
696 C  C   . GLU A 98 ? 0.3860 0.4821 0.5071 0.0090  0.0001  -0.0205 95  GLU A C   
697 O  O   . GLU A 98 ? 0.3788 0.4695 0.5018 0.0179  0.0027  -0.0203 95  GLU A O   
698 C  CB  . GLU A 98 ? 0.4323 0.5374 0.5567 0.0145  -0.0245 -0.0159 95  GLU A CB  
699 C  CG  . GLU A 98 ? 0.4588 0.5902 0.6043 0.0057  -0.0240 -0.0226 95  GLU A CG  
700 C  CD  . GLU A 98 ? 0.4889 0.6436 0.6570 0.0124  -0.0392 -0.0248 95  GLU A CD  
701 O  OE1 . GLU A 98 ? 0.5125 0.6621 0.6814 0.0271  -0.0496 -0.0213 95  GLU A OE1 
702 O  OE2 . GLU A 98 ? 0.5230 0.7001 0.7069 0.0026  -0.0412 -0.0304 95  GLU A OE2 
719 O  O   A HOH D .  ? 0.1398 0.1889 0.3427 -0.0434 0.0408  -0.0044 302 HOH A O   
720 O  O   B HOH D .  ? 0.1251 0.1742 0.2366 -0.0617 -0.0387 0.0290  302 HOH A O   
721 O  O   . HOH D .  ? 0.1194 0.2253 0.2380 0.0114  0.0457  0.0359  303 HOH A O   
722 O  O   . HOH D .  ? 0.2620 0.3713 0.3186 0.0239  0.0227  0.0007  304 HOH A O   
725 O  O   A HOH D .  ? 0.2375 0.4264 0.2632 -0.1351 -0.0836 0.0537  307 HOH A O   
726 O  O   . HOH D .  ? 0.1783 0.2173 0.4119 -0.0518 -0.0084 -0.0620 308 HOH A O   
729 O  O   . HOH D .  ? 0.1070 0.1333 0.1507 -0.0224 0.0373  0.0216  310 HOH A O   
730 O  O   . HOH D .  ? 0.2876 0.2080 0.2310 -0.0652 0.0073  0.0408  311 HOH A O   
731 O  O   . HOH D .  ? 0.1974 0.2770 0.6995 -0.0321 0.0381  0.0465  312 HOH A O   
733 O  O   . HOH D .  ? 0.1612 0.4080 0.2816 -0.0220 -0.0126 -0.0117 314 HOH A O   
736 O  O   . HOH D .  ? 0.2404 0.2445 0.1987 -0.0461 0.0219  -0.0060 316 HOH A O   
737 O  O   . HOH D .  ? 0.2859 0.2519 0.2645 -0.0844 -0.0222 0.0292  317 HOH A O   
738 O  O   . HOH D .  ? 0.2373 0.2564 0.3003 -0.0889 -0.0372 0.0252  318 HOH A O   
744 O  O   . HOH D .  ? 0.2439 0.2228 0.5975 -0.0554 -0.1018 0.0464  323 HOH A O   
745 O  O   . HOH D .  ? 0.2118 0.3678 0.3455 -0.0762 0.0208  -0.1023 324 HOH A O   
746 O  O   . HOH D .  ? 0.2134 0.3745 0.2782 0.0556  -0.0128 -0.0005 325 HOH A O   
747 O  O   . HOH D .  ? 0.6260 0.2271 0.3010 -0.0755 0.0922  -0.0193 326 HOH A O   
750 O  O   . HOH D .  ? 0.3988 0.2101 0.2536 0.0618  0.1042  -0.0264 328 HOH A O   
752 O  O   . HOH D .  ? 0.3817 0.2832 0.2720 0.0104  0.0049  0.0124  330 HOH A O   
753 O  O   . HOH D .  ? 0.1008 0.1322 0.1621 -0.0096 0.0192  0.0070  331 HOH A O   
758 O  O   . HOH D .  ? 0.1152 0.1315 0.1678 -0.0251 0.0246  0.0201  334 HOH A O   
759 O  O   . HOH D .  ? 0.4525 0.3165 0.2561 0.0028  -0.0883 -0.0085 335 HOH A O   
760 O  O   . HOH D .  ? 0.1108 0.2031 0.2124 -0.0152 -0.0037 -0.0445 336 HOH A O   
761 O  O   . HOH D .  ? 0.3511 0.2910 0.3626 -0.0584 0.0038  -0.0048 337 HOH A O   
764 O  O   . HOH D .  ? 0.1662 0.3303 0.2151 0.0219  0.0230  -0.0350 339 HOH A O   
767 O  O   A HOH D .  ? 0.2019 0.1873 0.2165 -0.0525 -0.0152 -0.0137 342 HOH A O   
768 O  O   B HOH D .  ? 0.3050 0.1566 0.3944 -0.0427 0.2027  -0.0209 342 HOH A O   
769 O  O   . HOH D .  ? 0.3224 0.3031 0.5053 0.0896  0.0816  0.0080  343 HOH A O   
772 O  O   . HOH D .  ? 0.3095 0.2699 0.3365 -0.0149 0.1102  0.0564  345 HOH A O   
773 O  O   . HOH D .  ? 0.3513 0.4539 0.3464 0.1829  0.0903  0.1398  346 HOH A O   
774 O  O   . HOH D .  ? 0.1972 0.1667 0.2857 -0.0549 -0.0285 -0.0185 347 HOH A O   
775 O  O   . HOH D .  ? 0.1982 0.1670 0.2126 -0.0056 -0.0093 0.0044  348 HOH A O   
776 O  O   . HOH D .  ? 0.3127 0.1635 0.1907 -0.0117 0.0162  -0.0428 349 HOH A O   
777 O  O   . HOH D .  ? 0.2924 0.2879 0.2412 -0.0853 -0.0136 0.0458  350 HOH A O   
779 O  O   . HOH D .  ? 0.2784 0.2207 0.4015 0.0554  0.1709  0.0382  352 HOH A O   
781 O  O   A HOH D .  ? 0.1004 0.1659 0.1516 -0.0398 0.0096  0.0158  354 HOH A O   
782 O  O   B HOH D .  ? 0.1288 0.1495 0.1851 -0.0373 0.0094  0.0396  354 HOH A O   
788 O  O   . HOH D .  ? 0.1218 0.1687 0.1592 -0.0217 0.0296  -0.0269 359 HOH A O   
789 O  O   . HOH D .  ? 0.2925 0.3370 0.2715 0.0465  -0.0074 0.0651  360 HOH A O   
790 O  O   . HOH D .  ? 0.2651 0.2606 0.2328 0.0135  0.0345  -0.0083 361 HOH A O   
793 O  O   . HOH D .  ? 0.1964 0.4250 0.3916 0.1113  -0.0432 -0.1404 363 HOH A O   
794 O  O   . HOH D .  ? 0.2109 0.3761 0.2068 -0.0766 0.0787  -0.0886 364 HOH A O   
797 O  O   . HOH D .  ? 0.1545 0.2634 0.2132 0.0070  0.0146  -0.0099 366 HOH A O   
800 O  O   . HOH D .  ? 0.2875 0.2668 0.6293 -0.0147 -0.0557 -0.1113 368 HOH A O   
801 O  O   A HOH D .  ? 0.1862 0.1892 0.1496 -0.0400 0.0653  -0.0466 369 HOH A O   
802 O  O   B HOH D .  ? 0.5289 0.2043 0.2450 0.0650  -0.0261 -0.0471 369 HOH A O   
804 O  O   . HOH D .  ? 0.3657 0.3463 0.3821 -0.1162 0.1006  -0.0801 371 HOH A O   
805 O  O   . HOH D .  ? 0.1846 0.5546 0.3853 -0.0382 -0.0374 0.0240  372 HOH A O   
807 O  O   . HOH D .  ? 0.2584 0.2868 0.2382 0.0376  -0.0179 0.0710  374 HOH A O   
809 O  O   . HOH D .  ? 0.1741 0.2984 0.2172 -0.0023 0.0046  -0.0318 376 HOH A O   
810 O  O   . HOH D .  ? 0.2620 0.2529 0.3336 -0.0450 0.0118  0.0534  377 HOH A O   
811 O  O   . HOH D .  ? 0.3513 0.3301 0.3249 -0.0512 -0.0432 -0.0456 378 HOH A O   
812 O  O   A HOH D .  ? 0.1403 0.3734 0.2304 -0.0806 -0.0279 -0.1226 379 HOH A O   
813 O  O   B HOH D .  ? 0.3371 0.3948 0.2739 -0.0814 0.0486  -0.1456 379 HOH A O   
815 O  O   . HOH D .  ? 0.4590 0.3893 0.4753 0.1127  -0.0028 0.0332  381 HOH A O   
816 O  O   . HOH D .  ? 0.2088 0.3270 0.2225 -0.0582 0.0765  -0.0526 382 HOH A O   
817 O  O   . HOH D .  ? 0.2224 0.3195 0.2903 0.0389  0.0278  -0.0416 383 HOH A O   
825 O  O   . HOH D .  ? 0.1135 0.2263 0.1935 -0.0213 0.0169  0.0400  389 HOH A O   
826 O  O   . HOH D .  ? 0.1665 0.2075 0.2297 -0.0103 0.0016  -0.0165 390 HOH A O   
853 O  O   A HOH D .  ? 0.1044 0.1931 0.1939 0.0057  0.0567  0.0439  412 HOH A O   
854 O  O   B HOH D .  ? 0.1342 0.4152 0.1242 0.0011  0.0156  -0.0547 412 HOH A O   
# 
